data_4BC4
#
_entry.id   4BC4
#
_cell.length_a   102.800
_cell.length_b   102.800
_cell.length_c   159.350
_cell.angle_alpha   90.00
_cell.angle_beta   90.00
_cell.angle_gamma   120.00
#
_symmetry.space_group_name_H-M   'P 32'
#
loop_
_entity.id
_entity.type
_entity.pdbx_description
1 polymer 'XYLULOSE KINASE'
2 non-polymer D-XYLULOSE
3 non-polymer 1,2-ETHANEDIOL
4 water water
#
_entity_poly.entity_id   1
_entity_poly.type   'polypeptide(L)'
_entity_poly.pdbx_seq_one_letter_code
;GA(MSE)AEHAPRRCCLGWDFSTQQVKVVAVDAELNVFYEESVHFDRDLPEFGTQGGVHVHKDGLTVTSPVL(MSE)WVQ
ALDIILEK(MSE)KASGFDFSQVLALSGAGQQHGSIYWKAGAQQALTSLSPDLRLHQQLQDCFSISDCPVW(MSE)DSST
TAQCRQLEAAVGGAQALSCLTGSRAYERFTGNQIAKIYQQNPEAYSHTERISLVSSFAASLFLGSYSPIDYSDGSG
(MSE)NLLQIQDKVWSQACLGACAPHLEEKLSPPVPSCSVVGAISSYYVQRYGFPPGCKVVAFTGDNPASLAG(MSE)RL
EEGDIAVSLGTSDTLFLWLQEP(MSE)PALEGHIFCNPVDSQHY(MSE)ALLCFKNGSL(MSE)REKIRNESVSRSWSDF
SKALQSTE(MSE)GNGGNLGFYFDV(MSE)EITPEIIGRHRFNTENHKVAAFPGDVEVRALIEGQF(MSE)AKRIHAEGL
GYRV(MSE)SKTKILATGGASHNREILQVLADVFDAPVYVIDTANSACVGSAYRAFHGLAGGTDVPFSEVVKLAPNPRLA
ATPSPGASQVYEALLPQYAKLEQRILSQTRGPPE
;
_entity_poly.pdbx_strand_id   A,B,C
#
# COMPACT_ATOMS: atom_id res chain seq x y z
N ARG A 9 -15.14 4.79 16.88
CA ARG A 9 -15.36 4.13 15.58
C ARG A 9 -16.28 2.91 15.70
N ARG A 10 -17.58 3.18 15.90
CA ARG A 10 -18.62 2.16 15.91
C ARG A 10 -18.77 1.58 14.51
N CYS A 11 -19.06 0.28 14.40
CA CYS A 11 -19.17 -0.36 13.08
C CYS A 11 -20.15 -1.50 13.07
N CYS A 12 -20.42 -1.97 11.86
CA CYS A 12 -21.12 -3.23 11.63
C CYS A 12 -20.20 -4.15 10.83
N LEU A 13 -20.34 -5.45 11.05
CA LEU A 13 -19.64 -6.46 10.27
C LEU A 13 -20.57 -7.00 9.19
N GLY A 14 -20.00 -7.23 8.00
CA GLY A 14 -20.67 -7.85 6.88
C GLY A 14 -19.90 -9.09 6.45
N TRP A 15 -20.52 -10.26 6.64
CA TRP A 15 -19.93 -11.57 6.36
C TRP A 15 -20.33 -12.12 4.99
N ASP A 16 -19.49 -13.02 4.45
CA ASP A 16 -19.81 -13.72 3.20
C ASP A 16 -19.26 -15.12 3.26
N PHE A 17 -20.14 -16.11 3.42
CA PHE A 17 -19.80 -17.55 3.45
C PHE A 17 -19.93 -17.99 2.03
N SER A 18 -18.83 -17.81 1.28
CA SER A 18 -18.76 -18.06 -0.15
C SER A 18 -18.26 -19.48 -0.48
N THR A 19 -18.28 -19.81 -1.80
CA THR A 19 -17.86 -21.13 -2.23
C THR A 19 -16.38 -21.42 -1.89
N GLN A 20 -15.49 -20.46 -2.14
CA GLN A 20 -14.05 -20.61 -1.98
C GLN A 20 -13.47 -20.00 -0.71
N GLN A 21 -14.27 -19.24 0.04
CA GLN A 21 -13.76 -18.55 1.23
C GLN A 21 -14.84 -18.00 2.12
N VAL A 22 -14.43 -17.66 3.36
CA VAL A 22 -15.22 -16.88 4.32
C VAL A 22 -14.55 -15.55 4.33
N LYS A 23 -15.33 -14.47 4.09
CA LYS A 23 -14.80 -13.11 4.10
C LYS A 23 -15.65 -12.24 5.02
N VAL A 24 -15.06 -11.19 5.54
CA VAL A 24 -15.73 -10.21 6.40
C VAL A 24 -15.18 -8.83 6.10
N VAL A 25 -16.05 -7.83 6.21
CA VAL A 25 -15.68 -6.44 6.15
C VAL A 25 -16.26 -5.75 7.39
N ALA A 26 -15.57 -4.73 7.88
CA ALA A 26 -16.06 -3.85 8.94
C ALA A 26 -16.33 -2.50 8.27
N VAL A 27 -17.57 -2.01 8.42
CA VAL A 27 -18.04 -0.74 7.87
C VAL A 27 -18.39 0.21 9.02
N ASP A 28 -17.89 1.46 9.00
CA ASP A 28 -18.13 2.38 10.10
C ASP A 28 -19.51 3.06 9.91
N ALA A 29 -19.96 3.88 10.85
CA ALA A 29 -21.28 4.51 10.81
C ALA A 29 -21.39 5.57 9.70
N GLU A 30 -20.26 5.98 9.12
CA GLU A 30 -20.26 6.87 7.95
C GLU A 30 -20.31 6.08 6.67
N LEU A 31 -20.38 4.73 6.76
CA LEU A 31 -20.52 3.76 5.70
C LEU A 31 -19.25 3.64 4.86
N ASN A 32 -18.07 3.81 5.52
CA ASN A 32 -16.75 3.53 4.95
C ASN A 32 -16.29 2.15 5.35
N VAL A 33 -15.79 1.38 4.41
CA VAL A 33 -15.14 0.10 4.67
C VAL A 33 -13.75 0.42 5.16
N PHE A 34 -13.37 -0.02 6.35
CA PHE A 34 -12.05 0.26 6.90
C PHE A 34 -11.28 -1.01 7.28
N TYR A 35 -11.89 -2.19 7.12
CA TYR A 35 -11.24 -3.43 7.48
C TYR A 35 -11.83 -4.59 6.66
N GLU A 36 -10.96 -5.49 6.23
CA GLU A 36 -11.36 -6.69 5.48
C GLU A 36 -10.43 -7.82 5.84
N GLU A 37 -10.99 -9.04 5.92
CA GLU A 37 -10.22 -10.21 6.24
C GLU A 37 -10.89 -11.42 5.63
N SER A 38 -10.10 -12.46 5.35
CA SER A 38 -10.64 -13.66 4.74
C SER A 38 -9.85 -14.89 5.11
N VAL A 39 -10.51 -16.07 4.98
CA VAL A 39 -9.94 -17.40 5.13
C VAL A 39 -10.33 -18.14 3.84
N HIS A 40 -9.33 -18.63 3.10
CA HIS A 40 -9.51 -19.29 1.80
C HIS A 40 -9.42 -20.80 2.02
N PHE A 41 -10.41 -21.56 1.56
CA PHE A 41 -10.53 -22.99 1.92
C PHE A 41 -9.42 -23.88 1.44
N ASP A 42 -9.19 -23.91 0.15
CA ASP A 42 -8.13 -24.78 -0.36
C ASP A 42 -6.76 -24.44 0.26
N ARG A 43 -6.45 -23.14 0.36
CA ARG A 43 -5.16 -22.67 0.87
C ARG A 43 -5.00 -22.84 2.39
N ASP A 44 -6.01 -22.45 3.18
CA ASP A 44 -5.92 -22.39 4.64
C ASP A 44 -6.45 -23.62 5.35
N LEU A 45 -7.33 -24.41 4.70
CA LEU A 45 -7.81 -25.69 5.26
C LEU A 45 -7.58 -26.79 4.21
N PRO A 46 -6.31 -26.95 3.74
CA PRO A 46 -6.01 -27.96 2.70
C PRO A 46 -6.35 -29.41 3.09
N GLU A 47 -6.38 -29.75 4.38
CA GLU A 47 -6.68 -31.11 4.85
C GLU A 47 -8.05 -31.63 4.39
N PHE A 48 -9.01 -30.76 4.02
CA PHE A 48 -10.31 -31.22 3.54
C PHE A 48 -10.24 -31.73 2.07
N GLY A 49 -9.15 -31.44 1.35
CA GLY A 49 -8.97 -31.93 -0.01
C GLY A 49 -9.91 -31.31 -1.04
N THR A 50 -10.38 -30.08 -0.80
CA THR A 50 -11.25 -29.44 -1.78
C THR A 50 -10.43 -28.83 -2.94
N GLN A 51 -11.11 -28.53 -4.02
CA GLN A 51 -10.59 -27.79 -5.17
C GLN A 51 -11.64 -26.75 -5.49
N GLY A 52 -11.29 -25.48 -5.39
CA GLY A 52 -12.25 -24.42 -5.52
C GLY A 52 -13.25 -24.41 -4.37
N GLY A 53 -12.87 -24.93 -3.18
CA GLY A 53 -13.72 -25.02 -2.00
C GLY A 53 -14.77 -26.12 -1.99
N VAL A 54 -14.76 -27.00 -3.02
CA VAL A 54 -15.75 -28.06 -3.18
C VAL A 54 -15.10 -29.40 -3.52
N HIS A 55 -15.92 -30.46 -3.44
CA HIS A 55 -15.61 -31.82 -3.88
C HIS A 55 -16.55 -32.15 -5.02
N VAL A 56 -16.03 -32.35 -6.25
CA VAL A 56 -16.84 -32.81 -7.39
C VAL A 56 -16.77 -34.32 -7.27
N HIS A 57 -17.91 -34.99 -7.11
CA HIS A 57 -17.92 -36.45 -6.88
C HIS A 57 -17.66 -37.20 -8.20
N LYS A 58 -17.45 -38.52 -8.10
CA LYS A 58 -17.13 -39.40 -9.25
C LYS A 58 -18.16 -39.29 -10.39
N ASP A 59 -19.48 -39.12 -10.04
CA ASP A 59 -20.52 -38.98 -11.05
C ASP A 59 -20.35 -37.72 -11.93
N GLY A 60 -19.51 -36.76 -11.52
CA GLY A 60 -19.32 -35.53 -12.28
C GLY A 60 -20.46 -34.53 -12.14
N LEU A 61 -21.46 -34.84 -11.31
CA LEU A 61 -22.68 -34.03 -11.11
C LEU A 61 -22.89 -33.60 -9.66
N THR A 62 -22.56 -34.46 -8.70
CA THR A 62 -22.74 -34.17 -7.28
C THR A 62 -21.55 -33.28 -6.84
N VAL A 63 -21.85 -32.13 -6.24
CA VAL A 63 -20.85 -31.16 -5.81
C VAL A 63 -21.22 -30.74 -4.39
N THR A 64 -20.29 -30.98 -3.44
CA THR A 64 -20.49 -30.69 -2.03
C THR A 64 -19.28 -29.98 -1.39
N SER A 65 -19.51 -29.47 -0.18
CA SER A 65 -18.46 -28.89 0.70
C SER A 65 -18.67 -29.45 2.10
N PRO A 66 -17.60 -29.74 2.86
CA PRO A 66 -17.79 -30.23 4.24
C PRO A 66 -18.29 -29.12 5.14
N VAL A 67 -19.40 -29.35 5.85
CA VAL A 67 -19.97 -28.34 6.74
C VAL A 67 -18.94 -27.92 7.83
N LEU A 68 -18.17 -28.87 8.38
CA LEU A 68 -17.20 -28.55 9.44
C LEU A 68 -16.01 -27.73 8.93
N TRP A 70 -16.52 -25.08 6.89
CA TRP A 70 -17.12 -23.76 7.03
C TRP A 70 -17.09 -23.29 8.50
N VAL A 71 -17.36 -24.20 9.46
CA VAL A 71 -17.34 -23.85 10.88
C VAL A 71 -15.86 -23.50 11.28
N GLN A 72 -14.93 -24.35 10.88
CA GLN A 72 -13.52 -24.12 11.23
C GLN A 72 -12.99 -22.84 10.60
N ALA A 73 -13.44 -22.53 9.39
CA ALA A 73 -13.05 -21.28 8.76
C ALA A 73 -13.53 -20.07 9.60
N LEU A 74 -14.73 -20.16 10.22
CA LEU A 74 -15.22 -19.08 11.09
C LEU A 74 -14.30 -18.96 12.31
N ASP A 75 -13.90 -20.08 12.90
CA ASP A 75 -12.96 -20.03 14.03
C ASP A 75 -11.66 -19.35 13.66
N ILE A 76 -11.11 -19.72 12.48
CA ILE A 76 -9.82 -19.17 12.02
C ILE A 76 -9.94 -17.67 11.78
N ILE A 77 -10.98 -17.24 11.07
CA ILE A 77 -11.10 -15.80 10.76
C ILE A 77 -11.32 -14.96 12.03
N LEU A 78 -12.10 -15.40 13.01
CA LEU A 78 -12.28 -14.61 14.26
C LEU A 78 -10.98 -14.51 15.05
N GLU A 79 -10.20 -15.58 15.08
CA GLU A 79 -8.91 -15.57 15.77
C GLU A 79 -7.87 -14.69 15.00
N LYS A 80 -7.93 -14.71 13.67
CA LYS A 80 -7.07 -13.88 12.82
C LYS A 80 -7.39 -12.39 13.05
N LYS A 82 -8.81 -11.07 15.83
CA LYS A 82 -8.36 -10.80 17.19
C LYS A 82 -6.83 -10.62 17.27
N ALA A 83 -6.06 -11.49 16.59
CA ALA A 83 -4.58 -11.39 16.56
C ALA A 83 -4.13 -10.08 15.90
N SER A 84 -4.90 -9.56 14.91
CA SER A 84 -4.56 -8.31 14.21
C SER A 84 -4.95 -7.05 15.02
N GLY A 85 -5.59 -7.22 16.18
CA GLY A 85 -6.00 -6.12 17.03
C GLY A 85 -7.38 -5.54 16.72
N PHE A 86 -8.26 -6.30 16.01
CA PHE A 86 -9.60 -5.80 15.70
C PHE A 86 -10.35 -5.54 17.00
N ASP A 87 -10.97 -4.35 17.12
CA ASP A 87 -11.71 -3.99 18.33
C ASP A 87 -13.17 -4.43 18.21
N PHE A 88 -13.46 -5.65 18.72
CA PHE A 88 -14.80 -6.22 18.66
C PHE A 88 -15.82 -5.47 19.50
N SER A 89 -15.39 -4.71 20.54
CA SER A 89 -16.31 -3.95 21.38
C SER A 89 -17.05 -2.85 20.62
N GLN A 90 -16.54 -2.42 19.45
CA GLN A 90 -17.16 -1.39 18.60
C GLN A 90 -18.24 -1.93 17.64
N VAL A 91 -18.47 -3.26 17.61
CA VAL A 91 -19.43 -3.86 16.68
C VAL A 91 -20.86 -3.72 17.22
N LEU A 92 -21.68 -2.89 16.58
CA LEU A 92 -23.08 -2.66 17.00
C LEU A 92 -24.01 -3.73 16.48
N ALA A 93 -23.73 -4.21 15.26
CA ALA A 93 -24.56 -5.24 14.64
C ALA A 93 -23.79 -5.96 13.56
N LEU A 94 -24.33 -7.09 13.12
CA LEU A 94 -23.71 -7.83 12.04
C LEU A 94 -24.74 -8.55 11.24
N SER A 95 -24.43 -8.76 9.97
CA SER A 95 -25.22 -9.61 9.12
C SER A 95 -24.28 -10.28 8.14
N GLY A 96 -24.83 -11.06 7.24
CA GLY A 96 -24.01 -11.76 6.29
C GLY A 96 -24.78 -12.38 5.15
N ALA A 97 -23.99 -12.92 4.27
CA ALA A 97 -24.46 -13.59 3.07
C ALA A 97 -23.92 -14.99 3.02
N GLY A 98 -24.70 -15.87 2.39
CA GLY A 98 -24.30 -17.22 2.09
C GLY A 98 -24.44 -17.50 0.62
N GLN A 99 -23.49 -18.25 0.07
CA GLN A 99 -23.61 -18.81 -1.29
C GLN A 99 -25.02 -19.43 -1.39
N GLN A 100 -25.78 -19.10 -2.41
CA GLN A 100 -27.19 -19.51 -2.43
C GLN A 100 -27.40 -20.98 -2.63
N HIS A 101 -28.58 -21.43 -2.20
CA HIS A 101 -29.13 -22.77 -2.39
C HIS A 101 -28.54 -23.88 -1.52
N GLY A 102 -27.23 -23.85 -1.24
CA GLY A 102 -26.57 -24.85 -0.42
C GLY A 102 -27.25 -25.05 0.90
N SER A 103 -27.23 -26.29 1.39
CA SER A 103 -28.01 -26.63 2.58
C SER A 103 -27.22 -27.41 3.62
N ILE A 104 -27.60 -27.19 4.89
CA ILE A 104 -27.02 -27.78 6.08
C ILE A 104 -28.11 -28.57 6.77
N TYR A 105 -27.77 -29.77 7.22
CA TYR A 105 -28.69 -30.70 7.86
C TYR A 105 -28.22 -30.90 9.28
N TRP A 106 -28.94 -30.30 10.22
CA TRP A 106 -28.58 -30.38 11.64
C TRP A 106 -29.19 -31.62 12.25
N LYS A 107 -28.37 -32.39 12.94
CA LYS A 107 -28.76 -33.62 13.59
C LYS A 107 -29.65 -33.36 14.81
N ALA A 108 -30.53 -34.32 15.13
CA ALA A 108 -31.36 -34.29 16.33
C ALA A 108 -30.46 -34.07 17.56
N GLY A 109 -30.79 -33.06 18.36
CA GLY A 109 -30.01 -32.68 19.53
C GLY A 109 -28.97 -31.58 19.30
N ALA A 110 -28.77 -31.14 18.05
CA ALA A 110 -27.74 -30.13 17.76
C ALA A 110 -28.03 -28.76 18.39
N GLN A 111 -29.30 -28.35 18.54
CA GLN A 111 -29.56 -27.02 19.12
C GLN A 111 -29.06 -26.94 20.57
N GLN A 112 -29.06 -28.07 21.29
CA GLN A 112 -28.56 -28.11 22.67
C GLN A 112 -27.06 -27.76 22.69
N ALA A 113 -26.27 -28.27 21.71
CA ALA A 113 -24.85 -27.94 21.58
C ALA A 113 -24.68 -26.44 21.23
N LEU A 114 -25.52 -25.91 20.31
CA LEU A 114 -25.46 -24.48 19.93
C LEU A 114 -25.73 -23.54 21.08
N THR A 115 -26.76 -23.81 21.87
CA THR A 115 -27.18 -22.94 22.99
C THR A 115 -26.28 -23.08 24.23
N SER A 116 -25.42 -24.09 24.30
CA SER A 116 -24.54 -24.33 25.44
C SER A 116 -23.04 -24.19 25.07
N LEU A 117 -22.71 -23.39 24.04
CA LEU A 117 -21.32 -23.17 23.64
C LEU A 117 -20.48 -22.54 24.77
N SER A 118 -19.29 -23.10 25.03
CA SER A 118 -18.35 -22.56 26.01
C SER A 118 -17.33 -21.65 25.32
N PRO A 119 -17.07 -20.42 25.83
CA PRO A 119 -16.07 -19.53 25.19
C PRO A 119 -14.61 -20.01 25.28
N ASP A 120 -14.33 -21.08 26.05
CA ASP A 120 -12.98 -21.63 26.19
C ASP A 120 -12.57 -22.47 24.98
N LEU A 121 -13.56 -22.90 24.15
CA LEU A 121 -13.32 -23.77 23.01
C LEU A 121 -13.76 -23.17 21.72
N ARG A 122 -13.24 -23.75 20.64
CA ARG A 122 -13.60 -23.34 19.30
C ARG A 122 -14.96 -23.95 18.90
N LEU A 123 -15.58 -23.32 17.91
CA LEU A 123 -16.86 -23.79 17.36
C LEU A 123 -16.71 -25.22 16.78
N HIS A 124 -15.67 -25.50 15.98
CA HIS A 124 -15.49 -26.82 15.35
C HIS A 124 -15.46 -27.97 16.37
N GLN A 125 -14.75 -27.79 17.48
CA GLN A 125 -14.66 -28.84 18.49
C GLN A 125 -16.04 -29.11 19.13
N GLN A 126 -16.80 -28.06 19.40
CA GLN A 126 -18.09 -28.20 20.09
C GLN A 126 -19.24 -28.62 19.17
N LEU A 127 -19.12 -28.40 17.85
CA LEU A 127 -20.18 -28.72 16.89
C LEU A 127 -19.84 -29.92 16.01
N GLN A 128 -18.76 -30.62 16.36
CA GLN A 128 -18.23 -31.79 15.64
C GLN A 128 -19.29 -32.85 15.28
N ASP A 129 -20.23 -33.16 16.19
CA ASP A 129 -21.23 -34.22 15.97
C ASP A 129 -22.65 -33.68 15.75
N CYS A 130 -22.79 -32.43 15.28
CA CYS A 130 -24.09 -31.77 15.13
C CYS A 130 -24.73 -31.89 13.75
N PHE A 131 -24.10 -32.55 12.80
CA PHE A 131 -24.65 -32.56 11.42
C PHE A 131 -24.97 -33.99 10.97
N SER A 132 -26.19 -34.20 10.47
CA SER A 132 -26.61 -35.51 9.95
C SER A 132 -26.10 -35.76 8.53
N ILE A 133 -25.65 -34.70 7.83
CA ILE A 133 -25.05 -34.77 6.49
C ILE A 133 -23.74 -34.01 6.62
N SER A 134 -22.61 -34.65 6.37
CA SER A 134 -21.31 -34.01 6.53
C SER A 134 -20.91 -33.23 5.26
N ASP A 135 -21.32 -33.70 4.07
CA ASP A 135 -21.00 -33.10 2.78
C ASP A 135 -22.25 -32.43 2.22
N CYS A 136 -22.30 -31.11 2.35
CA CYS A 136 -23.44 -30.29 1.98
C CYS A 136 -23.50 -30.08 0.50
N PRO A 137 -24.70 -30.22 -0.11
CA PRO A 137 -24.83 -29.88 -1.55
C PRO A 137 -24.73 -28.37 -1.68
N VAL A 138 -24.02 -27.92 -2.71
CA VAL A 138 -23.81 -26.50 -2.96
C VAL A 138 -24.42 -26.15 -4.31
N TRP A 139 -24.37 -24.87 -4.66
CA TRP A 139 -24.98 -24.32 -5.86
C TRP A 139 -24.49 -24.95 -7.17
N ASP A 141 -24.03 -28.13 -7.70
CA ASP A 141 -24.58 -29.48 -7.86
C ASP A 141 -25.64 -29.53 -8.98
N SER A 142 -25.56 -30.56 -9.84
CA SER A 142 -26.52 -30.76 -10.94
C SER A 142 -26.96 -32.21 -11.02
N SER A 143 -27.06 -32.88 -9.85
CA SER A 143 -27.34 -34.30 -9.75
C SER A 143 -28.81 -34.66 -9.49
N THR A 144 -29.72 -33.69 -9.52
CA THR A 144 -31.11 -33.88 -9.09
C THR A 144 -32.13 -33.69 -10.23
N THR A 145 -31.75 -33.98 -11.48
CA THR A 145 -32.69 -33.81 -12.59
C THR A 145 -33.98 -34.62 -12.39
N ALA A 146 -33.90 -35.86 -11.89
CA ALA A 146 -35.12 -36.66 -11.67
C ALA A 146 -36.08 -35.97 -10.65
N GLN A 147 -35.52 -35.40 -9.59
CA GLN A 147 -36.29 -34.70 -8.54
C GLN A 147 -36.93 -33.43 -9.13
N CYS A 148 -36.23 -32.71 -10.02
CA CYS A 148 -36.76 -31.51 -10.68
C CYS A 148 -38.00 -31.84 -11.51
N ARG A 149 -37.93 -32.93 -12.29
CA ARG A 149 -39.05 -33.37 -13.14
C ARG A 149 -40.20 -33.82 -12.29
N GLN A 150 -39.89 -34.48 -11.15
CA GLN A 150 -40.94 -34.96 -10.21
C GLN A 150 -41.67 -33.80 -9.55
N LEU A 151 -40.91 -32.80 -9.11
CA LEU A 151 -41.49 -31.63 -8.42
C LEU A 151 -42.41 -30.87 -9.40
N GLU A 152 -41.94 -30.65 -10.63
CA GLU A 152 -42.76 -29.93 -11.63
C GLU A 152 -44.04 -30.70 -11.96
N ALA A 153 -43.96 -32.02 -12.12
CA ALA A 153 -45.14 -32.85 -12.38
C ALA A 153 -46.12 -32.84 -11.19
N ALA A 154 -45.58 -32.87 -9.97
CA ALA A 154 -46.40 -32.88 -8.75
C ALA A 154 -47.25 -31.60 -8.59
N VAL A 155 -46.75 -30.43 -9.02
CA VAL A 155 -47.49 -29.16 -8.81
C VAL A 155 -48.19 -28.64 -10.09
N GLY A 156 -48.24 -29.45 -11.15
CA GLY A 156 -48.94 -29.05 -12.38
C GLY A 156 -48.11 -28.49 -13.50
N GLY A 157 -46.79 -28.68 -13.43
CA GLY A 157 -45.86 -28.28 -14.49
C GLY A 157 -44.87 -27.20 -14.12
N ALA A 158 -43.92 -26.99 -15.03
CA ALA A 158 -42.81 -26.05 -14.87
C ALA A 158 -43.30 -24.62 -14.66
N GLN A 159 -44.30 -24.19 -15.47
CA GLN A 159 -44.82 -22.82 -15.33
C GLN A 159 -45.55 -22.68 -14.00
N ALA A 160 -46.34 -23.68 -13.59
CA ALA A 160 -47.05 -23.65 -12.30
C ALA A 160 -46.05 -23.50 -11.16
N LEU A 161 -44.92 -24.24 -11.20
CA LEU A 161 -43.89 -24.14 -10.17
C LEU A 161 -43.25 -22.74 -10.17
N SER A 162 -43.11 -22.16 -11.38
CA SER A 162 -42.48 -20.85 -11.48
C SER A 162 -43.42 -19.76 -10.97
N CYS A 163 -44.72 -19.81 -11.31
CA CYS A 163 -45.71 -18.85 -10.78
C CYS A 163 -45.59 -18.77 -9.26
N LEU A 164 -45.51 -19.95 -8.68
CA LEU A 164 -45.53 -20.12 -7.26
C LEU A 164 -44.24 -19.69 -6.55
N THR A 165 -43.07 -20.20 -7.03
CA THR A 165 -41.80 -20.03 -6.32
C THR A 165 -40.77 -19.09 -7.02
N GLY A 166 -41.15 -18.50 -8.17
CA GLY A 166 -40.31 -17.57 -8.89
C GLY A 166 -39.39 -18.20 -9.92
N SER A 167 -39.25 -19.55 -9.89
CA SER A 167 -38.41 -20.35 -10.77
C SER A 167 -39.08 -21.67 -11.06
N ARG A 168 -38.82 -22.25 -12.25
CA ARG A 168 -39.18 -23.63 -12.52
C ARG A 168 -38.17 -24.46 -11.68
N ALA A 169 -38.18 -25.78 -11.78
CA ALA A 169 -37.27 -26.57 -10.97
C ALA A 169 -35.84 -26.52 -11.53
N TYR A 170 -34.86 -26.13 -10.68
CA TYR A 170 -33.43 -26.12 -11.04
C TYR A 170 -32.74 -27.08 -10.14
N GLU A 171 -31.77 -27.81 -10.69
CA GLU A 171 -31.08 -28.86 -9.95
C GLU A 171 -30.45 -28.40 -8.65
N ARG A 172 -29.85 -27.23 -8.65
CA ARG A 172 -29.21 -26.67 -7.44
C ARG A 172 -30.19 -26.16 -6.38
N PHE A 173 -31.45 -25.88 -6.76
CA PHE A 173 -32.43 -25.33 -5.80
C PHE A 173 -32.68 -26.34 -4.72
N THR A 174 -32.71 -25.85 -3.49
CA THR A 174 -32.70 -26.63 -2.27
C THR A 174 -33.77 -27.73 -2.15
N GLY A 175 -35.02 -27.47 -2.53
CA GLY A 175 -36.09 -28.46 -2.43
C GLY A 175 -35.76 -29.76 -3.13
N ASN A 176 -35.09 -29.67 -4.32
CA ASN A 176 -34.69 -30.81 -5.12
C ASN A 176 -33.54 -31.56 -4.44
N GLN A 177 -32.64 -30.83 -3.74
CA GLN A 177 -31.54 -31.43 -2.98
C GLN A 177 -32.08 -32.15 -1.76
N ILE A 178 -33.05 -31.53 -1.07
CA ILE A 178 -33.68 -32.16 0.10
C ILE A 178 -34.39 -33.46 -0.33
N ALA A 179 -35.14 -33.41 -1.47
CA ALA A 179 -35.83 -34.56 -2.04
C ALA A 179 -34.86 -35.70 -2.32
N LYS A 180 -33.68 -35.38 -2.89
CA LYS A 180 -32.70 -36.42 -3.17
C LYS A 180 -32.14 -37.05 -1.84
N ILE A 181 -31.85 -36.23 -0.83
CA ILE A 181 -31.36 -36.72 0.45
C ILE A 181 -32.44 -37.60 1.11
N TYR A 182 -33.72 -37.16 1.10
CA TYR A 182 -34.86 -37.96 1.61
C TYR A 182 -34.96 -39.33 0.91
N GLN A 183 -34.84 -39.32 -0.40
CA GLN A 183 -34.96 -40.53 -1.21
C GLN A 183 -33.78 -41.48 -1.04
N GLN A 184 -32.55 -40.98 -1.02
CA GLN A 184 -31.35 -41.81 -0.97
C GLN A 184 -30.80 -42.07 0.44
N ASN A 185 -31.06 -41.15 1.38
CA ASN A 185 -30.58 -41.28 2.76
C ASN A 185 -31.72 -40.94 3.72
N PRO A 186 -32.80 -41.75 3.68
CA PRO A 186 -33.96 -41.47 4.55
C PRO A 186 -33.64 -41.50 6.05
N GLU A 187 -32.64 -42.26 6.48
CA GLU A 187 -32.24 -42.34 7.89
C GLU A 187 -31.63 -41.00 8.33
N ALA A 188 -30.71 -40.44 7.55
CA ALA A 188 -30.13 -39.14 7.87
C ALA A 188 -31.22 -38.03 7.85
N TYR A 189 -32.16 -38.08 6.88
CA TYR A 189 -33.27 -37.11 6.76
C TYR A 189 -34.19 -37.16 7.97
N SER A 190 -34.63 -38.36 8.36
CA SER A 190 -35.45 -38.53 9.57
C SER A 190 -34.75 -38.15 10.89
N HIS A 191 -33.43 -38.15 10.91
CA HIS A 191 -32.63 -37.72 12.06
C HIS A 191 -32.21 -36.24 11.96
N THR A 192 -32.78 -35.48 10.98
CA THR A 192 -32.46 -34.06 10.77
C THR A 192 -33.55 -33.30 11.47
N GLU A 193 -33.21 -32.53 12.52
CA GLU A 193 -34.22 -31.71 13.21
C GLU A 193 -34.38 -30.35 12.54
N ARG A 194 -33.37 -29.90 11.80
CA ARG A 194 -33.39 -28.57 11.20
C ARG A 194 -32.61 -28.56 9.92
N ILE A 195 -33.12 -27.86 8.91
CA ILE A 195 -32.46 -27.68 7.61
C ILE A 195 -32.28 -26.17 7.43
N SER A 196 -31.05 -25.76 7.18
CA SER A 196 -30.68 -24.38 6.96
C SER A 196 -30.10 -24.19 5.58
N LEU A 197 -30.15 -22.96 5.10
CA LEU A 197 -29.40 -22.55 3.93
C LEU A 197 -28.03 -22.16 4.45
N VAL A 198 -27.02 -22.00 3.61
CA VAL A 198 -25.70 -21.57 4.09
C VAL A 198 -25.88 -20.22 4.89
N SER A 199 -26.67 -19.31 4.34
CA SER A 199 -26.93 -18.01 4.98
C SER A 199 -27.48 -18.15 6.42
N SER A 200 -28.58 -18.90 6.59
CA SER A 200 -29.22 -19.05 7.91
C SER A 200 -28.37 -19.96 8.84
N PHE A 201 -27.57 -20.88 8.26
CA PHE A 201 -26.65 -21.69 9.05
C PHE A 201 -25.62 -20.74 9.70
N ALA A 202 -25.01 -19.83 8.90
CA ALA A 202 -24.01 -18.89 9.40
C ALA A 202 -24.62 -17.97 10.49
N ALA A 203 -25.84 -17.48 10.27
CA ALA A 203 -26.54 -16.67 11.25
C ALA A 203 -26.75 -17.46 12.55
N SER A 204 -27.06 -18.76 12.43
CA SER A 204 -27.28 -19.63 13.59
C SER A 204 -26.01 -19.75 14.44
N LEU A 205 -24.84 -19.84 13.80
CA LEU A 205 -23.55 -19.88 14.49
C LEU A 205 -23.35 -18.63 15.33
N PHE A 206 -23.71 -17.44 14.80
CA PHE A 206 -23.55 -16.20 15.55
C PHE A 206 -24.58 -16.07 16.69
N LEU A 207 -25.80 -16.56 16.47
CA LEU A 207 -26.86 -16.52 17.48
C LEU A 207 -26.63 -17.50 18.62
N GLY A 208 -26.00 -18.63 18.33
CA GLY A 208 -25.89 -19.72 19.28
C GLY A 208 -27.25 -20.38 19.44
N SER A 209 -28.09 -20.32 18.38
CA SER A 209 -29.44 -20.90 18.28
C SER A 209 -29.85 -20.87 16.82
N TYR A 210 -30.89 -21.62 16.44
CA TYR A 210 -31.30 -21.67 15.04
C TYR A 210 -31.89 -20.36 14.55
N SER A 211 -31.32 -19.84 13.46
CA SER A 211 -31.87 -18.67 12.82
C SER A 211 -32.95 -19.09 11.84
N PRO A 212 -34.00 -18.30 11.67
CA PRO A 212 -34.92 -18.58 10.55
C PRO A 212 -34.25 -18.27 9.20
N ILE A 213 -34.90 -18.72 8.12
CA ILE A 213 -34.52 -18.43 6.74
C ILE A 213 -35.24 -17.15 6.34
N ASP A 214 -34.57 -16.26 5.58
CA ASP A 214 -35.21 -15.02 5.17
C ASP A 214 -36.02 -15.22 3.89
N TYR A 215 -36.91 -14.29 3.57
CA TYR A 215 -37.73 -14.40 2.34
C TYR A 215 -36.88 -14.48 1.07
N SER A 216 -35.80 -13.72 0.99
CA SER A 216 -35.04 -13.60 -0.24
C SER A 216 -34.22 -14.86 -0.51
N ASP A 217 -33.35 -15.30 0.40
CA ASP A 217 -32.61 -16.54 0.16
C ASP A 217 -33.57 -17.75 0.17
N GLY A 218 -34.66 -17.64 0.93
CA GLY A 218 -35.73 -18.65 0.99
C GLY A 218 -36.44 -18.86 -0.34
N SER A 219 -36.32 -17.88 -1.26
CA SER A 219 -36.89 -17.93 -2.61
C SER A 219 -36.04 -18.80 -3.58
N GLY A 220 -34.87 -19.29 -3.14
CA GLY A 220 -33.98 -20.10 -3.97
C GLY A 220 -34.09 -21.57 -3.68
N ASN A 222 -37.38 -23.57 -4.56
CA ASN A 222 -38.56 -24.19 -5.16
C ASN A 222 -39.55 -24.61 -4.05
N LEU A 223 -39.57 -23.87 -2.91
CA LEU A 223 -40.45 -24.16 -1.79
C LEU A 223 -41.29 -22.98 -1.32
N LEU A 224 -40.74 -21.77 -1.35
CA LEU A 224 -41.47 -20.61 -0.83
C LEU A 224 -42.44 -20.03 -1.85
N GLN A 225 -43.69 -19.77 -1.42
CA GLN A 225 -44.66 -19.03 -2.24
C GLN A 225 -44.23 -17.58 -2.14
N ILE A 226 -43.55 -17.07 -3.16
CA ILE A 226 -42.89 -15.75 -3.10
C ILE A 226 -43.91 -14.59 -2.86
N GLN A 227 -45.14 -14.69 -3.35
CA GLN A 227 -46.07 -13.59 -3.18
C GLN A 227 -46.72 -13.57 -1.79
N ASP A 228 -47.21 -14.71 -1.28
CA ASP A 228 -47.82 -14.76 0.05
C ASP A 228 -46.77 -14.92 1.14
N LYS A 229 -45.52 -15.22 0.77
CA LYS A 229 -44.37 -15.31 1.67
C LYS A 229 -44.64 -16.37 2.80
N VAL A 230 -45.15 -17.53 2.40
CA VAL A 230 -45.35 -18.72 3.22
C VAL A 230 -44.80 -19.92 2.40
N TRP A 231 -44.42 -21.01 3.08
CA TRP A 231 -43.98 -22.20 2.36
C TRP A 231 -45.13 -22.77 1.55
N SER A 232 -44.90 -23.21 0.30
CA SER A 232 -45.94 -23.90 -0.45
C SER A 232 -46.13 -25.32 0.09
N GLN A 233 -47.31 -25.66 0.58
CA GLN A 233 -47.60 -27.01 1.09
C GLN A 233 -47.43 -28.07 0.00
N ALA A 234 -47.85 -27.75 -1.23
CA ALA A 234 -47.71 -28.64 -2.40
C ALA A 234 -46.22 -28.90 -2.69
N CYS A 235 -45.38 -27.87 -2.68
CA CYS A 235 -43.94 -28.05 -2.94
C CYS A 235 -43.26 -28.81 -1.82
N LEU A 236 -43.56 -28.46 -0.56
CA LEU A 236 -43.01 -29.16 0.61
C LEU A 236 -43.28 -30.65 0.53
N GLY A 237 -44.54 -31.01 0.35
CA GLY A 237 -45.01 -32.38 0.27
C GLY A 237 -44.45 -33.18 -0.88
N ALA A 238 -44.17 -32.53 -1.99
CA ALA A 238 -43.58 -33.20 -3.15
C ALA A 238 -42.08 -33.42 -2.97
N CYS A 239 -41.42 -32.71 -2.04
CA CYS A 239 -39.98 -32.85 -1.83
C CYS A 239 -39.69 -33.88 -0.75
N ALA A 240 -40.27 -33.71 0.43
CA ALA A 240 -40.03 -34.66 1.51
C ALA A 240 -41.03 -34.47 2.64
N PRO A 241 -41.32 -35.55 3.40
CA PRO A 241 -42.31 -35.44 4.48
C PRO A 241 -41.77 -34.69 5.70
N HIS A 242 -42.68 -34.07 6.46
CA HIS A 242 -42.35 -33.28 7.67
C HIS A 242 -41.30 -32.19 7.42
N LEU A 243 -41.24 -31.64 6.20
CA LEU A 243 -40.24 -30.63 5.86
C LEU A 243 -40.54 -29.27 6.49
N GLU A 244 -41.80 -28.87 6.61
CA GLU A 244 -42.10 -27.55 7.18
C GLU A 244 -41.49 -27.37 8.59
N GLU A 245 -41.60 -28.40 9.43
CA GLU A 245 -41.06 -28.40 10.81
C GLU A 245 -39.55 -28.22 10.84
N LYS A 246 -38.84 -28.73 9.82
CA LYS A 246 -37.38 -28.64 9.75
C LYS A 246 -36.92 -27.25 9.28
N LEU A 247 -37.77 -26.51 8.52
CA LEU A 247 -37.41 -25.20 7.97
C LEU A 247 -37.75 -24.08 8.90
N SER A 248 -38.91 -24.19 9.60
CA SER A 248 -39.49 -23.18 10.46
C SER A 248 -40.03 -22.01 9.60
N PRO A 249 -40.88 -21.13 10.16
CA PRO A 249 -41.43 -20.05 9.32
C PRO A 249 -40.36 -19.09 8.80
N PRO A 250 -40.49 -18.65 7.52
CA PRO A 250 -39.51 -17.69 6.99
C PRO A 250 -39.79 -16.30 7.53
N VAL A 251 -38.80 -15.41 7.47
CA VAL A 251 -38.95 -14.06 7.99
C VAL A 251 -38.52 -12.99 6.99
N PRO A 252 -38.99 -11.75 7.17
CA PRO A 252 -38.47 -10.65 6.35
C PRO A 252 -36.96 -10.54 6.53
N SER A 253 -36.26 -10.24 5.44
CA SER A 253 -34.79 -10.17 5.44
C SER A 253 -34.30 -9.13 6.44
N CYS A 254 -35.05 -8.03 6.63
CA CYS A 254 -34.65 -7.04 7.62
C CYS A 254 -35.33 -7.35 8.94
N SER A 255 -34.85 -8.39 9.59
CA SER A 255 -35.31 -8.84 10.89
C SER A 255 -34.13 -8.98 11.79
N VAL A 256 -34.23 -8.50 13.03
CA VAL A 256 -33.24 -8.77 14.06
C VAL A 256 -33.60 -10.17 14.54
N VAL A 257 -32.77 -11.16 14.23
CA VAL A 257 -33.09 -12.54 14.61
C VAL A 257 -32.63 -12.84 16.04
N GLY A 258 -31.87 -11.94 16.64
CA GLY A 258 -31.45 -12.07 18.04
C GLY A 258 -30.19 -11.30 18.34
N ALA A 259 -29.73 -11.39 19.59
CA ALA A 259 -28.47 -10.80 20.00
C ALA A 259 -27.37 -11.81 19.72
N ILE A 260 -26.13 -11.36 19.61
CA ILE A 260 -25.03 -12.28 19.41
C ILE A 260 -24.92 -13.22 20.62
N SER A 261 -24.46 -14.46 20.40
CA SER A 261 -24.31 -15.38 21.53
C SER A 261 -23.29 -14.84 22.54
N SER A 262 -23.52 -15.13 23.83
CA SER A 262 -22.58 -14.76 24.90
C SER A 262 -21.21 -15.44 24.62
N TYR A 263 -21.19 -16.53 23.81
CA TYR A 263 -19.96 -17.17 23.37
C TYR A 263 -19.01 -16.13 22.76
N TYR A 264 -19.53 -15.29 21.87
CA TYR A 264 -18.68 -14.29 21.17
C TYR A 264 -18.34 -13.14 22.09
N VAL A 265 -19.27 -12.79 22.98
CA VAL A 265 -19.07 -11.70 23.96
C VAL A 265 -17.86 -12.06 24.81
N GLN A 266 -17.87 -13.27 25.35
CA GLN A 266 -16.84 -13.75 26.26
C GLN A 266 -15.54 -14.15 25.56
N ARG A 267 -15.60 -14.78 24.39
CA ARG A 267 -14.38 -15.23 23.71
C ARG A 267 -13.67 -14.11 22.97
N TYR A 268 -14.41 -13.20 22.30
CA TYR A 268 -13.78 -12.17 21.47
C TYR A 268 -14.04 -10.73 21.90
N GLY A 269 -14.93 -10.49 22.84
CA GLY A 269 -15.18 -9.13 23.28
C GLY A 269 -16.22 -8.37 22.49
N PHE A 270 -17.17 -9.09 21.84
CA PHE A 270 -18.28 -8.40 21.19
C PHE A 270 -19.12 -7.76 22.32
N PRO A 271 -19.79 -6.61 22.11
CA PRO A 271 -20.63 -6.10 23.19
C PRO A 271 -21.90 -6.95 23.31
N PRO A 272 -22.44 -7.16 24.53
CA PRO A 272 -23.63 -8.01 24.69
C PRO A 272 -24.87 -7.56 23.93
N GLY A 273 -25.00 -6.28 23.63
CA GLY A 273 -26.13 -5.81 22.84
C GLY A 273 -25.99 -5.97 21.34
N CYS A 274 -24.88 -6.57 20.86
CA CYS A 274 -24.64 -6.67 19.42
C CYS A 274 -25.78 -7.45 18.74
N LYS A 275 -26.43 -6.82 17.77
CA LYS A 275 -27.57 -7.42 17.08
C LYS A 275 -27.17 -8.25 15.85
N VAL A 276 -27.84 -9.38 15.69
CA VAL A 276 -27.70 -10.24 14.51
C VAL A 276 -28.93 -10.00 13.63
N VAL A 277 -28.71 -9.40 12.46
CA VAL A 277 -29.73 -9.16 11.47
C VAL A 277 -29.73 -10.40 10.51
N ALA A 278 -30.91 -10.94 10.17
CA ALA A 278 -31.08 -12.12 9.33
C ALA A 278 -30.13 -12.10 8.13
N PHE A 279 -29.49 -13.22 7.90
CA PHE A 279 -28.57 -13.34 6.78
C PHE A 279 -29.41 -13.53 5.51
N THR A 280 -28.81 -13.34 4.34
CA THR A 280 -29.51 -13.55 3.08
C THR A 280 -28.53 -14.21 2.09
N GLY A 281 -28.99 -14.41 0.86
CA GLY A 281 -28.16 -15.02 -0.17
C GLY A 281 -27.14 -14.05 -0.66
N ASP A 282 -26.06 -14.53 -1.29
CA ASP A 282 -25.02 -13.62 -1.79
C ASP A 282 -25.53 -12.70 -2.89
N ASN A 283 -26.32 -13.19 -3.86
CA ASN A 283 -26.87 -12.31 -4.90
C ASN A 283 -27.83 -11.28 -4.31
N PRO A 284 -28.76 -11.65 -3.42
CA PRO A 284 -29.56 -10.61 -2.75
C PRO A 284 -28.70 -9.60 -1.96
N ALA A 285 -27.65 -10.06 -1.26
CA ALA A 285 -26.77 -9.18 -0.50
C ALA A 285 -26.01 -8.22 -1.45
N SER A 286 -25.58 -8.70 -2.62
CA SER A 286 -24.90 -7.87 -3.62
C SER A 286 -25.87 -6.80 -4.17
N LEU A 287 -27.16 -7.14 -4.34
CA LEU A 287 -28.17 -6.15 -4.76
C LEU A 287 -28.25 -5.02 -3.72
N ALA A 288 -28.20 -5.37 -2.42
CA ALA A 288 -28.22 -4.38 -1.33
C ALA A 288 -26.95 -3.57 -1.36
N GLY A 289 -25.81 -4.23 -1.57
CA GLY A 289 -24.50 -3.56 -1.60
C GLY A 289 -24.37 -2.60 -2.76
N ARG A 291 -26.99 -1.07 -3.98
CA ARG A 291 -28.03 -0.10 -3.67
C ARG A 291 -29.01 0.07 -4.82
N LEU A 292 -29.41 -1.05 -5.46
CA LEU A 292 -30.44 -0.97 -6.51
C LEU A 292 -31.77 -0.54 -5.90
N GLU A 293 -32.55 0.19 -6.68
CA GLU A 293 -33.89 0.67 -6.35
C GLU A 293 -34.81 0.30 -7.47
N GLU A 294 -36.08 0.63 -7.28
CA GLU A 294 -37.07 0.45 -8.32
C GLU A 294 -36.60 1.06 -9.64
N GLY A 295 -36.74 0.29 -10.71
CA GLY A 295 -36.35 0.72 -12.05
C GLY A 295 -34.92 0.41 -12.41
N ASP A 296 -34.08 -0.03 -11.43
CA ASP A 296 -32.68 -0.28 -11.69
C ASP A 296 -32.34 -1.70 -12.06
N ILE A 297 -31.18 -1.83 -12.73
CA ILE A 297 -30.60 -3.11 -13.10
C ILE A 297 -29.10 -3.07 -12.90
N ALA A 298 -28.50 -4.23 -12.63
CA ALA A 298 -27.04 -4.38 -12.59
C ALA A 298 -26.64 -5.47 -13.57
N VAL A 299 -25.56 -5.23 -14.29
CA VAL A 299 -24.98 -6.19 -15.23
C VAL A 299 -23.63 -6.59 -14.69
N SER A 300 -23.52 -7.82 -14.23
CA SER A 300 -22.25 -8.37 -13.77
C SER A 300 -21.62 -9.14 -14.93
N LEU A 301 -20.56 -8.58 -15.49
CA LEU A 301 -19.88 -9.13 -16.67
C LEU A 301 -18.68 -10.03 -16.27
N GLY A 302 -18.69 -11.26 -16.75
CA GLY A 302 -17.63 -12.22 -16.46
C GLY A 302 -17.78 -13.48 -17.29
N THR A 303 -17.18 -14.61 -16.84
CA THR A 303 -17.25 -15.93 -17.54
C THR A 303 -18.71 -16.26 -17.76
N SER A 304 -19.53 -15.96 -16.78
CA SER A 304 -20.95 -15.91 -16.91
C SER A 304 -21.34 -14.45 -16.79
N ASP A 305 -22.34 -13.97 -17.56
CA ASP A 305 -22.89 -12.64 -17.32
C ASP A 305 -24.17 -12.82 -16.48
N THR A 306 -24.32 -12.03 -15.42
CA THR A 306 -25.51 -12.10 -14.56
C THR A 306 -26.18 -10.75 -14.54
N LEU A 307 -27.48 -10.78 -14.76
CA LEU A 307 -28.33 -9.61 -14.71
C LEU A 307 -29.09 -9.61 -13.38
N PHE A 308 -29.01 -8.52 -12.62
CA PHE A 308 -29.75 -8.30 -11.37
C PHE A 308 -30.82 -7.28 -11.70
N LEU A 309 -32.08 -7.60 -11.46
CA LEU A 309 -33.24 -6.75 -11.74
C LEU A 309 -34.01 -6.42 -10.49
N TRP A 310 -34.49 -5.20 -10.36
CA TRP A 310 -35.50 -4.85 -9.36
C TRP A 310 -36.85 -5.13 -10.06
N LEU A 311 -37.79 -5.77 -9.35
CA LEU A 311 -39.14 -6.02 -9.91
C LEU A 311 -40.22 -5.65 -8.91
N GLN A 312 -41.15 -4.74 -9.26
CA GLN A 312 -42.27 -4.40 -8.36
C GLN A 312 -43.25 -5.55 -8.27
N GLU A 313 -43.55 -6.22 -9.33
CA GLU A 313 -44.42 -7.41 -9.24
C GLU A 313 -43.80 -8.52 -10.11
N PRO A 314 -43.90 -9.77 -9.73
CA PRO A 314 -43.19 -10.79 -10.50
C PRO A 314 -43.94 -11.33 -11.72
N PRO A 316 -43.04 -14.60 -13.26
CA PRO A 316 -42.10 -15.72 -13.34
C PRO A 316 -42.24 -16.50 -14.66
N ALA A 317 -41.14 -17.03 -15.10
CA ALA A 317 -41.04 -17.69 -16.39
C ALA A 317 -40.27 -19.00 -16.28
N LEU A 318 -40.05 -19.65 -17.46
CA LEU A 318 -39.26 -20.88 -17.55
C LEU A 318 -37.76 -20.56 -17.59
N GLU A 319 -37.40 -19.29 -17.60
CA GLU A 319 -36.03 -18.84 -17.49
C GLU A 319 -35.95 -17.83 -16.35
N GLY A 320 -34.76 -17.62 -15.81
CA GLY A 320 -34.57 -16.65 -14.72
C GLY A 320 -35.12 -17.08 -13.39
N HIS A 321 -34.79 -16.30 -12.36
CA HIS A 321 -35.15 -16.58 -11.00
C HIS A 321 -35.67 -15.34 -10.33
N ILE A 322 -36.92 -15.36 -9.91
CA ILE A 322 -37.50 -14.24 -9.17
C ILE A 322 -37.44 -14.56 -7.68
N PHE A 323 -36.86 -13.68 -6.89
CA PHE A 323 -36.81 -13.80 -5.44
C PHE A 323 -37.51 -12.62 -4.78
N CYS A 324 -37.99 -12.83 -3.54
CA CYS A 324 -38.43 -11.73 -2.70
C CYS A 324 -37.24 -10.80 -2.57
N ASN A 325 -37.50 -9.51 -2.54
CA ASN A 325 -36.44 -8.53 -2.49
C ASN A 325 -35.89 -8.42 -1.07
N PRO A 326 -34.56 -8.43 -0.89
CA PRO A 326 -33.99 -8.37 0.47
C PRO A 326 -34.07 -7.00 1.14
N VAL A 327 -34.21 -5.92 0.38
CA VAL A 327 -34.27 -4.59 0.99
C VAL A 327 -35.68 -4.01 0.93
N ASP A 328 -36.62 -4.74 0.38
CA ASP A 328 -38.00 -4.32 0.39
C ASP A 328 -38.82 -5.59 0.25
N SER A 329 -39.24 -6.18 1.40
CA SER A 329 -39.95 -7.47 1.49
C SER A 329 -41.31 -7.47 0.79
N GLN A 330 -41.86 -6.31 0.42
CA GLN A 330 -43.10 -6.24 -0.36
C GLN A 330 -42.82 -6.39 -1.88
N HIS A 331 -41.59 -6.23 -2.33
CA HIS A 331 -41.33 -6.34 -3.78
C HIS A 331 -40.31 -7.44 -4.05
N TYR A 332 -39.76 -7.47 -5.29
CA TYR A 332 -38.99 -8.59 -5.75
C TYR A 332 -37.70 -8.18 -6.47
N ALA A 334 -34.80 -10.17 -9.48
CA ALA A 334 -34.56 -11.32 -10.34
C ALA A 334 -33.12 -11.39 -10.75
N LEU A 335 -32.72 -12.61 -11.04
CA LEU A 335 -31.46 -12.98 -11.64
C LEU A 335 -31.72 -13.64 -12.97
N LEU A 336 -30.98 -13.24 -13.99
CA LEU A 336 -30.95 -13.88 -15.30
C LEU A 336 -29.48 -14.21 -15.57
N CYS A 337 -29.19 -15.48 -15.84
CA CYS A 337 -27.85 -16.00 -16.00
C CYS A 337 -27.54 -16.28 -17.47
N PHE A 338 -26.38 -15.78 -18.00
CA PHE A 338 -26.00 -15.97 -19.39
C PHE A 338 -24.64 -16.66 -19.40
N LYS A 339 -24.60 -17.90 -19.91
CA LYS A 339 -23.41 -18.74 -19.90
C LYS A 339 -22.33 -18.24 -20.86
N ASN A 340 -22.74 -17.63 -22.01
CA ASN A 340 -21.80 -17.13 -23.02
C ASN A 340 -21.57 -15.68 -22.71
N GLY A 341 -20.49 -15.41 -21.99
CA GLY A 341 -20.09 -14.09 -21.55
C GLY A 341 -18.72 -13.68 -22.01
N SER A 342 -17.78 -13.52 -21.05
CA SER A 342 -16.44 -13.01 -21.34
C SER A 342 -15.62 -13.90 -22.30
N LEU A 343 -15.84 -15.21 -22.30
CA LEU A 343 -15.10 -16.11 -23.22
C LEU A 343 -15.51 -15.82 -24.67
N ARG A 345 -16.63 -12.78 -25.75
CA ARG A 345 -16.01 -11.48 -26.05
C ARG A 345 -14.53 -11.66 -26.37
N GLU A 346 -13.79 -12.49 -25.60
CA GLU A 346 -12.35 -12.73 -25.88
C GLU A 346 -12.16 -13.42 -27.23
N LYS A 347 -13.00 -14.40 -27.55
CA LYS A 347 -12.91 -15.10 -28.81
C LYS A 347 -13.16 -14.18 -29.99
N ILE A 348 -14.20 -13.33 -29.94
CA ILE A 348 -14.43 -12.40 -31.05
C ILE A 348 -13.26 -11.45 -31.17
N ARG A 349 -12.74 -10.93 -30.05
CA ARG A 349 -11.56 -10.05 -30.07
C ARG A 349 -10.37 -10.71 -30.80
N ASN A 350 -10.13 -11.99 -30.46
CA ASN A 350 -9.01 -12.76 -31.02
C ASN A 350 -9.20 -13.07 -32.47
N GLU A 351 -10.43 -13.45 -32.85
CA GLU A 351 -10.74 -13.79 -34.23
C GLU A 351 -10.81 -12.60 -35.15
N SER A 352 -11.50 -11.53 -34.73
CA SER A 352 -11.86 -10.41 -35.62
C SER A 352 -11.03 -9.14 -35.47
N VAL A 353 -10.43 -8.85 -34.31
CA VAL A 353 -9.70 -7.57 -34.12
C VAL A 353 -8.31 -7.82 -33.49
N SER A 354 -7.57 -8.81 -34.02
CA SER A 354 -6.16 -9.07 -33.69
C SER A 354 -5.83 -9.23 -32.19
N ARG A 355 -6.76 -9.80 -31.40
CA ARG A 355 -6.55 -10.01 -29.97
C ARG A 355 -6.35 -8.70 -29.21
N SER A 356 -6.82 -7.56 -29.76
CA SER A 356 -6.61 -6.25 -29.13
C SER A 356 -7.92 -5.64 -28.63
N TRP A 357 -7.99 -5.28 -27.34
CA TRP A 357 -9.15 -4.60 -26.78
C TRP A 357 -9.25 -3.20 -27.30
N SER A 358 -8.12 -2.58 -27.71
CA SER A 358 -8.12 -1.25 -28.30
C SER A 358 -8.80 -1.31 -29.69
N ASP A 359 -8.45 -2.29 -30.52
CA ASP A 359 -9.12 -2.48 -31.83
C ASP A 359 -10.62 -2.89 -31.64
N PHE A 360 -10.92 -3.60 -30.55
CA PHE A 360 -12.29 -3.99 -30.21
C PHE A 360 -13.09 -2.73 -29.96
N SER A 361 -12.53 -1.81 -29.15
CA SER A 361 -13.17 -0.52 -28.90
C SER A 361 -13.29 0.30 -30.20
N LYS A 362 -12.24 0.32 -31.03
CA LYS A 362 -12.27 1.05 -32.32
C LYS A 362 -13.39 0.49 -33.22
N ALA A 363 -13.61 -0.85 -33.22
CA ALA A 363 -14.68 -1.47 -34.02
C ALA A 363 -16.05 -0.91 -33.60
N LEU A 364 -16.28 -0.77 -32.29
CA LEU A 364 -17.51 -0.19 -31.79
C LEU A 364 -17.64 1.30 -32.15
N GLN A 365 -16.53 2.05 -32.08
CA GLN A 365 -16.50 3.47 -32.44
C GLN A 365 -16.75 3.69 -33.93
N SER A 366 -16.25 2.77 -34.77
CA SER A 366 -16.31 2.88 -36.23
C SER A 366 -17.58 2.26 -36.85
N THR A 367 -18.55 1.80 -36.02
CA THR A 367 -19.82 1.26 -36.50
C THR A 367 -20.96 2.03 -35.86
N GLU A 368 -22.08 2.13 -36.56
CA GLU A 368 -23.24 2.88 -36.11
C GLU A 368 -24.14 2.05 -35.22
N GLY A 370 -27.17 0.14 -34.09
CA GLY A 370 -28.03 -0.72 -34.91
C GLY A 370 -27.29 -1.58 -35.92
N ASN A 371 -25.98 -1.30 -36.16
CA ASN A 371 -25.07 -2.09 -36.97
C ASN A 371 -25.53 -2.34 -38.40
N GLY A 372 -26.21 -1.35 -38.98
CA GLY A 372 -26.77 -1.45 -40.32
C GLY A 372 -27.81 -2.54 -40.45
N GLY A 373 -28.42 -2.99 -39.34
CA GLY A 373 -29.39 -4.07 -39.34
C GLY A 373 -28.79 -5.47 -39.29
N ASN A 374 -27.46 -5.59 -39.11
CA ASN A 374 -26.78 -6.87 -38.97
C ASN A 374 -26.93 -7.31 -37.55
N LEU A 375 -27.48 -8.52 -37.33
CA LEU A 375 -27.75 -9.04 -35.99
C LEU A 375 -27.10 -10.40 -35.81
N GLY A 376 -26.59 -10.64 -34.62
CA GLY A 376 -25.90 -11.88 -34.30
C GLY A 376 -26.16 -12.42 -32.92
N PHE A 377 -26.11 -13.74 -32.82
CA PHE A 377 -26.26 -14.56 -31.60
C PHE A 377 -25.00 -15.42 -31.51
N TYR A 378 -24.32 -15.42 -30.37
CA TYR A 378 -23.02 -16.09 -30.25
C TYR A 378 -22.97 -17.01 -29.03
N PHE A 379 -23.32 -18.28 -29.26
CA PHE A 379 -23.42 -19.28 -28.21
C PHE A 379 -22.54 -20.49 -28.51
N ASP A 380 -21.23 -20.39 -28.22
CA ASP A 380 -20.35 -21.54 -28.50
C ASP A 380 -20.64 -22.71 -27.54
N VAL A 381 -21.13 -22.44 -26.32
CA VAL A 381 -21.61 -23.45 -25.38
C VAL A 381 -23.12 -23.27 -25.27
N GLU A 383 -26.48 -22.18 -24.25
CA GLU A 383 -26.89 -21.04 -23.44
C GLU A 383 -28.05 -21.49 -22.54
N ILE A 384 -28.20 -20.81 -21.39
CA ILE A 384 -29.25 -20.98 -20.38
C ILE A 384 -30.43 -20.04 -20.70
N THR A 385 -30.14 -18.76 -20.96
CA THR A 385 -31.16 -17.76 -21.24
C THR A 385 -31.01 -17.23 -22.65
N PRO A 386 -31.80 -17.76 -23.61
CA PRO A 386 -32.63 -18.97 -23.58
C PRO A 386 -31.77 -20.21 -23.92
N GLU A 387 -32.39 -21.40 -24.11
CA GLU A 387 -31.66 -22.62 -24.45
C GLU A 387 -31.40 -22.72 -25.95
N ILE A 388 -30.31 -22.10 -26.41
CA ILE A 388 -29.83 -22.09 -27.80
C ILE A 388 -28.32 -22.37 -27.79
N ILE A 389 -27.84 -22.95 -28.88
CA ILE A 389 -26.42 -23.19 -29.10
C ILE A 389 -26.10 -22.78 -30.54
N GLY A 390 -24.85 -22.40 -30.77
CA GLY A 390 -24.36 -22.00 -32.07
C GLY A 390 -24.26 -20.51 -32.27
N ARG A 391 -23.62 -20.15 -33.36
CA ARG A 391 -23.51 -18.76 -33.80
C ARG A 391 -24.51 -18.61 -34.93
N HIS A 392 -25.36 -17.58 -34.85
CA HIS A 392 -26.43 -17.32 -35.81
C HIS A 392 -26.34 -15.86 -36.21
N ARG A 393 -25.98 -15.61 -37.46
CA ARG A 393 -25.78 -14.27 -37.99
C ARG A 393 -26.82 -13.96 -39.07
N PHE A 394 -27.37 -12.76 -39.04
CA PHE A 394 -28.39 -12.31 -39.99
C PHE A 394 -28.00 -10.96 -40.54
N ASN A 395 -28.18 -10.77 -41.83
CA ASN A 395 -27.83 -9.51 -42.47
C ASN A 395 -29.07 -8.57 -42.45
N THR A 396 -28.98 -7.39 -43.06
CA THR A 396 -30.06 -6.36 -43.06
C THR A 396 -31.46 -6.87 -43.56
N GLU A 397 -31.49 -7.85 -44.44
CA GLU A 397 -32.72 -8.40 -45.00
C GLU A 397 -33.26 -9.59 -44.17
N ASN A 398 -32.69 -9.86 -42.99
CA ASN A 398 -33.03 -10.96 -42.10
C ASN A 398 -32.65 -12.30 -42.76
N HIS A 399 -31.70 -12.30 -43.73
CA HIS A 399 -31.20 -13.54 -44.31
C HIS A 399 -30.07 -14.04 -43.46
N LYS A 400 -30.02 -15.35 -43.27
CA LYS A 400 -28.97 -15.96 -42.48
C LYS A 400 -27.66 -15.91 -43.27
N VAL A 401 -26.55 -15.53 -42.62
CA VAL A 401 -25.25 -15.42 -43.29
C VAL A 401 -24.18 -16.21 -42.53
N ALA A 402 -23.12 -16.58 -43.23
CA ALA A 402 -22.04 -17.40 -42.67
C ALA A 402 -21.06 -16.58 -41.82
N ALA A 403 -20.91 -15.29 -42.14
CA ALA A 403 -19.94 -14.42 -41.44
C ALA A 403 -20.26 -12.98 -41.69
N PHE A 404 -19.61 -12.11 -40.90
CA PHE A 404 -19.65 -10.67 -40.97
C PHE A 404 -18.26 -10.09 -41.15
N PRO A 405 -18.15 -8.85 -41.66
CA PRO A 405 -16.86 -8.13 -41.55
C PRO A 405 -16.49 -8.01 -40.04
N GLY A 406 -15.21 -7.99 -39.70
CA GLY A 406 -14.78 -7.96 -38.30
C GLY A 406 -15.40 -6.89 -37.42
N ASP A 407 -15.51 -5.65 -37.92
CA ASP A 407 -16.11 -4.56 -37.11
C ASP A 407 -17.59 -4.80 -36.86
N VAL A 408 -18.29 -5.33 -37.86
CA VAL A 408 -19.73 -5.65 -37.75
C VAL A 408 -19.90 -6.79 -36.75
N GLU A 409 -18.99 -7.78 -36.76
CA GLU A 409 -18.99 -8.91 -35.83
C GLU A 409 -18.87 -8.44 -34.37
N VAL A 410 -17.95 -7.51 -34.10
CA VAL A 410 -17.75 -6.98 -32.75
C VAL A 410 -19.04 -6.32 -32.24
N ARG A 411 -19.62 -5.42 -33.04
CA ARG A 411 -20.85 -4.75 -32.64
C ARG A 411 -22.01 -5.76 -32.55
N ALA A 412 -22.09 -6.76 -33.47
CA ALA A 412 -23.20 -7.71 -33.41
C ALA A 412 -23.16 -8.47 -32.08
N LEU A 413 -21.96 -8.82 -31.65
CA LEU A 413 -21.80 -9.53 -30.40
C LEU A 413 -22.25 -8.66 -29.23
N ILE A 414 -21.67 -7.47 -29.10
CA ILE A 414 -21.96 -6.59 -27.96
C ILE A 414 -23.42 -6.10 -27.96
N GLU A 415 -23.89 -5.56 -29.08
CA GLU A 415 -25.30 -5.14 -29.20
C GLU A 415 -26.26 -6.31 -28.92
N GLY A 416 -25.98 -7.45 -29.52
CA GLY A 416 -26.78 -8.65 -29.34
C GLY A 416 -26.84 -9.08 -27.89
N GLN A 417 -25.69 -9.15 -27.21
CA GLN A 417 -25.67 -9.53 -25.79
C GLN A 417 -26.52 -8.56 -24.94
N PHE A 418 -26.43 -7.26 -25.21
CA PHE A 418 -27.17 -6.30 -24.38
C PHE A 418 -28.64 -6.27 -24.75
N ALA A 420 -30.29 -8.86 -25.76
CA ALA A 420 -30.79 -10.08 -25.13
C ALA A 420 -31.09 -9.83 -23.64
N LYS A 421 -30.18 -9.12 -22.97
CA LYS A 421 -30.38 -8.80 -21.56
C LYS A 421 -31.66 -7.96 -21.37
N ARG A 422 -31.89 -6.95 -22.22
CA ARG A 422 -33.11 -6.14 -22.12
C ARG A 422 -34.39 -6.94 -22.39
N ILE A 423 -34.40 -7.69 -23.49
CA ILE A 423 -35.57 -8.50 -23.88
C ILE A 423 -35.94 -9.50 -22.77
N HIS A 424 -34.94 -10.20 -22.24
CA HIS A 424 -35.22 -11.25 -21.23
C HIS A 424 -35.64 -10.58 -19.89
N ALA A 425 -35.04 -9.43 -19.55
CA ALA A 425 -35.44 -8.65 -18.37
C ALA A 425 -36.90 -8.24 -18.51
N GLU A 426 -37.25 -7.68 -19.67
CA GLU A 426 -38.62 -7.25 -19.93
C GLU A 426 -39.60 -8.42 -19.89
N GLY A 427 -39.15 -9.61 -20.29
CA GLY A 427 -39.98 -10.81 -20.21
C GLY A 427 -40.39 -11.14 -18.77
N LEU A 428 -39.57 -10.77 -17.77
CA LEU A 428 -39.88 -11.01 -16.34
C LEU A 428 -40.65 -9.84 -15.68
N GLY A 429 -41.03 -8.83 -16.47
CA GLY A 429 -41.78 -7.69 -15.97
C GLY A 429 -40.99 -6.42 -15.79
N TYR A 430 -39.67 -6.43 -16.08
CA TYR A 430 -38.85 -5.25 -15.91
C TYR A 430 -39.19 -4.21 -16.99
N ARG A 431 -39.18 -2.93 -16.60
CA ARG A 431 -39.37 -1.82 -17.51
C ARG A 431 -38.37 -0.73 -17.18
N VAL A 432 -37.76 -0.14 -18.20
CA VAL A 432 -36.91 1.02 -18.02
C VAL A 432 -37.83 2.17 -17.64
N SER A 434 -37.93 6.48 -16.05
CA SER A 434 -37.22 7.73 -16.11
C SER A 434 -36.05 7.79 -15.09
N LYS A 435 -36.25 7.21 -13.90
CA LYS A 435 -35.24 7.17 -12.83
C LYS A 435 -34.16 6.07 -13.01
N THR A 436 -34.37 5.12 -13.92
CA THR A 436 -33.48 3.98 -14.09
C THR A 436 -32.00 4.33 -14.11
N LYS A 437 -31.23 3.59 -13.34
CA LYS A 437 -29.76 3.58 -13.42
C LYS A 437 -29.34 2.15 -13.76
N ILE A 438 -28.28 2.02 -14.55
CA ILE A 438 -27.68 0.74 -14.89
C ILE A 438 -26.34 0.67 -14.20
N LEU A 439 -26.12 -0.35 -13.37
CA LEU A 439 -24.84 -0.59 -12.71
C LEU A 439 -24.08 -1.66 -13.47
N ALA A 440 -22.86 -1.39 -13.91
CA ALA A 440 -22.02 -2.37 -14.62
C ALA A 440 -20.78 -2.68 -13.78
N THR A 441 -20.41 -3.96 -13.74
CA THR A 441 -19.25 -4.43 -13.01
C THR A 441 -18.65 -5.63 -13.74
N GLY A 442 -17.39 -5.93 -13.40
CA GLY A 442 -16.64 -7.01 -14.05
C GLY A 442 -15.67 -6.50 -15.10
N GLY A 443 -14.93 -7.45 -15.72
CA GLY A 443 -13.91 -7.10 -16.71
C GLY A 443 -14.32 -6.13 -17.80
N ALA A 444 -15.44 -6.43 -18.50
CA ALA A 444 -15.91 -5.60 -19.63
C ALA A 444 -16.42 -4.21 -19.18
N SER A 445 -16.65 -4.00 -17.86
CA SER A 445 -17.02 -2.67 -17.37
C SER A 445 -15.81 -1.71 -17.41
N HIS A 446 -14.59 -2.24 -17.67
CA HIS A 446 -13.40 -1.43 -17.88
C HIS A 446 -13.27 -0.99 -19.36
N ASN A 447 -14.31 -1.16 -20.18
CA ASN A 447 -14.30 -0.77 -21.59
C ASN A 447 -15.47 0.20 -21.80
N ARG A 448 -15.15 1.48 -21.98
CA ARG A 448 -16.16 2.55 -22.12
C ARG A 448 -17.08 2.36 -23.33
N GLU A 449 -16.49 1.83 -24.42
CA GLU A 449 -17.20 1.61 -25.67
C GLU A 449 -18.24 0.48 -25.48
N ILE A 450 -17.92 -0.56 -24.72
CA ILE A 450 -18.90 -1.62 -24.39
C ILE A 450 -20.04 -0.99 -23.55
N LEU A 451 -19.67 -0.23 -22.52
CA LEU A 451 -20.68 0.40 -21.64
C LEU A 451 -21.56 1.40 -22.41
N GLN A 452 -21.01 2.05 -23.47
CA GLN A 452 -21.81 2.95 -24.31
C GLN A 452 -22.93 2.19 -25.02
N VAL A 453 -22.65 0.96 -25.50
CA VAL A 453 -23.68 0.17 -26.17
C VAL A 453 -24.75 -0.20 -25.17
N LEU A 454 -24.35 -0.57 -23.96
CA LEU A 454 -25.29 -0.91 -22.89
C LEU A 454 -26.24 0.29 -22.61
N ALA A 455 -25.67 1.51 -22.49
CA ALA A 455 -26.45 2.73 -22.24
C ALA A 455 -27.43 2.96 -23.41
N ASP A 456 -26.97 2.78 -24.64
CA ASP A 456 -27.80 2.99 -25.84
C ASP A 456 -28.95 2.01 -25.93
N VAL A 457 -28.67 0.73 -25.67
CA VAL A 457 -29.68 -0.32 -25.77
C VAL A 457 -30.80 -0.12 -24.75
N PHE A 458 -30.46 0.22 -23.51
CA PHE A 458 -31.46 0.47 -22.46
C PHE A 458 -31.99 1.91 -22.42
N ASP A 459 -31.34 2.84 -23.14
CA ASP A 459 -31.68 4.26 -23.14
C ASP A 459 -31.65 4.80 -21.70
N ALA A 460 -30.63 4.43 -20.95
CA ALA A 460 -30.45 4.81 -19.56
C ALA A 460 -28.98 4.96 -19.20
N PRO A 461 -28.66 5.79 -18.19
CA PRO A 461 -27.26 5.99 -17.81
C PRO A 461 -26.63 4.75 -17.15
N VAL A 462 -25.35 4.54 -17.44
CA VAL A 462 -24.58 3.43 -16.94
C VAL A 462 -23.50 3.95 -16.00
N TYR A 463 -23.43 3.32 -14.83
CA TYR A 463 -22.49 3.61 -13.78
C TYR A 463 -21.63 2.39 -13.52
N VAL A 464 -20.37 2.59 -13.26
CA VAL A 464 -19.43 1.50 -12.97
C VAL A 464 -19.22 1.44 -11.48
N ILE A 465 -19.20 0.22 -10.95
CA ILE A 465 -19.06 -0.05 -9.53
C ILE A 465 -18.16 -1.25 -9.30
N ASP A 466 -17.28 -1.15 -8.30
CA ASP A 466 -16.44 -2.26 -7.85
C ASP A 466 -17.32 -3.16 -6.99
N THR A 467 -17.39 -4.45 -7.29
CA THR A 467 -18.23 -5.40 -6.54
C THR A 467 -17.42 -6.58 -6.00
N ALA A 468 -16.10 -6.46 -5.86
CA ALA A 468 -15.30 -7.57 -5.33
C ALA A 468 -15.81 -8.00 -3.92
N ASN A 469 -16.30 -7.06 -3.12
CA ASN A 469 -16.84 -7.33 -1.79
C ASN A 469 -18.32 -6.95 -1.68
N SER A 470 -19.10 -6.99 -2.79
CA SER A 470 -20.47 -6.49 -2.74
C SER A 470 -21.36 -7.25 -1.77
N ALA A 471 -21.17 -8.58 -1.63
CA ALA A 471 -22.00 -9.35 -0.70
C ALA A 471 -21.67 -8.97 0.76
N CYS A 472 -20.38 -8.81 1.09
CA CYS A 472 -19.92 -8.37 2.41
C CYS A 472 -20.46 -6.98 2.75
N VAL A 473 -20.24 -6.03 1.83
CA VAL A 473 -20.63 -4.64 2.01
C VAL A 473 -22.16 -4.55 2.12
N GLY A 474 -22.91 -5.21 1.21
CA GLY A 474 -24.36 -5.25 1.28
C GLY A 474 -24.85 -5.79 2.62
N SER A 475 -24.18 -6.81 3.15
CA SER A 475 -24.52 -7.37 4.45
C SER A 475 -24.30 -6.32 5.57
N ALA A 476 -23.16 -5.59 5.56
CA ALA A 476 -22.93 -4.52 6.56
C ALA A 476 -24.03 -3.40 6.42
N TYR A 477 -24.40 -3.03 5.17
CA TYR A 477 -25.45 -2.02 4.95
C TYR A 477 -26.77 -2.49 5.56
N ARG A 478 -27.10 -3.77 5.35
CA ARG A 478 -28.33 -4.36 5.89
C ARG A 478 -28.28 -4.39 7.42
N ALA A 479 -27.10 -4.64 8.01
CA ALA A 479 -26.95 -4.59 9.47
C ALA A 479 -27.24 -3.15 9.97
N PHE A 480 -26.68 -2.13 9.29
CA PHE A 480 -26.94 -0.71 9.65
C PHE A 480 -28.41 -0.37 9.50
N HIS A 481 -29.07 -0.89 8.45
CA HIS A 481 -30.52 -0.69 8.24
C HIS A 481 -31.29 -1.21 9.45
N GLY A 482 -30.92 -2.38 9.97
CA GLY A 482 -31.52 -2.92 11.18
C GLY A 482 -31.35 -2.01 12.37
N LEU A 483 -30.15 -1.49 12.58
CA LEU A 483 -29.89 -0.53 13.65
C LEU A 483 -30.60 0.83 13.47
N ALA A 484 -30.80 1.29 12.22
CA ALA A 484 -31.38 2.58 11.88
C ALA A 484 -32.92 2.61 11.97
N GLY A 485 -33.55 1.44 12.19
CA GLY A 485 -34.99 1.32 12.33
C GLY A 485 -35.65 0.17 11.59
N GLY A 486 -34.88 -0.59 10.80
CA GLY A 486 -35.37 -1.74 10.07
C GLY A 486 -36.53 -1.46 9.15
N THR A 487 -37.60 -2.22 9.28
CA THR A 487 -38.80 -2.06 8.44
C THR A 487 -39.55 -0.75 8.68
N ASP A 488 -39.23 0.02 9.75
CA ASP A 488 -39.83 1.33 9.95
C ASP A 488 -39.28 2.38 8.99
N VAL A 489 -38.10 2.14 8.39
CA VAL A 489 -37.42 3.13 7.53
C VAL A 489 -37.02 2.50 6.17
N PRO A 490 -36.92 3.31 5.09
CA PRO A 490 -36.44 2.76 3.81
C PRO A 490 -34.94 2.50 3.79
N PHE A 491 -34.55 1.33 3.32
CA PHE A 491 -33.14 0.95 3.15
C PHE A 491 -32.35 2.02 2.38
N SER A 492 -32.93 2.51 1.27
CA SER A 492 -32.30 3.55 0.44
C SER A 492 -31.95 4.81 1.22
N GLU A 493 -32.75 5.21 2.24
CA GLU A 493 -32.44 6.38 3.05
C GLU A 493 -31.25 6.12 3.97
N VAL A 494 -31.09 4.89 4.46
CA VAL A 494 -29.95 4.53 5.31
C VAL A 494 -28.64 4.56 4.52
N VAL A 495 -28.63 4.01 3.31
CA VAL A 495 -27.40 3.88 2.54
C VAL A 495 -27.14 5.08 1.61
N LYS A 496 -27.91 6.18 1.68
CA LYS A 496 -27.64 7.41 0.87
C LYS A 496 -26.23 7.96 1.16
N LEU A 497 -25.69 7.70 2.38
CA LEU A 497 -24.38 8.12 2.84
C LEU A 497 -23.23 7.35 2.17
N ALA A 498 -23.44 6.14 1.67
CA ALA A 498 -22.42 5.31 1.04
C ALA A 498 -21.85 5.97 -0.24
N PRO A 499 -20.64 5.58 -0.64
CA PRO A 499 -20.03 6.18 -1.85
C PRO A 499 -20.84 5.86 -3.10
N ASN A 500 -21.01 6.83 -3.98
CA ASN A 500 -21.79 6.69 -5.21
C ASN A 500 -20.94 6.13 -6.33
N PRO A 501 -21.52 5.27 -7.21
CA PRO A 501 -20.75 4.72 -8.33
C PRO A 501 -20.47 5.80 -9.38
N ARG A 502 -19.50 5.60 -10.24
CA ARG A 502 -19.20 6.69 -11.16
C ARG A 502 -19.90 6.50 -12.51
N LEU A 503 -20.42 7.62 -13.04
CA LEU A 503 -21.11 7.65 -14.32
C LEU A 503 -20.12 7.34 -15.47
N ALA A 504 -20.36 6.28 -16.25
CA ALA A 504 -19.49 5.86 -17.36
C ALA A 504 -20.05 6.20 -18.76
N ALA A 505 -21.38 6.20 -18.93
CA ALA A 505 -21.98 6.48 -20.22
C ALA A 505 -23.45 6.86 -20.11
N THR A 506 -23.89 7.69 -21.04
CA THR A 506 -25.28 8.12 -21.18
C THR A 506 -25.70 7.81 -22.61
N PRO A 507 -26.98 7.45 -22.83
CA PRO A 507 -27.39 7.11 -24.20
C PRO A 507 -27.18 8.22 -25.21
N SER A 508 -26.65 7.85 -26.37
CA SER A 508 -26.41 8.80 -27.44
C SER A 508 -27.72 9.29 -28.02
N PRO A 509 -27.77 10.52 -28.60
CA PRO A 509 -29.00 10.97 -29.24
C PRO A 509 -29.41 10.02 -30.37
N GLY A 510 -30.68 9.65 -30.40
CA GLY A 510 -31.19 8.74 -31.43
C GLY A 510 -31.19 7.27 -31.02
N ALA A 511 -30.58 6.91 -29.87
CA ALA A 511 -30.55 5.54 -29.39
C ALA A 511 -31.96 4.96 -29.27
N SER A 512 -32.86 5.71 -28.64
CA SER A 512 -34.25 5.31 -28.45
C SER A 512 -34.93 4.90 -29.78
N GLN A 513 -34.72 5.70 -30.85
CA GLN A 513 -35.34 5.39 -32.16
C GLN A 513 -34.74 4.14 -32.80
N VAL A 514 -33.42 3.95 -32.66
CA VAL A 514 -32.72 2.80 -33.23
C VAL A 514 -33.21 1.50 -32.58
N TYR A 515 -33.16 1.39 -31.25
CA TYR A 515 -33.45 0.13 -30.60
C TYR A 515 -34.93 -0.14 -30.40
N GLU A 516 -35.82 0.87 -30.48
CA GLU A 516 -37.27 0.59 -30.41
C GLU A 516 -37.68 -0.29 -31.61
N ALA A 517 -37.04 -0.10 -32.75
CA ALA A 517 -37.29 -0.88 -33.97
C ALA A 517 -36.49 -2.19 -34.02
N LEU A 518 -35.24 -2.17 -33.54
CA LEU A 518 -34.36 -3.33 -33.65
C LEU A 518 -34.63 -4.39 -32.57
N LEU A 519 -34.98 -3.98 -31.33
CA LEU A 519 -35.24 -4.92 -30.24
C LEU A 519 -36.32 -5.96 -30.63
N PRO A 520 -37.52 -5.55 -31.14
CA PRO A 520 -38.51 -6.57 -31.60
C PRO A 520 -37.98 -7.51 -32.69
N GLN A 521 -37.12 -7.02 -33.60
CA GLN A 521 -36.56 -7.86 -34.68
C GLN A 521 -35.58 -8.88 -34.11
N TYR A 522 -34.76 -8.47 -33.12
CA TYR A 522 -33.85 -9.39 -32.45
C TYR A 522 -34.65 -10.45 -31.71
N ALA A 523 -35.72 -10.03 -31.00
CA ALA A 523 -36.58 -10.95 -30.26
C ALA A 523 -37.25 -11.99 -31.22
N LYS A 524 -37.73 -11.55 -32.39
CA LYS A 524 -38.34 -12.47 -33.38
C LYS A 524 -37.30 -13.47 -33.93
N LEU A 525 -36.06 -13.02 -34.19
CA LEU A 525 -35.02 -13.94 -34.68
C LEU A 525 -34.67 -14.94 -33.61
N GLU A 526 -34.64 -14.51 -32.34
CA GLU A 526 -34.40 -15.44 -31.24
C GLU A 526 -35.48 -16.51 -31.21
N GLN A 527 -36.76 -16.11 -31.37
CA GLN A 527 -37.89 -17.05 -31.39
C GLN A 527 -37.78 -18.00 -32.58
N ARG A 528 -37.36 -17.48 -33.77
CA ARG A 528 -37.11 -18.30 -34.95
C ARG A 528 -36.07 -19.39 -34.64
N ILE A 529 -34.93 -19.04 -34.00
CA ILE A 529 -33.86 -20.01 -33.69
C ILE A 529 -34.37 -21.07 -32.69
N LEU A 530 -35.07 -20.64 -31.63
CA LEU A 530 -35.68 -21.55 -30.66
C LEU A 530 -36.70 -22.51 -31.29
N SER A 531 -37.53 -22.05 -32.25
CA SER A 531 -38.54 -22.90 -32.91
C SER A 531 -37.92 -23.95 -33.86
N GLN A 532 -36.67 -23.73 -34.31
CA GLN A 532 -35.94 -24.68 -35.16
C GLN A 532 -35.05 -25.58 -34.27
N THR A 533 -34.90 -25.25 -32.97
CA THR A 533 -34.10 -26.00 -31.99
C THR A 533 -32.62 -25.98 -32.41
N PRO B 8 -4.21 17.39 29.75
CA PRO B 8 -2.83 17.67 29.35
C PRO B 8 -2.07 16.36 29.15
N ARG B 9 -1.78 16.01 27.89
CA ARG B 9 -1.10 14.74 27.56
C ARG B 9 0.42 14.79 27.69
N ARG B 10 0.96 14.46 28.86
CA ARG B 10 2.41 14.38 29.05
C ARG B 10 2.90 13.04 28.52
N CYS B 11 4.16 12.97 28.04
CA CYS B 11 4.65 11.71 27.48
C CYS B 11 6.14 11.56 27.65
N CYS B 12 6.61 10.34 27.37
CA CYS B 12 8.01 10.02 27.20
C CYS B 12 8.19 9.47 25.79
N LEU B 13 9.37 9.70 25.23
CA LEU B 13 9.78 9.14 23.95
C LEU B 13 10.66 7.91 24.20
N GLY B 14 10.43 6.87 23.38
CA GLY B 14 11.22 5.66 23.37
C GLY B 14 11.80 5.46 21.97
N TRP B 15 13.12 5.58 21.86
CA TRP B 15 13.86 5.48 20.60
C TRP B 15 14.44 4.09 20.35
N ASP B 16 14.68 3.77 19.08
CA ASP B 16 15.34 2.53 18.70
C ASP B 16 16.20 2.77 17.48
N PHE B 17 17.53 2.82 17.69
CA PHE B 17 18.54 2.98 16.62
C PHE B 17 18.86 1.59 16.18
N SER B 18 18.09 1.11 15.21
CA SER B 18 18.15 -0.27 14.76
C SER B 18 18.99 -0.43 13.49
N THR B 19 19.18 -1.66 13.05
CA THR B 19 20.00 -1.92 11.86
C THR B 19 19.47 -1.29 10.59
N GLN B 20 18.16 -1.35 10.35
CA GLN B 20 17.52 -0.87 9.12
C GLN B 20 16.80 0.44 9.23
N GLN B 21 16.66 0.97 10.46
CA GLN B 21 15.90 2.17 10.66
C GLN B 21 16.13 2.78 12.04
N VAL B 22 15.70 4.01 12.17
CA VAL B 22 15.57 4.72 13.45
C VAL B 22 14.08 4.81 13.65
N LYS B 23 13.59 4.35 14.82
CA LYS B 23 12.18 4.39 15.16
C LYS B 23 11.99 5.07 16.50
N VAL B 24 10.83 5.65 16.71
CA VAL B 24 10.44 6.31 17.95
C VAL B 24 8.97 6.06 18.22
N VAL B 25 8.62 5.96 19.50
CA VAL B 25 7.24 5.92 19.96
C VAL B 25 7.09 6.97 21.04
N ALA B 26 5.90 7.56 21.14
CA ALA B 26 5.53 8.45 22.23
C ALA B 26 4.49 7.69 23.06
N VAL B 27 4.78 7.56 24.38
CA VAL B 27 3.94 6.88 25.35
C VAL B 27 3.43 7.89 26.38
N ASP B 28 2.11 7.93 26.62
CA ASP B 28 1.52 8.88 27.54
C ASP B 28 1.69 8.37 29.01
N ALA B 29 1.35 9.20 30.02
CA ALA B 29 1.53 8.85 31.43
C ALA B 29 0.63 7.70 31.88
N GLU B 30 -0.39 7.34 31.09
CA GLU B 30 -1.20 6.17 31.33
C GLU B 30 -0.60 4.92 30.70
N LEU B 31 0.55 5.08 30.01
CA LEU B 31 1.34 4.07 29.36
C LEU B 31 0.67 3.52 28.11
N ASN B 32 -0.04 4.40 27.40
CA ASN B 32 -0.57 4.12 26.07
C ASN B 32 0.37 4.66 25.02
N VAL B 33 0.65 3.85 24.00
CA VAL B 33 1.40 4.30 22.82
C VAL B 33 0.39 5.06 21.96
N PHE B 34 0.65 6.33 21.67
CA PHE B 34 -0.26 7.12 20.86
C PHE B 34 0.42 7.70 19.60
N TYR B 35 1.71 7.47 19.42
CA TYR B 35 2.42 8.00 18.28
C TYR B 35 3.63 7.13 17.95
N GLU B 36 3.88 6.92 16.65
CA GLU B 36 5.04 6.16 16.19
C GLU B 36 5.52 6.76 14.87
N GLU B 37 6.84 6.77 14.67
CA GLU B 37 7.42 7.29 13.44
C GLU B 37 8.76 6.60 13.21
N SER B 38 9.17 6.55 11.93
CA SER B 38 10.43 5.91 11.58
C SER B 38 11.04 6.50 10.32
N VAL B 39 12.37 6.33 10.20
CA VAL B 39 13.20 6.68 9.04
C VAL B 39 13.93 5.40 8.67
N HIS B 40 13.74 4.94 7.42
CA HIS B 40 14.29 3.70 6.91
C HIS B 40 15.53 4.05 6.08
N PHE B 41 16.67 3.52 6.48
CA PHE B 41 17.97 3.89 5.89
C PHE B 41 18.09 3.71 4.36
N ASP B 42 17.87 2.51 3.82
CA ASP B 42 17.98 2.30 2.35
C ASP B 42 17.02 3.20 1.55
N ARG B 43 15.76 3.28 2.01
CA ARG B 43 14.71 4.06 1.32
C ARG B 43 14.89 5.57 1.47
N ASP B 44 15.18 6.07 2.68
CA ASP B 44 15.19 7.50 2.97
C ASP B 44 16.57 8.14 2.89
N LEU B 45 17.64 7.37 3.03
CA LEU B 45 19.03 7.87 2.84
C LEU B 45 19.74 6.98 1.82
N PRO B 46 19.16 6.85 0.60
CA PRO B 46 19.75 5.95 -0.42
C PRO B 46 21.18 6.32 -0.84
N GLU B 47 21.60 7.59 -0.69
CA GLU B 47 22.95 8.04 -1.09
C GLU B 47 24.10 7.29 -0.37
N PHE B 48 23.83 6.64 0.77
CA PHE B 48 24.86 5.88 1.46
C PHE B 48 25.10 4.51 0.82
N GLY B 49 24.21 4.06 -0.08
CA GLY B 49 24.39 2.79 -0.78
C GLY B 49 24.28 1.55 0.07
N THR B 50 23.54 1.61 1.20
CA THR B 50 23.39 0.42 2.05
C THR B 50 22.33 -0.54 1.46
N GLN B 51 22.36 -1.78 1.93
CA GLN B 51 21.35 -2.81 1.65
C GLN B 51 21.02 -3.41 3.02
N GLY B 52 19.78 -3.28 3.45
CA GLY B 52 19.41 -3.69 4.79
C GLY B 52 20.05 -2.80 5.87
N GLY B 53 20.38 -1.56 5.51
CA GLY B 53 21.01 -0.60 6.42
C GLY B 53 22.50 -0.77 6.64
N VAL B 54 23.13 -1.73 5.94
CA VAL B 54 24.54 -2.06 6.12
C VAL B 54 25.27 -2.19 4.79
N HIS B 55 26.60 -2.24 4.88
CA HIS B 55 27.53 -2.56 3.78
C HIS B 55 28.21 -3.85 4.12
N VAL B 56 27.98 -4.94 3.35
CA VAL B 56 28.71 -6.20 3.52
C VAL B 56 29.94 -6.02 2.66
N HIS B 57 31.13 -6.08 3.24
CA HIS B 57 32.35 -5.81 2.48
C HIS B 57 32.72 -7.01 1.58
N LYS B 58 33.72 -6.82 0.71
CA LYS B 58 34.16 -7.85 -0.27
C LYS B 58 34.54 -9.17 0.39
N ASP B 59 35.16 -9.12 1.60
CA ASP B 59 35.52 -10.36 2.32
C ASP B 59 34.30 -11.22 2.72
N GLY B 60 33.08 -10.69 2.65
CA GLY B 60 31.88 -11.42 3.04
C GLY B 60 31.70 -11.58 4.53
N LEU B 61 32.57 -10.95 5.35
CA LEU B 61 32.58 -11.06 6.82
C LEU B 61 32.46 -9.71 7.52
N THR B 62 33.08 -8.66 6.97
CA THR B 62 33.05 -7.33 7.55
C THR B 62 31.70 -6.69 7.17
N VAL B 63 30.97 -6.21 8.18
CA VAL B 63 29.65 -5.60 8.00
C VAL B 63 29.63 -4.32 8.80
N THR B 64 29.41 -3.19 8.11
CA THR B 64 29.41 -1.87 8.74
C THR B 64 28.22 -1.01 8.28
N SER B 65 28.02 0.10 9.00
CA SER B 65 27.05 1.16 8.66
C SER B 65 27.74 2.50 8.82
N PRO B 66 27.48 3.48 7.97
CA PRO B 66 28.11 4.80 8.13
C PRO B 66 27.53 5.53 9.34
N VAL B 67 28.39 5.99 10.25
CA VAL B 67 27.92 6.68 11.44
C VAL B 67 27.10 7.92 11.09
N LEU B 68 27.55 8.66 10.10
CA LEU B 68 26.86 9.89 9.73
C LEU B 68 25.48 9.63 9.11
N TRP B 70 23.34 7.41 10.53
CA TRP B 70 22.57 7.34 11.77
C TRP B 70 22.27 8.76 12.28
N VAL B 71 23.26 9.65 12.19
CA VAL B 71 23.12 11.06 12.62
C VAL B 71 22.10 11.78 11.74
N GLN B 72 22.24 11.64 10.41
CA GLN B 72 21.33 12.29 9.50
C GLN B 72 19.91 11.69 9.65
N ALA B 73 19.76 10.38 9.95
CA ALA B 73 18.42 9.78 10.18
C ALA B 73 17.73 10.44 11.38
N LEU B 74 18.50 10.80 12.42
CA LEU B 74 17.92 11.47 13.58
C LEU B 74 17.41 12.87 13.15
N ASP B 75 18.17 13.58 12.28
CA ASP B 75 17.71 14.88 11.78
C ASP B 75 16.40 14.74 11.07
N ILE B 76 16.32 13.73 10.20
CA ILE B 76 15.14 13.52 9.36
C ILE B 76 13.92 13.17 10.21
N ILE B 77 14.07 12.23 11.14
CA ILE B 77 12.92 11.82 11.96
C ILE B 77 12.42 13.00 12.85
N LEU B 78 13.29 13.82 13.42
CA LEU B 78 12.82 14.94 14.25
C LEU B 78 12.08 16.00 13.41
N GLU B 79 12.54 16.23 12.20
CA GLU B 79 11.88 17.16 11.29
C GLU B 79 10.53 16.58 10.76
N LYS B 80 10.49 15.25 10.53
CA LYS B 80 9.27 14.56 10.12
C LYS B 80 8.21 14.64 11.26
N LYS B 82 8.10 16.99 13.68
CA LYS B 82 7.72 18.40 13.74
C LYS B 82 6.74 18.77 12.60
N ALA B 83 6.98 18.33 11.36
CA ALA B 83 6.08 18.58 10.23
C ALA B 83 4.70 17.96 10.45
N SER B 84 4.62 16.81 11.16
CA SER B 84 3.36 16.11 11.44
C SER B 84 2.56 16.77 12.59
N GLY B 85 3.14 17.76 13.27
CA GLY B 85 2.52 18.47 14.38
C GLY B 85 2.78 17.85 15.74
N PHE B 86 3.84 17.03 15.90
CA PHE B 86 4.16 16.44 17.21
C PHE B 86 4.45 17.54 18.22
N ASP B 87 3.82 17.47 19.40
CA ASP B 87 4.00 18.49 20.44
C ASP B 87 5.17 18.09 21.34
N PHE B 88 6.36 18.59 21.03
CA PHE B 88 7.58 18.30 21.79
C PHE B 88 7.58 18.88 23.20
N SER B 89 6.76 19.94 23.47
CA SER B 89 6.70 20.56 24.79
C SER B 89 6.14 19.61 25.86
N GLN B 90 5.42 18.54 25.45
CA GLN B 90 4.83 17.54 26.34
C GLN B 90 5.80 16.40 26.74
N VAL B 91 7.03 16.39 26.19
CA VAL B 91 8.00 15.32 26.46
C VAL B 91 8.71 15.55 27.80
N LEU B 92 8.41 14.73 28.80
CA LEU B 92 9.02 14.84 30.15
C LEU B 92 10.38 14.18 30.23
N ALA B 93 10.53 13.08 29.50
CA ALA B 93 11.79 12.35 29.48
C ALA B 93 11.90 11.48 28.24
N LEU B 94 13.09 11.01 27.96
CA LEU B 94 13.29 10.10 26.84
C LEU B 94 14.40 9.15 27.12
N SER B 95 14.31 7.98 26.52
CA SER B 95 15.37 7.02 26.51
C SER B 95 15.33 6.28 25.18
N GLY B 96 16.22 5.33 25.02
CA GLY B 96 16.28 4.59 23.80
C GLY B 96 17.12 3.35 23.84
N ALA B 97 17.05 2.67 22.74
CA ALA B 97 17.77 1.44 22.52
C ALA B 97 18.64 1.56 21.26
N GLY B 98 19.74 0.83 21.28
CA GLY B 98 20.63 0.70 20.16
C GLY B 98 20.80 -0.76 19.83
N GLN B 99 20.87 -1.05 18.52
CA GLN B 99 21.29 -2.37 18.05
C GLN B 99 22.56 -2.74 18.81
N GLN B 100 22.62 -3.92 19.40
CA GLN B 100 23.73 -4.19 20.31
C GLN B 100 25.07 -4.35 19.61
N HIS B 101 26.12 -4.16 20.41
CA HIS B 101 27.51 -4.41 20.06
C HIS B 101 28.19 -3.37 19.13
N GLY B 102 27.48 -2.82 18.15
CA GLY B 102 28.03 -1.85 17.21
C GLY B 102 28.68 -0.67 17.91
N SER B 103 29.74 -0.14 17.31
CA SER B 103 30.55 0.87 17.98
C SER B 103 30.85 2.10 17.12
N ILE B 104 31.00 3.24 17.80
CA ILE B 104 31.28 4.56 17.23
C ILE B 104 32.58 5.04 17.80
N TYR B 105 33.42 5.62 16.94
CA TYR B 105 34.76 6.09 17.29
C TYR B 105 34.79 7.59 17.08
N TRP B 106 34.76 8.34 18.18
CA TRP B 106 34.73 9.79 18.14
C TRP B 106 36.15 10.33 18.07
N LYS B 107 36.39 11.21 17.12
CA LYS B 107 37.69 11.81 16.88
C LYS B 107 38.04 12.81 17.98
N ALA B 108 39.35 12.99 18.22
CA ALA B 108 39.87 14.00 19.15
C ALA B 108 39.30 15.36 18.79
N GLY B 109 38.69 16.03 19.77
CA GLY B 109 38.03 17.33 19.59
C GLY B 109 36.54 17.26 19.31
N ALA B 110 35.95 16.06 19.15
CA ALA B 110 34.52 15.94 18.83
C ALA B 110 33.60 16.42 19.94
N GLN B 111 33.95 16.28 21.23
CA GLN B 111 33.03 16.73 22.28
C GLN B 111 32.81 18.24 22.22
N GLN B 112 33.80 19.01 21.73
CA GLN B 112 33.66 20.47 21.57
C GLN B 112 32.54 20.77 20.57
N ALA B 113 32.46 20.01 19.45
CA ALA B 113 31.38 20.16 18.46
C ALA B 113 30.03 19.77 19.09
N LEU B 114 29.98 18.66 19.86
CA LEU B 114 28.73 18.24 20.53
C LEU B 114 28.18 19.25 21.50
N THR B 115 29.03 19.82 22.35
CA THR B 115 28.62 20.77 23.39
C THR B 115 28.33 22.18 22.83
N SER B 116 28.70 22.47 21.59
CA SER B 116 28.50 23.79 20.98
C SER B 116 27.53 23.73 19.79
N LEU B 117 26.62 22.75 19.76
CA LEU B 117 25.63 22.64 18.66
C LEU B 117 24.73 23.89 18.58
N SER B 118 24.55 24.43 17.37
CA SER B 118 23.66 25.56 17.10
C SER B 118 22.29 25.05 16.65
N PRO B 119 21.17 25.53 17.24
CA PRO B 119 19.83 25.08 16.79
C PRO B 119 19.44 25.50 15.36
N ASP B 120 20.21 26.37 14.70
CA ASP B 120 19.94 26.80 13.33
C ASP B 120 20.34 25.75 12.28
N LEU B 121 21.20 24.81 12.66
CA LEU B 121 21.75 23.81 11.75
C LEU B 121 21.35 22.41 12.17
N ARG B 122 21.46 21.48 11.24
CA ARG B 122 21.21 20.07 11.48
C ARG B 122 22.43 19.43 12.15
N LEU B 123 22.23 18.31 12.82
CA LEU B 123 23.31 17.55 13.46
C LEU B 123 24.34 17.05 12.44
N HIS B 124 23.87 16.48 11.32
CA HIS B 124 24.76 15.90 10.31
C HIS B 124 25.80 16.91 9.81
N GLN B 125 25.36 18.13 9.54
CA GLN B 125 26.28 19.19 9.07
C GLN B 125 27.32 19.56 10.17
N GLN B 126 26.88 19.65 11.45
CA GLN B 126 27.76 20.06 12.56
C GLN B 126 28.67 18.95 13.05
N LEU B 127 28.26 17.66 12.93
CA LEU B 127 29.07 16.54 13.40
C LEU B 127 29.82 15.83 12.25
N GLN B 128 29.88 16.44 11.04
CA GLN B 128 30.51 15.90 9.83
C GLN B 128 31.95 15.39 10.03
N ASP B 129 32.79 16.12 10.79
CA ASP B 129 34.21 15.76 10.96
C ASP B 129 34.52 15.20 12.36
N CYS B 130 33.52 14.66 13.07
CA CYS B 130 33.69 14.21 14.46
C CYS B 130 34.04 12.74 14.63
N PHE B 131 34.16 11.96 13.56
CA PHE B 131 34.37 10.52 13.71
C PHE B 131 35.68 10.06 13.09
N SER B 132 36.50 9.34 13.85
CA SER B 132 37.80 8.81 13.36
C SER B 132 37.60 7.56 12.52
N ILE B 133 36.43 6.92 12.61
CA ILE B 133 36.04 5.72 11.83
C ILE B 133 34.69 6.06 11.23
N SER B 134 34.59 6.11 9.90
CA SER B 134 33.34 6.49 9.27
C SER B 134 32.37 5.28 9.15
N ASP B 135 32.89 4.04 8.97
CA ASP B 135 32.12 2.82 8.81
C ASP B 135 32.21 2.00 10.08
N CYS B 136 31.13 2.05 10.87
CA CYS B 136 31.03 1.40 12.15
C CYS B 136 30.76 -0.06 12.01
N PRO B 137 31.49 -0.91 12.75
CA PRO B 137 31.14 -2.34 12.77
C PRO B 137 29.83 -2.51 13.50
N VAL B 138 28.96 -3.39 12.98
CA VAL B 138 27.66 -3.65 13.56
C VAL B 138 27.59 -5.12 13.98
N TRP B 139 26.45 -5.51 14.57
CA TRP B 139 26.23 -6.84 15.15
C TRP B 139 26.37 -7.99 14.13
N ASP B 141 28.71 -8.25 11.87
CA ASP B 141 30.12 -8.47 11.53
C ASP B 141 30.65 -9.79 12.14
N SER B 142 31.38 -10.56 11.34
CA SER B 142 31.99 -11.84 11.78
C SER B 142 33.44 -11.93 11.30
N SER B 143 34.13 -10.80 11.23
CA SER B 143 35.48 -10.70 10.70
C SER B 143 36.62 -10.73 11.75
N THR B 144 36.30 -10.97 13.01
CA THR B 144 37.27 -10.82 14.10
C THR B 144 37.59 -12.14 14.84
N THR B 145 37.54 -13.28 14.14
CA THR B 145 37.84 -14.56 14.78
C THR B 145 39.24 -14.58 15.41
N ALA B 146 40.25 -14.02 14.74
CA ALA B 146 41.62 -14.00 15.29
C ALA B 146 41.70 -13.22 16.63
N GLN B 147 40.96 -12.10 16.72
CA GLN B 147 40.89 -11.27 17.92
C GLN B 147 40.16 -12.01 19.03
N CYS B 148 39.11 -12.73 18.69
CA CYS B 148 38.37 -13.56 19.63
C CYS B 148 39.30 -14.60 20.27
N ARG B 149 40.11 -15.28 19.42
CA ARG B 149 41.05 -16.30 19.90
C ARG B 149 42.10 -15.67 20.78
N GLN B 150 42.63 -14.49 20.39
CA GLN B 150 43.62 -13.79 21.22
C GLN B 150 43.05 -13.32 22.54
N LEU B 151 41.81 -12.84 22.58
CA LEU B 151 41.22 -12.38 23.82
C LEU B 151 40.99 -13.56 24.79
N GLU B 152 40.45 -14.68 24.30
CA GLU B 152 40.23 -15.87 25.14
C GLU B 152 41.56 -16.42 25.67
N ALA B 153 42.60 -16.48 24.83
CA ALA B 153 43.92 -16.97 25.27
C ALA B 153 44.55 -16.03 26.31
N ALA B 154 44.40 -14.71 26.10
CA ALA B 154 44.94 -13.71 27.01
C ALA B 154 44.37 -13.80 28.43
N VAL B 155 43.09 -14.17 28.60
CA VAL B 155 42.48 -14.17 29.94
C VAL B 155 42.31 -15.61 30.54
N GLY B 156 42.91 -16.63 29.91
CA GLY B 156 42.87 -17.99 30.43
C GLY B 156 41.84 -18.93 29.83
N GLY B 157 41.29 -18.56 28.68
CA GLY B 157 40.35 -19.40 27.95
C GLY B 157 38.94 -18.89 27.84
N ALA B 158 38.16 -19.60 27.02
CA ALA B 158 36.77 -19.25 26.70
C ALA B 158 35.88 -19.23 27.92
N GLN B 159 36.01 -20.25 28.81
CA GLN B 159 35.20 -20.27 30.02
C GLN B 159 35.58 -19.15 30.96
N ALA B 160 36.89 -18.87 31.10
CA ALA B 160 37.38 -17.77 31.94
C ALA B 160 36.80 -16.42 31.47
N LEU B 161 36.80 -16.19 30.16
CA LEU B 161 36.22 -14.97 29.60
C LEU B 161 34.70 -14.89 29.87
N SER B 162 33.98 -16.01 29.78
CA SER B 162 32.54 -16.02 30.06
C SER B 162 32.27 -15.79 31.55
N CYS B 163 33.02 -16.41 32.46
CA CYS B 163 32.84 -16.19 33.92
C CYS B 163 32.92 -14.68 34.25
N LEU B 164 33.83 -14.05 33.59
CA LEU B 164 34.11 -12.64 33.78
C LEU B 164 33.08 -11.70 33.10
N THR B 165 32.80 -11.90 31.81
CA THR B 165 32.01 -10.97 31.01
C THR B 165 30.59 -11.47 30.59
N GLY B 166 30.24 -12.70 30.95
CA GLY B 166 28.94 -13.30 30.67
C GLY B 166 28.83 -14.05 29.36
N SER B 167 29.86 -13.93 28.52
CA SER B 167 29.96 -14.58 27.21
C SER B 167 31.41 -14.94 26.94
N ARG B 168 31.62 -16.04 26.17
CA ARG B 168 32.94 -16.32 25.64
C ARG B 168 33.14 -15.25 24.52
N ALA B 169 34.24 -15.29 23.78
CA ALA B 169 34.45 -14.26 22.77
C ALA B 169 33.57 -14.52 21.54
N TYR B 170 32.78 -13.53 21.14
CA TYR B 170 31.95 -13.59 19.92
C TYR B 170 32.43 -12.51 19.00
N GLU B 171 32.48 -12.82 17.71
CA GLU B 171 33.03 -11.91 16.72
C GLU B 171 32.39 -10.53 16.72
N ARG B 172 31.08 -10.47 16.90
CA ARG B 172 30.37 -9.18 16.92
C ARG B 172 30.58 -8.37 18.20
N PHE B 173 31.02 -9.00 19.30
CA PHE B 173 31.17 -8.29 20.58
C PHE B 173 32.25 -7.24 20.44
N THR B 174 31.95 -6.05 20.98
CA THR B 174 32.70 -4.82 20.78
C THR B 174 34.21 -4.88 21.03
N GLY B 175 34.66 -5.52 22.12
CA GLY B 175 36.09 -5.60 22.43
C GLY B 175 36.92 -6.15 21.30
N ASN B 176 36.38 -7.16 20.60
CA ASN B 176 37.04 -7.81 19.47
C ASN B 176 37.07 -6.87 18.26
N GLN B 177 36.02 -6.06 18.08
CA GLN B 177 35.97 -5.07 17.00
C GLN B 177 36.97 -3.94 17.26
N ILE B 178 37.05 -3.49 18.51
CA ILE B 178 38.00 -2.45 18.90
C ILE B 178 39.43 -2.95 18.64
N ALA B 179 39.71 -4.21 19.05
CA ALA B 179 41.02 -4.85 18.85
C ALA B 179 41.40 -4.87 17.39
N LYS B 180 40.44 -5.20 16.51
CA LYS B 180 40.73 -5.23 15.07
C LYS B 180 41.05 -3.82 14.51
N ILE B 181 40.28 -2.79 14.93
CA ILE B 181 40.54 -1.41 14.51
C ILE B 181 41.92 -0.96 15.01
N TYR B 182 42.21 -1.21 16.26
CA TYR B 182 43.53 -0.84 16.78
C TYR B 182 44.65 -1.52 15.93
N GLN B 183 44.53 -2.83 15.70
CA GLN B 183 45.55 -3.61 14.99
C GLN B 183 45.71 -3.18 13.52
N GLN B 184 44.61 -2.91 12.82
CA GLN B 184 44.63 -2.56 11.39
C GLN B 184 44.69 -1.07 11.09
N ASN B 185 44.16 -0.23 12.00
CA ASN B 185 44.15 1.21 11.81
C ASN B 185 44.58 1.89 13.12
N PRO B 186 45.85 1.66 13.52
CA PRO B 186 46.33 2.24 14.79
C PRO B 186 46.34 3.77 14.81
N GLU B 187 46.48 4.43 13.63
CA GLU B 187 46.47 5.89 13.54
C GLU B 187 45.06 6.42 13.87
N ALA B 188 43.99 5.85 13.30
CA ALA B 188 42.63 6.26 13.63
C ALA B 188 42.32 5.98 15.11
N TYR B 189 42.78 4.82 15.66
CA TYR B 189 42.54 4.50 17.07
C TYR B 189 43.25 5.54 17.99
N SER B 190 44.47 5.95 17.62
CA SER B 190 45.23 6.95 18.40
C SER B 190 44.55 8.33 18.36
N HIS B 191 43.81 8.64 17.29
CA HIS B 191 43.08 9.89 17.15
C HIS B 191 41.66 9.77 17.65
N THR B 192 41.32 8.68 18.40
CA THR B 192 39.98 8.49 18.98
C THR B 192 39.99 8.91 20.45
N GLU B 193 39.15 9.84 20.85
CA GLU B 193 39.06 10.25 22.26
C GLU B 193 37.97 9.50 23.01
N ARG B 194 36.98 8.95 22.30
CA ARG B 194 35.86 8.30 22.93
C ARG B 194 35.31 7.19 22.03
N ILE B 195 34.92 6.07 22.64
CA ILE B 195 34.30 4.94 21.96
C ILE B 195 32.94 4.71 22.62
N SER B 196 31.89 4.70 21.81
CA SER B 196 30.53 4.49 22.25
C SER B 196 29.93 3.26 21.62
N LEU B 197 28.89 2.73 22.25
CA LEU B 197 28.02 1.72 21.65
C LEU B 197 27.00 2.50 20.88
N VAL B 198 26.24 1.87 19.97
CA VAL B 198 25.19 2.58 19.26
C VAL B 198 24.22 3.24 20.30
N SER B 199 23.85 2.51 21.35
CA SER B 199 22.98 3.01 22.40
C SER B 199 23.52 4.31 23.04
N SER B 200 24.77 4.29 23.52
CA SER B 200 25.35 5.45 24.21
C SER B 200 25.72 6.56 23.21
N PHE B 201 25.99 6.21 21.95
CA PHE B 201 26.19 7.19 20.90
C PHE B 201 24.89 8.00 20.72
N ALA B 202 23.75 7.33 20.61
CA ALA B 202 22.45 7.98 20.43
C ALA B 202 22.12 8.87 21.64
N ALA B 203 22.37 8.38 22.84
CA ALA B 203 22.14 9.17 24.05
C ALA B 203 23.03 10.43 24.03
N SER B 204 24.27 10.31 23.53
CA SER B 204 25.20 11.42 23.46
C SER B 204 24.67 12.53 22.54
N LEU B 205 24.06 12.15 21.41
CA LEU B 205 23.42 13.09 20.48
C LEU B 205 22.33 13.89 21.19
N PHE B 206 21.50 13.24 22.02
CA PHE B 206 20.44 13.94 22.74
C PHE B 206 20.98 14.83 23.87
N LEU B 207 22.06 14.40 24.53
CA LEU B 207 22.69 15.18 25.61
C LEU B 207 23.45 16.39 25.11
N GLY B 208 24.02 16.28 23.91
CA GLY B 208 24.95 17.27 23.40
C GLY B 208 26.27 17.18 24.17
N SER B 209 26.59 15.98 24.69
CA SER B 209 27.81 15.65 25.43
C SER B 209 27.91 14.11 25.47
N TYR B 210 29.07 13.57 25.82
CA TYR B 210 29.23 12.12 25.85
C TYR B 210 28.42 11.47 26.95
N SER B 211 27.59 10.50 26.58
CA SER B 211 26.88 9.70 27.54
C SER B 211 27.76 8.54 27.98
N PRO B 212 27.66 8.11 29.23
CA PRO B 212 28.32 6.86 29.59
C PRO B 212 27.60 5.66 28.97
N ILE B 213 28.23 4.51 29.02
CA ILE B 213 27.67 3.23 28.60
C ILE B 213 26.97 2.63 29.82
N ASP B 214 25.80 1.98 29.64
CA ASP B 214 25.10 1.38 30.76
C ASP B 214 25.62 -0.03 31.05
N TYR B 215 25.32 -0.57 32.22
CA TYR B 215 25.78 -1.92 32.58
C TYR B 215 25.28 -3.00 31.61
N SER B 216 24.03 -2.88 31.16
CA SER B 216 23.41 -3.93 30.37
C SER B 216 23.97 -3.98 28.96
N ASP B 217 23.92 -2.88 28.19
CA ASP B 217 24.50 -2.93 26.85
C ASP B 217 26.05 -3.07 26.95
N GLY B 218 26.63 -2.54 28.03
CA GLY B 218 28.05 -2.66 28.33
C GLY B 218 28.51 -4.11 28.52
N SER B 219 27.56 -5.02 28.81
CA SER B 219 27.80 -6.45 28.95
C SER B 219 27.95 -7.19 27.61
N GLY B 220 27.74 -6.49 26.46
CA GLY B 220 27.86 -7.07 25.13
C GLY B 220 29.18 -6.75 24.45
N ASN B 222 32.58 -8.17 25.81
CA ASN B 222 33.70 -8.98 26.31
C ASN B 222 34.70 -8.07 27.07
N LEU B 223 34.19 -7.00 27.73
CA LEU B 223 35.03 -6.07 28.49
C LEU B 223 34.56 -5.83 29.91
N LEU B 224 33.24 -5.80 30.15
CA LEU B 224 32.73 -5.50 31.49
C LEU B 224 32.73 -6.73 32.41
N GLN B 225 33.24 -6.56 33.64
CA GLN B 225 33.12 -7.59 34.67
C GLN B 225 31.68 -7.50 35.16
N ILE B 226 30.85 -8.48 34.79
CA ILE B 226 29.41 -8.41 35.07
C ILE B 226 29.10 -8.47 36.57
N GLN B 227 29.91 -9.16 37.36
CA GLN B 227 29.66 -9.25 38.81
C GLN B 227 29.90 -7.96 39.56
N ASP B 228 31.08 -7.38 39.36
CA ASP B 228 31.53 -6.16 40.04
C ASP B 228 31.16 -4.87 39.30
N LYS B 229 30.68 -4.97 38.03
CA LYS B 229 30.23 -3.85 37.22
C LYS B 229 31.28 -2.76 37.04
N VAL B 230 32.50 -3.22 36.79
CA VAL B 230 33.67 -2.41 36.43
C VAL B 230 34.28 -3.04 35.16
N TRP B 231 35.03 -2.27 34.37
CA TRP B 231 35.71 -2.82 33.21
C TRP B 231 36.77 -3.82 33.67
N SER B 232 36.89 -4.97 33.00
CA SER B 232 37.99 -5.90 33.30
C SER B 232 39.32 -5.32 32.74
N GLN B 233 40.31 -5.09 33.60
CA GLN B 233 41.62 -4.57 33.18
C GLN B 233 42.31 -5.56 32.22
N ALA B 234 42.19 -6.88 32.50
CA ALA B 234 42.74 -7.94 31.67
C ALA B 234 42.11 -7.90 30.25
N CYS B 235 40.78 -7.74 30.16
CA CYS B 235 40.10 -7.71 28.87
C CYS B 235 40.46 -6.44 28.11
N LEU B 236 40.44 -5.29 28.80
CA LEU B 236 40.78 -4.00 28.17
C LEU B 236 42.15 -4.05 27.54
N GLY B 237 43.14 -4.47 28.33
CA GLY B 237 44.53 -4.57 27.90
C GLY B 237 44.79 -5.54 26.76
N ALA B 238 44.02 -6.61 26.69
CA ALA B 238 44.13 -7.59 25.62
C ALA B 238 43.48 -7.10 24.32
N CYS B 239 42.62 -6.07 24.39
CA CYS B 239 41.94 -5.56 23.19
C CYS B 239 42.71 -4.38 22.58
N ALA B 240 42.93 -3.28 23.32
CA ALA B 240 43.59 -2.10 22.75
C ALA B 240 44.10 -1.20 23.86
N PRO B 241 45.25 -0.50 23.67
CA PRO B 241 45.85 0.32 24.75
C PRO B 241 45.02 1.57 25.06
N HIS B 242 45.11 2.08 26.28
CA HIS B 242 44.39 3.26 26.76
C HIS B 242 42.87 3.17 26.51
N LEU B 243 42.30 1.96 26.53
CA LEU B 243 40.89 1.78 26.22
C LEU B 243 39.97 2.27 27.34
N GLU B 244 40.36 2.09 28.61
CA GLU B 244 39.50 2.53 29.71
C GLU B 244 39.13 4.02 29.60
N GLU B 245 40.11 4.86 29.29
CA GLU B 245 39.91 6.31 29.12
C GLU B 245 38.89 6.64 28.03
N LYS B 246 38.86 5.85 26.96
CA LYS B 246 37.98 6.07 25.80
C LYS B 246 36.54 5.63 26.11
N LEU B 247 36.37 4.71 27.03
CA LEU B 247 35.04 4.17 27.39
C LEU B 247 34.38 4.94 28.48
N SER B 248 35.18 5.42 29.47
CA SER B 248 34.68 6.10 30.65
C SER B 248 33.95 5.08 31.57
N PRO B 249 33.74 5.37 32.88
CA PRO B 249 33.08 4.38 33.75
C PRO B 249 31.65 4.06 33.31
N PRO B 250 31.24 2.77 33.42
CA PRO B 250 29.86 2.41 33.07
C PRO B 250 28.90 2.80 34.20
N VAL B 251 27.61 2.91 33.88
CA VAL B 251 26.61 3.34 34.86
C VAL B 251 25.41 2.39 34.92
N PRO B 252 24.65 2.42 36.04
CA PRO B 252 23.39 1.68 36.08
C PRO B 252 22.47 2.15 34.94
N SER B 253 21.75 1.23 34.34
CA SER B 253 20.88 1.52 33.20
C SER B 253 19.81 2.55 33.58
N CYS B 254 19.32 2.53 34.83
CA CYS B 254 18.35 3.53 35.26
C CYS B 254 19.08 4.69 35.90
N SER B 255 19.73 5.47 35.08
CA SER B 255 20.49 6.67 35.44
C SER B 255 20.01 7.79 34.57
N VAL B 256 19.77 8.96 35.16
CA VAL B 256 19.52 10.17 34.41
C VAL B 256 20.91 10.65 34.02
N VAL B 257 21.25 10.53 32.74
CA VAL B 257 22.60 10.91 32.29
C VAL B 257 22.70 12.42 32.03
N GLY B 258 21.59 13.13 32.04
CA GLY B 258 21.56 14.58 31.90
C GLY B 258 20.24 15.08 31.38
N ALA B 259 20.16 16.40 31.21
CA ALA B 259 18.99 17.05 30.60
C ALA B 259 19.21 17.04 29.10
N ILE B 260 18.14 17.14 28.32
CA ILE B 260 18.29 17.22 26.87
C ILE B 260 19.10 18.48 26.49
N SER B 261 19.87 18.42 25.40
CA SER B 261 20.64 19.60 24.98
C SER B 261 19.70 20.77 24.67
N SER B 262 20.17 22.00 24.96
CA SER B 262 19.42 23.21 24.60
C SER B 262 19.21 23.26 23.08
N TYR B 263 20.03 22.51 22.29
CA TYR B 263 19.86 22.37 20.86
C TYR B 263 18.43 21.93 20.54
N TYR B 264 17.94 20.90 21.25
CA TYR B 264 16.61 20.36 20.98
C TYR B 264 15.52 21.26 21.53
N VAL B 265 15.81 21.93 22.64
CA VAL B 265 14.88 22.87 23.27
C VAL B 265 14.56 23.97 22.27
N GLN B 266 15.62 24.57 21.72
CA GLN B 266 15.52 25.69 20.81
C GLN B 266 15.09 25.30 19.39
N ARG B 267 15.56 24.17 18.87
CA ARG B 267 15.21 23.78 17.50
C ARG B 267 13.83 23.15 17.38
N TYR B 268 13.42 22.32 18.35
CA TYR B 268 12.16 21.57 18.24
C TYR B 268 11.14 21.85 19.33
N GLY B 269 11.51 22.56 20.38
CA GLY B 269 10.55 22.90 21.42
C GLY B 269 10.43 21.86 22.52
N PHE B 270 11.49 21.06 22.76
CA PHE B 270 11.48 20.17 23.92
C PHE B 270 11.49 21.07 25.17
N PRO B 271 10.89 20.68 26.30
CA PRO B 271 11.00 21.54 27.49
C PRO B 271 12.42 21.43 28.06
N PRO B 272 12.99 22.53 28.62
CA PRO B 272 14.37 22.47 29.14
C PRO B 272 14.62 21.46 30.25
N GLY B 273 13.59 21.09 31.01
CA GLY B 273 13.77 20.06 32.04
C GLY B 273 13.70 18.62 31.53
N CYS B 274 13.56 18.41 30.20
CA CYS B 274 13.41 17.06 29.67
C CYS B 274 14.62 16.20 30.03
N LYS B 275 14.38 15.09 30.74
CA LYS B 275 15.46 14.21 31.18
C LYS B 275 15.82 13.13 30.17
N VAL B 276 17.14 12.87 30.04
CA VAL B 276 17.69 11.81 29.21
C VAL B 276 18.10 10.69 30.16
N VAL B 277 17.41 9.56 30.08
CA VAL B 277 17.69 8.37 30.85
C VAL B 277 18.63 7.50 29.97
N ALA B 278 19.71 6.95 30.58
CA ALA B 278 20.73 6.16 29.88
C ALA B 278 20.08 5.18 28.89
N PHE B 279 20.64 5.14 27.70
CA PHE B 279 20.14 4.23 26.67
C PHE B 279 20.67 2.83 26.99
N THR B 280 20.09 1.80 26.38
CA THR B 280 20.56 0.43 26.59
C THR B 280 20.46 -0.32 25.25
N GLY B 281 20.79 -1.61 25.27
CA GLY B 281 20.75 -2.41 24.06
C GLY B 281 19.32 -2.73 23.69
N ASP B 282 19.08 -3.09 22.42
CA ASP B 282 17.71 -3.41 22.00
C ASP B 282 17.13 -4.64 22.73
N ASN B 283 17.91 -5.73 22.91
CA ASN B 283 17.38 -6.92 23.62
C ASN B 283 17.12 -6.56 25.09
N PRO B 284 18.01 -5.87 25.81
CA PRO B 284 17.65 -5.42 27.18
C PRO B 284 16.40 -4.52 27.20
N ALA B 285 16.26 -3.60 26.22
CA ALA B 285 15.11 -2.72 26.15
C ALA B 285 13.81 -3.53 25.90
N SER B 286 13.89 -4.57 25.07
CA SER B 286 12.73 -5.47 24.82
C SER B 286 12.34 -6.24 26.07
N LEU B 287 13.33 -6.64 26.89
CA LEU B 287 13.03 -7.28 28.19
C LEU B 287 12.22 -6.32 29.08
N ALA B 288 12.61 -5.05 29.10
CA ALA B 288 11.88 -4.02 29.86
C ALA B 288 10.49 -3.81 29.30
N GLY B 289 10.36 -3.77 27.97
CA GLY B 289 9.08 -3.60 27.29
C GLY B 289 8.12 -4.73 27.53
N ARG B 291 8.19 -6.47 30.26
CA ARG B 291 7.99 -6.39 31.71
C ARG B 291 8.33 -7.71 32.40
N LEU B 292 9.43 -8.37 31.99
CA LEU B 292 9.87 -9.59 32.68
C LEU B 292 10.30 -9.27 34.08
N GLU B 293 10.08 -10.22 34.99
CA GLU B 293 10.49 -10.16 36.38
C GLU B 293 11.21 -11.41 36.73
N GLU B 294 11.68 -11.49 37.97
CA GLU B 294 12.31 -12.68 38.49
C GLU B 294 11.42 -13.90 38.24
N GLY B 295 12.02 -14.95 37.70
CA GLY B 295 11.33 -16.19 37.42
C GLY B 295 10.75 -16.26 36.02
N ASP B 296 10.73 -15.14 35.27
CA ASP B 296 10.10 -15.11 33.95
C ASP B 296 11.05 -15.38 32.80
N ILE B 297 10.44 -15.80 31.69
CA ILE B 297 11.13 -16.01 30.42
C ILE B 297 10.27 -15.54 29.26
N ALA B 298 10.91 -15.12 28.17
CA ALA B 298 10.21 -14.79 26.94
C ALA B 298 10.78 -15.64 25.84
N VAL B 299 9.90 -16.17 24.99
CA VAL B 299 10.27 -16.97 23.83
C VAL B 299 9.87 -16.19 22.60
N SER B 300 10.86 -15.68 21.88
CA SER B 300 10.64 -14.98 20.62
C SER B 300 10.79 -16.00 19.50
N LEU B 301 9.67 -16.37 18.87
CA LEU B 301 9.63 -17.38 17.82
C LEU B 301 9.73 -16.75 16.42
N GLY B 302 10.69 -17.20 15.63
CA GLY B 302 10.89 -16.72 14.27
C GLY B 302 11.91 -17.55 13.53
N THR B 303 12.55 -16.96 12.50
CA THR B 303 13.57 -17.66 11.65
C THR B 303 14.66 -18.16 12.59
N SER B 304 14.98 -17.36 13.58
CA SER B 304 15.75 -17.74 14.73
C SER B 304 14.79 -17.68 15.91
N ASP B 305 14.91 -18.61 16.86
CA ASP B 305 14.15 -18.50 18.12
C ASP B 305 15.12 -17.90 19.16
N THR B 306 14.66 -16.90 19.90
CA THR B 306 15.47 -16.26 20.94
C THR B 306 14.74 -16.38 22.27
N LEU B 307 15.48 -16.81 23.26
CA LEU B 307 15.02 -16.96 24.61
C LEU B 307 15.58 -15.78 25.43
N PHE B 308 14.70 -15.05 26.11
CA PHE B 308 15.05 -13.97 27.05
C PHE B 308 14.79 -14.52 28.44
N LEU B 309 15.80 -14.53 29.30
CA LEU B 309 15.72 -15.06 30.65
C LEU B 309 16.00 -14.00 31.68
N TRP B 310 15.28 -14.00 32.79
CA TRP B 310 15.66 -13.25 33.99
C TRP B 310 16.60 -14.18 34.76
N LEU B 311 17.72 -13.67 35.29
CA LEU B 311 18.63 -14.48 36.13
C LEU B 311 19.03 -13.76 37.38
N GLN B 312 18.75 -14.33 38.58
CA GLN B 312 19.23 -13.74 39.82
C GLN B 312 20.70 -14.08 39.99
N GLU B 313 20.99 -15.39 39.76
CA GLU B 313 22.26 -16.09 39.97
C GLU B 313 22.73 -16.69 38.63
N PRO B 314 23.47 -15.91 37.84
CA PRO B 314 23.94 -16.42 36.54
C PRO B 314 25.09 -17.42 36.66
N PRO B 316 27.57 -18.18 33.70
CA PRO B 316 28.04 -18.02 32.30
C PRO B 316 28.57 -19.33 31.71
N ALA B 317 28.38 -19.51 30.41
CA ALA B 317 28.74 -20.72 29.72
C ALA B 317 29.40 -20.42 28.38
N LEU B 318 29.71 -21.48 27.61
CA LEU B 318 30.25 -21.36 26.25
C LEU B 318 29.15 -21.11 25.23
N GLU B 319 27.89 -21.12 25.68
CA GLU B 319 26.73 -20.77 24.86
C GLU B 319 25.97 -19.67 25.60
N GLY B 320 25.16 -18.92 24.88
CA GLY B 320 24.35 -17.88 25.47
C GLY B 320 25.15 -16.65 25.91
N HIS B 321 24.41 -15.62 26.28
CA HIS B 321 24.97 -14.34 26.69
C HIS B 321 24.30 -13.85 27.93
N ILE B 322 25.07 -13.68 29.01
CA ILE B 322 24.53 -13.13 30.24
C ILE B 322 24.89 -11.66 30.29
N PHE B 323 23.92 -10.80 30.50
CA PHE B 323 24.12 -9.36 30.68
C PHE B 323 23.61 -8.92 32.04
N CYS B 324 24.13 -7.80 32.55
CA CYS B 324 23.56 -7.12 33.69
C CYS B 324 22.12 -6.77 33.30
N ASN B 325 21.18 -6.85 34.26
CA ASN B 325 19.77 -6.59 34.00
C ASN B 325 19.49 -5.10 33.87
N PRO B 326 18.80 -4.69 32.78
CA PRO B 326 18.55 -3.25 32.60
C PRO B 326 17.54 -2.66 33.59
N VAL B 327 16.65 -3.47 34.16
CA VAL B 327 15.62 -2.92 35.09
C VAL B 327 15.91 -3.29 36.54
N ASP B 328 17.00 -4.00 36.80
CA ASP B 328 17.46 -4.37 38.13
C ASP B 328 18.97 -4.57 38.06
N SER B 329 19.75 -3.50 38.29
CA SER B 329 21.22 -3.50 38.13
C SER B 329 21.97 -4.47 39.06
N GLN B 330 21.35 -4.98 40.12
CA GLN B 330 21.99 -6.00 40.96
C GLN B 330 21.85 -7.43 40.39
N HIS B 331 20.97 -7.63 39.38
CA HIS B 331 20.71 -8.95 38.87
C HIS B 331 20.99 -8.98 37.38
N TYR B 332 20.60 -10.05 36.69
CA TYR B 332 21.04 -10.32 35.34
C TYR B 332 19.93 -10.77 34.40
N ALA B 334 19.63 -13.06 30.37
CA ALA B 334 20.37 -13.79 29.35
C ALA B 334 19.57 -13.91 28.07
N LEU B 335 20.32 -14.07 27.00
CA LEU B 335 19.86 -14.42 25.68
C LEU B 335 20.42 -15.75 25.27
N LEU B 336 19.57 -16.62 24.72
CA LEU B 336 19.96 -17.88 24.09
C LEU B 336 19.35 -17.89 22.71
N CYS B 337 20.17 -18.07 21.67
N CYS B 337 20.19 -18.05 21.66
CA CYS B 337 19.68 -18.04 20.29
CA CYS B 337 19.74 -18.06 20.26
C CYS B 337 19.72 -19.42 19.67
C CYS B 337 19.69 -19.46 19.74
N PHE B 338 18.65 -19.78 18.96
CA PHE B 338 18.45 -21.07 18.32
C PHE B 338 18.24 -20.83 16.84
N LYS B 339 19.19 -21.31 16.01
CA LYS B 339 19.18 -21.08 14.58
C LYS B 339 18.07 -21.85 13.84
N ASN B 340 17.68 -23.04 14.31
CA ASN B 340 16.64 -23.84 13.69
C ASN B 340 15.32 -23.53 14.40
N GLY B 341 14.55 -22.63 13.80
CA GLY B 341 13.30 -22.14 14.35
C GLY B 341 12.15 -22.40 13.39
N SER B 342 11.56 -21.32 12.87
CA SER B 342 10.35 -21.34 12.04
C SER B 342 10.52 -22.09 10.72
N LEU B 343 11.73 -22.08 10.14
CA LEU B 343 11.97 -22.83 8.89
C LEU B 343 11.84 -24.33 9.13
N ARG B 345 9.98 -25.64 11.58
CA ARG B 345 8.56 -25.88 11.84
C ARG B 345 7.78 -25.97 10.52
N GLU B 346 8.09 -25.11 9.54
CA GLU B 346 7.41 -25.13 8.20
C GLU B 346 7.76 -26.38 7.44
N LYS B 347 9.05 -26.73 7.45
CA LYS B 347 9.55 -27.91 6.74
C LYS B 347 8.90 -29.18 7.23
N ILE B 348 8.89 -29.42 8.55
CA ILE B 348 8.23 -30.61 9.11
C ILE B 348 6.75 -30.60 8.79
N ARG B 349 6.07 -29.43 8.84
CA ARG B 349 4.65 -29.39 8.47
C ARG B 349 4.43 -29.85 7.06
N ASN B 350 5.21 -29.29 6.14
CA ASN B 350 5.11 -29.59 4.70
C ASN B 350 5.45 -31.06 4.42
N GLU B 351 6.40 -31.61 5.16
CA GLU B 351 6.79 -33.01 4.97
C GLU B 351 5.84 -34.02 5.61
N SER B 352 5.33 -33.75 6.81
CA SER B 352 4.57 -34.70 7.62
C SER B 352 3.08 -34.56 7.61
N VAL B 353 2.52 -33.35 7.40
CA VAL B 353 1.06 -33.18 7.39
C VAL B 353 0.68 -32.31 6.17
N SER B 354 -0.55 -31.81 6.04
CA SER B 354 -0.85 -30.97 4.85
C SER B 354 -0.22 -29.56 5.12
N ARG B 355 0.04 -28.81 4.04
CA ARG B 355 0.72 -27.52 4.14
C ARG B 355 -0.18 -26.42 4.76
N SER B 356 -0.53 -26.58 6.04
CA SER B 356 -1.30 -25.60 6.83
C SER B 356 -1.13 -25.79 8.33
N TRP B 357 -1.18 -24.67 9.05
CA TRP B 357 -1.01 -24.69 10.50
C TRP B 357 -2.20 -25.30 11.18
N SER B 358 -3.36 -25.35 10.51
CA SER B 358 -4.52 -26.04 11.02
C SER B 358 -4.20 -27.54 11.21
N ASP B 359 -3.62 -28.20 10.20
CA ASP B 359 -3.35 -29.67 10.29
C ASP B 359 -2.10 -29.97 11.21
N PHE B 360 -1.21 -28.99 11.35
CA PHE B 360 -0.08 -29.09 12.30
C PHE B 360 -0.67 -29.16 13.75
N SER B 361 -1.70 -28.34 14.00
CA SER B 361 -2.35 -28.33 15.32
C SER B 361 -3.07 -29.65 15.60
N LYS B 362 -3.73 -30.24 14.58
CA LYS B 362 -4.39 -31.53 14.78
C LYS B 362 -3.40 -32.61 15.18
N ALA B 363 -2.20 -32.64 14.53
CA ALA B 363 -1.15 -33.59 14.93
C ALA B 363 -0.79 -33.45 16.46
N LEU B 364 -0.63 -32.21 16.96
CA LEU B 364 -0.36 -32.01 18.40
C LEU B 364 -1.55 -32.42 19.26
N GLN B 365 -2.78 -32.16 18.80
CA GLN B 365 -4.00 -32.56 19.53
C GLN B 365 -4.17 -34.06 19.59
N SER B 366 -3.77 -34.76 18.52
CA SER B 366 -3.94 -36.21 18.39
C SER B 366 -2.76 -37.04 18.95
N THR B 367 -1.79 -36.40 19.64
CA THR B 367 -0.68 -37.09 20.28
C THR B 367 -0.62 -36.69 21.75
N GLU B 368 -0.14 -37.60 22.60
CA GLU B 368 -0.07 -37.39 24.05
C GLU B 368 1.20 -36.65 24.46
N GLY B 370 4.60 -36.08 26.00
CA GLY B 370 5.71 -37.02 26.07
C GLY B 370 5.91 -37.86 24.82
N ASN B 371 4.92 -37.86 23.90
CA ASN B 371 4.97 -38.45 22.57
C ASN B 371 5.30 -39.96 22.57
N GLY B 372 4.83 -40.67 23.58
CA GLY B 372 5.11 -42.08 23.78
C GLY B 372 6.58 -42.39 23.98
N GLY B 373 7.40 -41.39 24.38
CA GLY B 373 8.83 -41.56 24.55
C GLY B 373 9.65 -41.36 23.28
N ASN B 374 9.01 -40.95 22.18
CA ASN B 374 9.69 -40.66 20.92
C ASN B 374 10.27 -39.28 21.00
N LEU B 375 11.58 -39.14 20.82
CA LEU B 375 12.29 -37.87 20.97
C LEU B 375 13.04 -37.55 19.70
N GLY B 376 13.06 -36.26 19.34
CA GLY B 376 13.74 -35.80 18.15
C GLY B 376 14.44 -34.48 18.26
N PHE B 377 15.52 -34.34 17.49
CA PHE B 377 16.39 -33.17 17.34
C PHE B 377 16.39 -32.83 15.84
N TYR B 378 16.10 -31.60 15.48
CA TYR B 378 15.91 -31.22 14.07
C TYR B 378 16.76 -30.00 13.71
N PHE B 379 17.98 -30.25 13.24
CA PHE B 379 18.93 -29.20 12.90
C PHE B 379 19.40 -29.32 11.45
N ASP B 380 18.61 -28.81 10.52
CA ASP B 380 19.02 -28.89 9.10
C ASP B 380 20.20 -27.96 8.81
N VAL B 381 20.35 -26.86 9.55
CA VAL B 381 21.52 -26.00 9.50
C VAL B 381 22.23 -26.16 10.84
N GLU B 383 23.37 -25.81 14.32
CA GLU B 383 22.75 -25.11 15.44
C GLU B 383 23.86 -24.42 16.25
N ILE B 384 23.50 -23.34 16.95
CA ILE B 384 24.34 -22.52 17.85
C ILE B 384 24.22 -23.07 19.28
N THR B 385 22.98 -23.28 19.75
CA THR B 385 22.71 -23.74 21.10
C THR B 385 22.09 -25.14 21.09
N PRO B 386 22.86 -26.24 21.23
CA PRO B 386 24.33 -26.34 21.21
C PRO B 386 24.81 -26.48 19.75
N GLU B 387 26.12 -26.75 19.53
CA GLU B 387 26.68 -26.93 18.20
C GLU B 387 26.48 -28.36 17.67
N ILE B 388 25.32 -28.62 17.09
CA ILE B 388 24.91 -29.91 16.49
C ILE B 388 24.29 -29.61 15.13
N ILE B 389 24.39 -30.57 14.21
CA ILE B 389 23.76 -30.53 12.92
C ILE B 389 23.13 -31.90 12.66
N GLY B 390 22.09 -31.92 11.84
CA GLY B 390 21.36 -33.12 11.46
C GLY B 390 20.07 -33.33 12.20
N ARG B 391 19.31 -34.30 11.72
CA ARG B 391 18.08 -34.75 12.36
C ARG B 391 18.42 -36.04 13.08
N HIS B 392 18.05 -36.14 14.35
CA HIS B 392 18.35 -37.28 15.21
C HIS B 392 17.08 -37.69 15.92
N ARG B 393 16.56 -38.86 15.59
CA ARG B 393 15.31 -39.38 16.10
C ARG B 393 15.56 -40.62 16.94
N PHE B 394 14.88 -40.72 18.08
CA PHE B 394 15.00 -41.85 19.01
C PHE B 394 13.63 -42.36 19.41
N ASN B 395 13.50 -43.67 19.53
CA ASN B 395 12.24 -44.30 19.95
C ASN B 395 12.25 -44.42 21.49
N THR B 396 11.16 -44.98 22.07
CA THR B 396 11.00 -45.08 23.54
C THR B 396 12.09 -45.94 24.20
N GLU B 397 12.78 -46.85 23.46
CA GLU B 397 13.88 -47.64 24.00
C GLU B 397 15.22 -46.90 23.88
N ASN B 398 15.21 -45.62 23.44
CA ASN B 398 16.38 -44.79 23.19
C ASN B 398 17.20 -45.34 22.01
N HIS B 399 16.57 -46.13 21.11
CA HIS B 399 17.27 -46.58 19.91
C HIS B 399 17.11 -45.53 18.84
N LYS B 400 18.16 -45.32 18.07
CA LYS B 400 18.12 -44.33 17.00
C LYS B 400 17.23 -44.88 15.85
N VAL B 401 16.33 -44.03 15.31
CA VAL B 401 15.40 -44.43 14.24
C VAL B 401 15.51 -43.47 13.03
N ALA B 402 15.18 -43.99 11.87
CA ALA B 402 15.29 -43.25 10.60
C ALA B 402 14.16 -42.26 10.41
N ALA B 403 12.99 -42.54 10.97
CA ALA B 403 11.80 -41.70 10.80
C ALA B 403 10.75 -42.02 11.82
N PHE B 404 9.75 -41.14 11.89
CA PHE B 404 8.58 -41.26 12.73
C PHE B 404 7.30 -41.14 11.93
N PRO B 405 6.16 -41.64 12.45
CA PRO B 405 4.85 -41.30 11.83
C PRO B 405 4.67 -39.78 11.84
N GLY B 406 3.89 -39.26 10.90
CA GLY B 406 3.69 -37.83 10.70
C GLY B 406 3.35 -37.02 11.93
N ASP B 407 2.37 -37.50 12.71
CA ASP B 407 1.97 -36.82 13.92
C ASP B 407 3.03 -36.81 14.99
N VAL B 408 3.70 -37.94 15.17
CA VAL B 408 4.76 -38.13 16.16
C VAL B 408 5.87 -37.16 15.85
N GLU B 409 6.18 -37.01 14.53
CA GLU B 409 7.19 -36.09 14.05
C GLU B 409 6.88 -34.65 14.45
N VAL B 410 5.64 -34.21 14.26
CA VAL B 410 5.24 -32.83 14.58
C VAL B 410 5.48 -32.56 16.09
N ARG B 411 5.02 -33.49 16.96
CA ARG B 411 5.20 -33.35 18.40
C ARG B 411 6.69 -33.48 18.79
N ALA B 412 7.46 -34.40 18.19
CA ALA B 412 8.89 -34.50 18.53
C ALA B 412 9.61 -33.19 18.26
N LEU B 413 9.24 -32.52 17.14
CA LEU B 413 9.85 -31.25 16.81
C LEU B 413 9.49 -30.20 17.88
N ILE B 414 8.20 -29.99 18.14
CA ILE B 414 7.75 -28.93 19.04
C ILE B 414 8.16 -29.22 20.49
N GLU B 415 7.89 -30.43 20.99
CA GLU B 415 8.32 -30.81 22.34
C GLU B 415 9.85 -30.68 22.49
N GLY B 416 10.58 -31.19 21.51
CA GLY B 416 12.03 -31.15 21.50
C GLY B 416 12.55 -29.72 21.55
N GLN B 417 12.01 -28.83 20.69
CA GLN B 417 12.45 -27.43 20.70
C GLN B 417 12.21 -26.77 22.07
N PHE B 418 11.06 -27.05 22.69
CA PHE B 418 10.75 -26.39 23.98
C PHE B 418 11.52 -27.03 25.12
N ALA B 420 14.51 -28.26 24.78
CA ALA B 420 15.85 -27.70 24.58
C ALA B 420 15.94 -26.29 25.19
N LYS B 421 14.91 -25.49 24.98
CA LYS B 421 14.89 -24.15 25.56
C LYS B 421 14.94 -24.21 27.10
N ARG B 422 14.17 -25.12 27.73
CA ARG B 422 14.21 -25.26 29.18
C ARG B 422 15.57 -25.74 29.69
N ILE B 423 16.10 -26.79 29.10
CA ILE B 423 17.40 -27.37 29.50
C ILE B 423 18.53 -26.32 29.39
N HIS B 424 18.59 -25.60 28.28
CA HIS B 424 19.68 -24.63 28.05
C HIS B 424 19.50 -23.40 28.96
N ALA B 425 18.23 -22.98 29.21
CA ALA B 425 17.94 -21.93 30.18
C ALA B 425 18.42 -22.34 31.56
N GLU B 426 18.06 -23.57 31.98
CA GLU B 426 18.47 -24.09 33.27
C GLU B 426 20.00 -24.21 33.38
N GLY B 427 20.68 -24.47 32.28
CA GLY B 427 22.14 -24.53 32.26
C GLY B 427 22.77 -23.19 32.60
N LEU B 428 22.09 -22.06 32.32
CA LEU B 428 22.58 -20.72 32.67
C LEU B 428 22.13 -20.25 34.07
N GLY B 429 21.45 -21.10 34.83
CA GLY B 429 20.99 -20.80 36.19
C GLY B 429 19.51 -20.48 36.31
N TYR B 430 18.75 -20.55 35.21
CA TYR B 430 17.31 -20.26 35.26
C TYR B 430 16.56 -21.39 35.97
N ARG B 431 15.56 -21.05 36.76
CA ARG B 431 14.69 -21.99 37.43
C ARG B 431 13.25 -21.52 37.30
N VAL B 432 12.35 -22.43 37.00
CA VAL B 432 10.91 -22.14 37.02
C VAL B 432 10.53 -21.96 38.51
N SER B 434 7.21 -20.55 41.34
CA SER B 434 5.77 -20.52 41.49
C SER B 434 5.16 -19.31 40.76
N LYS B 435 5.85 -18.16 40.78
CA LYS B 435 5.39 -16.93 40.12
C LYS B 435 5.65 -16.87 38.61
N THR B 436 6.45 -17.78 38.06
CA THR B 436 6.86 -17.74 36.66
C THR B 436 5.72 -17.49 35.68
N LYS B 437 5.98 -16.57 34.75
CA LYS B 437 5.13 -16.37 33.58
C LYS B 437 6.03 -16.56 32.36
N ILE B 438 5.47 -17.15 31.31
CA ILE B 438 6.15 -17.33 30.04
C ILE B 438 5.50 -16.40 29.05
N LEU B 439 6.28 -15.54 28.42
CA LEU B 439 5.79 -14.67 27.36
C LEU B 439 6.19 -15.26 26.04
N ALA B 440 5.25 -15.36 25.12
CA ALA B 440 5.52 -15.88 23.78
C ALA B 440 5.15 -14.82 22.72
N THR B 441 5.98 -14.69 21.71
CA THR B 441 5.78 -13.74 20.61
C THR B 441 6.34 -14.34 19.32
N GLY B 442 5.91 -13.78 18.19
CA GLY B 442 6.28 -14.26 16.88
C GLY B 442 5.23 -15.12 16.24
N GLY B 443 5.48 -15.55 15.01
CA GLY B 443 4.53 -16.34 14.22
C GLY B 443 3.88 -17.52 14.92
N ALA B 444 4.70 -18.40 15.51
CA ALA B 444 4.20 -19.61 16.20
C ALA B 444 3.41 -19.31 17.48
N SER B 445 3.51 -18.06 18.02
CA SER B 445 2.69 -17.67 19.18
C SER B 445 1.21 -17.53 18.77
N HIS B 446 0.89 -17.53 17.46
CA HIS B 446 -0.49 -17.51 16.98
C HIS B 446 -1.11 -18.92 16.96
N ASN B 447 -0.38 -19.96 17.42
CA ASN B 447 -0.84 -21.34 17.41
C ASN B 447 -0.97 -21.81 18.83
N ARG B 448 -2.20 -21.99 19.27
CA ARG B 448 -2.59 -22.40 20.62
C ARG B 448 -1.99 -23.73 21.02
N GLU B 449 -1.97 -24.65 20.06
CA GLU B 449 -1.48 -25.99 20.29
C GLU B 449 0.06 -25.97 20.52
N ILE B 450 0.79 -25.13 19.81
CA ILE B 450 2.25 -24.97 20.05
C ILE B 450 2.45 -24.37 21.46
N LEU B 451 1.72 -23.31 21.80
CA LEU B 451 1.85 -22.68 23.13
C LEU B 451 1.43 -23.63 24.25
N GLN B 452 0.52 -24.55 23.98
CA GLN B 452 0.14 -25.52 24.99
C GLN B 452 1.34 -26.41 25.35
N VAL B 453 2.14 -26.81 24.33
CA VAL B 453 3.32 -27.65 24.58
C VAL B 453 4.31 -26.85 25.39
N LEU B 454 4.50 -25.58 25.07
CA LEU B 454 5.41 -24.70 25.81
C LEU B 454 4.97 -24.62 27.31
N ALA B 455 3.67 -24.43 27.56
CA ALA B 455 3.14 -24.37 28.94
C ALA B 455 3.39 -25.69 29.66
N ASP B 456 3.16 -26.81 28.99
CA ASP B 456 3.36 -28.15 29.57
C ASP B 456 4.81 -28.43 29.90
N VAL B 457 5.73 -28.09 29.00
CA VAL B 457 7.16 -28.37 29.18
C VAL B 457 7.71 -27.57 30.38
N PHE B 458 7.36 -26.31 30.50
CA PHE B 458 7.83 -25.47 31.60
C PHE B 458 6.95 -25.57 32.86
N ASP B 459 5.75 -26.17 32.76
CA ASP B 459 4.78 -26.27 33.85
C ASP B 459 4.46 -24.87 34.39
N ALA B 460 4.22 -23.92 33.46
CA ALA B 460 3.94 -22.53 33.80
C ALA B 460 3.02 -21.91 32.76
N PRO B 461 2.26 -20.86 33.16
CA PRO B 461 1.33 -20.23 32.21
C PRO B 461 2.05 -19.44 31.13
N VAL B 462 1.47 -19.47 29.93
CA VAL B 462 1.98 -18.80 28.75
C VAL B 462 1.04 -17.67 28.35
N TYR B 463 1.63 -16.49 28.14
CA TYR B 463 0.96 -15.29 27.71
C TYR B 463 1.50 -14.84 26.37
N VAL B 464 0.64 -14.34 25.51
CA VAL B 464 1.04 -13.85 24.19
C VAL B 464 1.11 -12.33 24.21
N ILE B 465 2.14 -11.79 23.58
CA ILE B 465 2.42 -10.36 23.53
C ILE B 465 2.94 -9.94 22.15
N ASP B 466 2.48 -8.78 21.67
CA ASP B 466 2.97 -8.15 20.43
C ASP B 466 4.26 -7.44 20.78
N THR B 467 5.35 -7.70 20.06
CA THR B 467 6.67 -7.10 20.36
C THR B 467 7.25 -6.36 19.15
N ALA B 468 6.44 -5.96 18.16
CA ALA B 468 6.99 -5.25 16.97
C ALA B 468 7.77 -3.97 17.37
N ASN B 469 7.34 -3.31 18.42
CA ASN B 469 7.98 -2.09 18.93
C ASN B 469 8.49 -2.28 20.35
N SER B 470 8.85 -3.53 20.78
CA SER B 470 9.19 -3.77 22.18
C SER B 470 10.41 -2.96 22.65
N ALA B 471 11.40 -2.72 21.78
CA ALA B 471 12.58 -1.95 22.18
C ALA B 471 12.22 -0.46 22.38
N CYS B 472 11.39 0.10 21.51
CA CYS B 472 10.88 1.47 21.62
C CYS B 472 10.06 1.63 22.90
N VAL B 473 9.07 0.74 23.07
CA VAL B 473 8.16 0.78 24.20
C VAL B 473 8.93 0.56 25.52
N GLY B 474 9.82 -0.43 25.57
CA GLY B 474 10.66 -0.66 26.74
C GLY B 474 11.48 0.57 27.10
N SER B 475 11.98 1.29 26.06
CA SER B 475 12.75 2.52 26.28
C SER B 475 11.86 3.60 26.91
N ALA B 476 10.61 3.74 26.43
CA ALA B 476 9.67 4.70 26.95
C ALA B 476 9.33 4.34 28.42
N TYR B 477 9.16 3.05 28.74
CA TYR B 477 8.88 2.58 30.11
C TYR B 477 10.04 2.92 31.04
N ARG B 478 11.28 2.71 30.55
CA ARG B 478 12.49 3.03 31.32
C ARG B 478 12.59 4.53 31.56
N ALA B 479 12.16 5.36 30.58
CA ALA B 479 12.17 6.81 30.76
C ALA B 479 11.17 7.19 31.88
N PHE B 480 9.95 6.59 31.87
CA PHE B 480 8.95 6.83 32.93
C PHE B 480 9.47 6.36 34.29
N HIS B 481 10.20 5.25 34.33
CA HIS B 481 10.81 4.73 35.56
C HIS B 481 11.76 5.78 36.14
N GLY B 482 12.57 6.41 35.29
CA GLY B 482 13.44 7.52 35.70
C GLY B 482 12.64 8.68 36.29
N LEU B 483 11.51 9.08 35.67
CA LEU B 483 10.64 10.15 36.20
C LEU B 483 9.90 9.77 37.47
N ALA B 484 9.59 8.49 37.64
CA ALA B 484 8.82 7.98 38.76
C ALA B 484 9.65 7.77 40.04
N GLY B 485 10.97 7.92 39.95
CA GLY B 485 11.88 7.78 41.08
C GLY B 485 13.16 6.98 40.83
N GLY B 486 13.30 6.38 39.64
CA GLY B 486 14.49 5.62 39.27
C GLY B 486 14.82 4.48 40.21
N THR B 487 16.06 4.41 40.67
CA THR B 487 16.51 3.34 41.56
C THR B 487 15.82 3.37 42.94
N ASP B 488 15.11 4.45 43.31
CA ASP B 488 14.36 4.48 44.56
C ASP B 488 13.08 3.63 44.52
N VAL B 489 12.60 3.28 43.32
CA VAL B 489 11.36 2.53 43.15
C VAL B 489 11.56 1.31 42.21
N PRO B 490 10.78 0.23 42.38
CA PRO B 490 10.90 -0.91 41.45
C PRO B 490 10.28 -0.62 40.09
N PHE B 491 11.01 -0.95 39.02
CA PHE B 491 10.53 -0.83 37.64
C PHE B 491 9.16 -1.47 37.46
N SER B 492 8.99 -2.67 38.00
CA SER B 492 7.73 -3.42 37.89
C SER B 492 6.52 -2.65 38.44
N GLU B 493 6.71 -1.83 39.50
CA GLU B 493 5.63 -1.03 40.07
C GLU B 493 5.25 0.11 39.13
N VAL B 494 6.21 0.66 38.40
CA VAL B 494 5.93 1.75 37.45
C VAL B 494 5.12 1.23 36.26
N VAL B 495 5.47 0.07 35.74
CA VAL B 495 4.83 -0.44 34.53
C VAL B 495 3.62 -1.34 34.80
N LYS B 496 3.17 -1.50 36.05
CA LYS B 496 1.98 -2.32 36.38
C LYS B 496 0.74 -1.78 35.65
N LEU B 497 0.73 -0.47 35.43
CA LEU B 497 -0.34 0.27 34.75
C LEU B 497 -0.44 -0.09 33.24
N ALA B 498 0.67 -0.51 32.60
CA ALA B 498 0.70 -0.85 31.16
C ALA B 498 -0.26 -1.99 30.77
N PRO B 499 -0.65 -2.10 29.45
CA PRO B 499 -1.58 -3.18 29.06
C PRO B 499 -0.96 -4.57 29.28
N ASN B 500 -1.77 -5.48 29.82
CA ASN B 500 -1.34 -6.85 30.10
C ASN B 500 -1.46 -7.75 28.90
N PRO B 501 -0.56 -8.75 28.80
CA PRO B 501 -0.66 -9.71 27.71
C PRO B 501 -1.79 -10.70 27.99
N ARG B 502 -2.30 -11.32 26.94
CA ARG B 502 -3.40 -12.27 27.04
C ARG B 502 -2.88 -13.64 27.43
N LEU B 503 -3.48 -14.28 28.45
CA LEU B 503 -3.18 -15.66 28.84
C LEU B 503 -3.60 -16.59 27.69
N ALA B 504 -2.64 -17.36 27.11
CA ALA B 504 -2.92 -18.27 26.00
C ALA B 504 -3.03 -19.75 26.41
N ALA B 505 -2.28 -20.18 27.44
CA ALA B 505 -2.29 -21.58 27.85
C ALA B 505 -1.77 -21.76 29.27
N THR B 506 -2.27 -22.79 29.95
CA THR B 506 -1.85 -23.21 31.28
C THR B 506 -1.48 -24.67 31.20
N PRO B 507 -0.50 -25.14 31.99
CA PRO B 507 -0.09 -26.55 31.88
C PRO B 507 -1.20 -27.52 32.17
N SER B 508 -1.32 -28.56 31.35
CA SER B 508 -2.33 -29.58 31.50
C SER B 508 -2.04 -30.42 32.74
N PRO B 509 -3.07 -31.03 33.37
CA PRO B 509 -2.80 -31.90 34.51
C PRO B 509 -1.91 -33.07 34.10
N GLY B 510 -0.88 -33.35 34.90
CA GLY B 510 0.06 -34.42 34.62
C GLY B 510 1.30 -33.98 33.85
N ALA B 511 1.35 -32.73 33.35
CA ALA B 511 2.51 -32.22 32.60
C ALA B 511 3.77 -32.35 33.43
N SER B 512 3.73 -31.93 34.69
CA SER B 512 4.87 -32.00 35.61
C SER B 512 5.46 -33.41 35.69
N GLN B 513 4.61 -34.44 35.79
CA GLN B 513 5.10 -35.84 35.91
C GLN B 513 5.72 -36.33 34.59
N VAL B 514 5.14 -35.94 33.45
CA VAL B 514 5.65 -36.34 32.14
C VAL B 514 7.04 -35.77 31.89
N TYR B 515 7.21 -34.45 32.02
CA TYR B 515 8.47 -33.82 31.64
C TYR B 515 9.54 -33.89 32.70
N GLU B 516 9.22 -34.17 33.99
CA GLU B 516 10.27 -34.36 35.00
C GLU B 516 11.12 -35.58 34.64
N ALA B 517 10.49 -36.60 34.03
CA ALA B 517 11.18 -37.80 33.60
C ALA B 517 11.79 -37.67 32.21
N LEU B 518 11.12 -36.97 31.29
CA LEU B 518 11.57 -36.89 29.90
C LEU B 518 12.67 -35.84 29.68
N LEU B 519 12.65 -34.70 30.41
CA LEU B 519 13.67 -33.65 30.27
C LEU B 519 15.09 -34.23 30.48
N PRO B 520 15.39 -34.95 31.58
CA PRO B 520 16.74 -35.56 31.74
C PRO B 520 17.12 -36.52 30.61
N GLN B 521 16.15 -37.26 30.04
CA GLN B 521 16.42 -38.20 28.95
C GLN B 521 16.76 -37.44 27.66
N TYR B 522 16.05 -36.33 27.40
CA TYR B 522 16.35 -35.49 26.24
C TYR B 522 17.75 -34.88 26.40
N ALA B 523 18.06 -34.36 27.62
CA ALA B 523 19.39 -33.79 27.90
C ALA B 523 20.51 -34.83 27.68
N LYS B 524 20.32 -36.08 28.13
CA LYS B 524 21.34 -37.14 27.93
C LYS B 524 21.51 -37.49 26.45
N LEU B 525 20.41 -37.52 25.68
CA LEU B 525 20.53 -37.80 24.23
C LEU B 525 21.26 -36.67 23.54
N GLU B 526 21.02 -35.43 23.96
CA GLU B 526 21.75 -34.29 23.42
C GLU B 526 23.24 -34.44 23.66
N GLN B 527 23.62 -34.85 24.88
CA GLN B 527 25.02 -35.09 25.24
C GLN B 527 25.61 -36.24 24.42
N ARG B 528 24.84 -37.32 24.21
CA ARG B 528 25.25 -38.44 23.36
C ARG B 528 25.57 -37.95 21.94
N ILE B 529 24.71 -37.09 21.34
CA ILE B 529 24.90 -36.62 19.98
C ILE B 529 26.16 -35.76 19.90
N LEU B 530 26.37 -34.90 20.91
CA LEU B 530 27.55 -34.03 20.97
C LEU B 530 28.85 -34.84 21.11
N SER B 531 28.83 -35.90 21.93
CA SER B 531 30.02 -36.72 22.16
C SER B 531 30.40 -37.54 20.90
N GLN B 532 29.43 -37.79 19.99
CA GLN B 532 29.66 -38.50 18.73
C GLN B 532 30.21 -37.53 17.70
N ARG C 9 -5.28 24.72 12.54
CA ARG C 9 -4.42 24.30 11.43
C ARG C 9 -4.92 24.79 10.08
N ARG C 10 -4.78 26.11 9.84
CA ARG C 10 -5.12 26.74 8.57
C ARG C 10 -4.14 26.24 7.51
N CYS C 11 -4.60 26.08 6.27
CA CYS C 11 -3.74 25.55 5.20
C CYS C 11 -4.11 26.10 3.83
N CYS C 12 -3.22 25.82 2.89
CA CYS C 12 -3.48 25.99 1.46
C CYS C 12 -3.36 24.62 0.80
N LEU C 13 -4.12 24.43 -0.28
CA LEU C 13 -4.02 23.26 -1.12
C LEU C 13 -3.17 23.58 -2.34
N GLY C 14 -2.33 22.62 -2.71
CA GLY C 14 -1.52 22.66 -3.93
C GLY C 14 -1.85 21.46 -4.79
N TRP C 15 -2.45 21.72 -5.95
CA TRP C 15 -2.90 20.70 -6.91
C TRP C 15 -1.91 20.46 -8.05
N ASP C 16 -1.98 19.28 -8.63
CA ASP C 16 -1.16 18.93 -9.80
C ASP C 16 -1.96 18.03 -10.72
N PHE C 17 -2.45 18.58 -11.84
CA PHE C 17 -3.18 17.86 -12.89
C PHE C 17 -2.10 17.35 -13.82
N SER C 18 -1.59 16.16 -13.55
CA SER C 18 -0.44 15.56 -14.21
C SER C 18 -0.88 14.59 -15.29
N THR C 19 0.09 14.04 -16.03
CA THR C 19 -0.22 13.11 -17.12
C THR C 19 -0.88 11.83 -16.64
N GLN C 20 -0.41 11.26 -15.54
CA GLN C 20 -0.86 9.97 -15.00
C GLN C 20 -1.80 10.06 -13.82
N GLN C 21 -1.91 11.24 -13.23
CA GLN C 21 -2.69 11.39 -12.02
C GLN C 21 -3.06 12.81 -11.71
N VAL C 22 -4.03 12.96 -10.83
CA VAL C 22 -4.36 14.22 -10.18
C VAL C 22 -3.85 14.04 -8.77
N LYS C 23 -3.00 14.97 -8.29
CA LYS C 23 -2.46 14.91 -6.94
C LYS C 23 -2.71 16.25 -6.22
N VAL C 24 -2.79 16.20 -4.90
CA VAL C 24 -2.96 17.37 -4.05
C VAL C 24 -2.15 17.20 -2.79
N VAL C 25 -1.66 18.31 -2.27
CA VAL C 25 -1.03 18.38 -0.96
C VAL C 25 -1.70 19.49 -0.18
N ALA C 26 -1.78 19.35 1.13
CA ALA C 26 -2.22 20.38 2.05
C ALA C 26 -0.98 20.82 2.84
N VAL C 27 -0.70 22.13 2.80
CA VAL C 27 0.45 22.76 3.46
C VAL C 27 -0.08 23.74 4.51
N ASP C 28 0.44 23.68 5.76
CA ASP C 28 -0.06 24.57 6.80
C ASP C 28 0.68 25.92 6.74
N ALA C 29 0.31 26.86 7.62
CA ALA C 29 0.87 28.21 7.57
C ALA C 29 2.36 28.28 7.97
N GLU C 30 2.87 27.24 8.62
CA GLU C 30 4.30 27.09 8.90
C GLU C 30 5.06 26.45 7.74
N LEU C 31 4.34 26.14 6.61
CA LEU C 31 4.83 25.55 5.39
C LEU C 31 5.25 24.09 5.61
N ASN C 32 4.53 23.38 6.47
CA ASN C 32 4.69 21.93 6.58
C ASN C 32 3.66 21.24 5.70
N VAL C 33 4.08 20.25 4.92
CA VAL C 33 3.17 19.38 4.18
C VAL C 33 2.66 18.36 5.19
N PHE C 34 1.36 18.27 5.40
CA PHE C 34 0.81 17.35 6.38
C PHE C 34 -0.21 16.40 5.76
N TYR C 35 -0.52 16.56 4.47
CA TYR C 35 -1.52 15.71 3.83
C TYR C 35 -1.24 15.62 2.33
N GLU C 36 -1.42 14.44 1.77
CA GLU C 36 -1.24 14.20 0.33
C GLU C 36 -2.25 13.15 -0.11
N GLU C 37 -2.79 13.32 -1.31
CA GLU C 37 -3.74 12.37 -1.87
C GLU C 37 -3.65 12.41 -3.37
N SER C 38 -4.04 11.31 -4.02
CA SER C 38 -3.97 11.23 -5.47
C SER C 38 -5.01 10.27 -6.03
N VAL C 39 -5.34 10.48 -7.31
CA VAL C 39 -6.22 9.62 -8.13
C VAL C 39 -5.39 9.31 -9.37
N HIS C 40 -5.15 8.01 -9.64
CA HIS C 40 -4.33 7.51 -10.73
C HIS C 40 -5.26 7.10 -11.88
N PHE C 41 -5.06 7.67 -13.09
CA PHE C 41 -6.01 7.49 -14.19
C PHE C 41 -6.20 6.06 -14.61
N ASP C 42 -5.15 5.35 -15.01
CA ASP C 42 -5.29 3.96 -15.49
C ASP C 42 -5.93 3.04 -14.42
N ARG C 43 -5.47 3.17 -13.17
CA ARG C 43 -5.93 2.34 -12.06
C ARG C 43 -7.34 2.67 -11.59
N ASP C 44 -7.66 3.95 -11.42
CA ASP C 44 -8.92 4.40 -10.79
C ASP C 44 -10.02 4.74 -11.79
N LEU C 45 -9.68 5.06 -13.05
CA LEU C 45 -10.67 5.27 -14.12
C LEU C 45 -10.31 4.37 -15.31
N PRO C 46 -10.22 3.04 -15.08
CA PRO C 46 -9.78 2.12 -16.15
C PRO C 46 -10.67 2.09 -17.40
N GLU C 47 -11.98 2.46 -17.26
CA GLU C 47 -12.91 2.46 -18.39
C GLU C 47 -12.47 3.34 -19.56
N PHE C 48 -11.62 4.33 -19.34
CA PHE C 48 -11.15 5.20 -20.43
C PHE C 48 -10.10 4.49 -21.32
N GLY C 49 -9.54 3.36 -20.88
CA GLY C 49 -8.58 2.61 -21.67
C GLY C 49 -7.26 3.30 -21.91
N THR C 50 -6.84 4.20 -21.01
CA THR C 50 -5.55 4.86 -21.16
C THR C 50 -4.41 3.93 -20.69
N GLN C 51 -3.20 4.26 -21.12
CA GLN C 51 -1.95 3.63 -20.67
C GLN C 51 -1.03 4.79 -20.35
N GLY C 52 -0.62 4.89 -19.11
CA GLY C 52 0.16 6.01 -18.67
C GLY C 52 -0.66 7.31 -18.69
N GLY C 53 -2.01 7.20 -18.55
CA GLY C 53 -2.92 8.34 -18.56
C GLY C 53 -3.27 8.92 -19.92
N VAL C 54 -2.76 8.31 -21.01
CA VAL C 54 -2.93 8.83 -22.36
C VAL C 54 -3.35 7.71 -23.34
N HIS C 55 -3.76 8.15 -24.54
CA HIS C 55 -4.03 7.30 -25.69
C HIS C 55 -3.02 7.68 -26.78
N VAL C 56 -2.13 6.75 -27.17
CA VAL C 56 -1.22 6.96 -28.29
C VAL C 56 -2.01 6.47 -29.50
N HIS C 57 -2.28 7.34 -30.47
CA HIS C 57 -3.13 6.97 -31.60
C HIS C 57 -2.35 6.09 -32.60
N LYS C 58 -3.07 5.53 -33.59
CA LYS C 58 -2.50 4.59 -34.59
C LYS C 58 -1.30 5.19 -35.33
N ASP C 59 -1.32 6.51 -35.63
CA ASP C 59 -0.19 7.17 -36.31
C ASP C 59 1.12 7.13 -35.48
N GLY C 60 1.06 6.80 -34.19
CA GLY C 60 2.25 6.77 -33.35
C GLY C 60 2.77 8.14 -32.94
N LEU C 61 2.05 9.23 -33.32
CA LEU C 61 2.43 10.63 -33.08
C LEU C 61 1.40 11.41 -32.29
N THR C 62 0.11 11.16 -32.52
CA THR C 62 -0.98 11.85 -31.84
C THR C 62 -1.16 11.21 -30.45
N VAL C 63 -1.10 12.03 -29.40
CA VAL C 63 -1.21 11.57 -28.02
C VAL C 63 -2.21 12.48 -27.31
N THR C 64 -3.29 11.89 -26.78
CA THR C 64 -4.35 12.63 -26.13
C THR C 64 -4.77 11.98 -24.81
N SER C 65 -5.58 12.73 -24.04
CA SER C 65 -6.24 12.26 -22.81
C SER C 65 -7.69 12.74 -22.86
N PRO C 66 -8.66 11.93 -22.41
CA PRO C 66 -10.07 12.41 -22.40
C PRO C 66 -10.28 13.50 -21.34
N VAL C 67 -10.81 14.65 -21.74
CA VAL C 67 -11.02 15.76 -20.80
C VAL C 67 -11.95 15.32 -19.64
N LEU C 68 -12.97 14.50 -19.94
CA LEU C 68 -13.91 14.09 -18.88
C LEU C 68 -13.28 13.15 -17.86
N TRP C 70 -10.21 13.73 -16.62
CA TRP C 70 -9.63 14.73 -15.71
C TRP C 70 -10.67 15.33 -14.78
N VAL C 71 -11.85 15.63 -15.32
CA VAL C 71 -12.97 16.19 -14.57
C VAL C 71 -13.44 15.20 -13.53
N GLN C 72 -13.66 13.93 -13.94
CA GLN C 72 -14.13 12.92 -12.97
C GLN C 72 -13.05 12.61 -11.93
N ALA C 73 -11.74 12.64 -12.31
CA ALA C 73 -10.67 12.43 -11.33
C ALA C 73 -10.75 13.50 -10.21
N LEU C 74 -11.09 14.76 -10.56
CA LEU C 74 -11.27 15.79 -9.53
C LEU C 74 -12.44 15.41 -8.61
N ASP C 75 -13.55 14.97 -9.18
CA ASP C 75 -14.67 14.51 -8.35
C ASP C 75 -14.22 13.43 -7.38
N ILE C 76 -13.49 12.41 -7.88
CA ILE C 76 -13.05 11.26 -7.06
C ILE C 76 -12.12 11.72 -5.94
N ILE C 77 -11.10 12.53 -6.27
CA ILE C 77 -10.14 12.95 -5.23
C ILE C 77 -10.83 13.82 -4.16
N LEU C 78 -11.78 14.70 -4.49
CA LEU C 78 -12.45 15.51 -3.44
C LEU C 78 -13.30 14.63 -2.53
N GLU C 79 -13.95 13.62 -3.09
CA GLU C 79 -14.75 12.68 -2.29
C GLU C 79 -13.84 11.78 -1.43
N LYS C 80 -12.69 11.39 -1.96
CA LYS C 80 -11.71 10.57 -1.23
C LYS C 80 -11.16 11.38 -0.03
N LYS C 82 -12.73 13.95 1.51
CA LYS C 82 -13.86 14.06 2.42
C LYS C 82 -14.08 12.76 3.23
N ALA C 83 -14.04 11.59 2.56
CA ALA C 83 -14.20 10.30 3.25
C ALA C 83 -13.08 10.05 4.27
N SER C 84 -11.85 10.58 4.02
CA SER C 84 -10.71 10.42 4.93
C SER C 84 -10.78 11.39 6.15
N GLY C 85 -11.75 12.30 6.17
CA GLY C 85 -11.93 13.27 7.23
C GLY C 85 -11.16 14.58 7.02
N PHE C 86 -10.76 14.92 5.78
CA PHE C 86 -10.06 16.19 5.54
C PHE C 86 -10.95 17.35 5.91
N ASP C 87 -10.42 18.31 6.69
CA ASP C 87 -11.21 19.47 7.12
C ASP C 87 -11.06 20.60 6.11
N PHE C 88 -12.00 20.67 5.17
CA PHE C 88 -12.00 21.68 4.12
C PHE C 88 -12.23 23.10 4.64
N SER C 89 -12.86 23.27 5.83
CA SER C 89 -13.10 24.59 6.41
C SER C 89 -11.80 25.34 6.76
N GLN C 90 -10.66 24.63 6.90
CA GLN C 90 -9.36 25.21 7.19
C GLN C 90 -8.59 25.71 5.95
N VAL C 91 -9.14 25.52 4.73
CA VAL C 91 -8.46 25.90 3.49
C VAL C 91 -8.64 27.41 3.21
N LEU C 92 -7.56 28.19 3.35
CA LEU C 92 -7.59 29.65 3.11
C LEU C 92 -7.47 30.01 1.64
N ALA C 93 -6.70 29.21 0.91
CA ALA C 93 -6.49 29.45 -0.52
C ALA C 93 -5.99 28.19 -1.20
N LEU C 94 -6.03 28.20 -2.53
CA LEU C 94 -5.54 27.07 -3.29
C LEU C 94 -5.02 27.53 -4.61
N SER C 95 -4.05 26.77 -5.11
CA SER C 95 -3.56 26.95 -6.45
C SER C 95 -3.15 25.58 -6.98
N GLY C 96 -2.64 25.55 -8.18
CA GLY C 96 -2.28 24.31 -8.79
C GLY C 96 -1.45 24.43 -10.02
N ALA C 97 -1.03 23.27 -10.47
CA ALA C 97 -0.23 23.10 -11.64
C ALA C 97 -0.93 22.16 -12.62
N GLY C 98 -0.68 22.39 -13.90
CA GLY C 98 -1.11 21.52 -14.97
C GLY C 98 0.08 21.06 -15.79
N GLN C 99 0.05 19.80 -16.23
CA GLN C 99 0.98 19.30 -17.21
C GLN C 99 1.02 20.34 -18.34
N GLN C 100 2.20 20.77 -18.76
CA GLN C 100 2.23 21.90 -19.68
C GLN C 100 1.74 21.58 -21.07
N HIS C 101 1.37 22.64 -21.78
CA HIS C 101 1.00 22.66 -23.21
C HIS C 101 -0.36 22.07 -23.59
N GLY C 102 -0.82 21.01 -22.91
CA GLY C 102 -2.10 20.38 -23.19
C GLY C 102 -3.24 21.36 -23.16
N SER C 103 -4.24 21.13 -24.02
CA SER C 103 -5.31 22.11 -24.18
C SER C 103 -6.70 21.50 -24.13
N ILE C 104 -7.65 22.33 -23.66
CA ILE C 104 -9.07 22.01 -23.48
C ILE C 104 -9.85 22.95 -24.33
N TYR C 105 -10.86 22.43 -25.04
CA TYR C 105 -11.69 23.17 -25.95
C TYR C 105 -13.11 23.15 -25.40
N TRP C 106 -13.55 24.28 -24.86
CA TRP C 106 -14.88 24.41 -24.26
C TRP C 106 -15.89 24.78 -25.31
N LYS C 107 -16.98 24.03 -25.35
CA LYS C 107 -18.06 24.21 -26.30
C LYS C 107 -18.87 25.48 -26.01
N ALA C 108 -19.45 26.07 -27.05
CA ALA C 108 -20.35 27.23 -26.94
C ALA C 108 -21.45 26.90 -25.93
N GLY C 109 -21.62 27.76 -24.94
CA GLY C 109 -22.60 27.57 -23.86
C GLY C 109 -22.05 26.92 -22.60
N ALA C 110 -20.78 26.44 -22.60
CA ALA C 110 -20.23 25.74 -21.44
C ALA C 110 -20.08 26.63 -20.20
N GLN C 111 -19.82 27.94 -20.33
CA GLN C 111 -19.67 28.77 -19.13
C GLN C 111 -20.98 28.84 -18.33
N GLN C 112 -22.13 28.74 -19.01
CA GLN C 112 -23.44 28.74 -18.33
C GLN C 112 -23.54 27.50 -17.41
N ALA C 113 -23.05 26.32 -17.85
CA ALA C 113 -23.01 25.09 -17.03
C ALA C 113 -22.03 25.30 -15.85
N LEU C 114 -20.87 25.90 -16.09
CA LEU C 114 -19.87 26.17 -15.02
C LEU C 114 -20.40 27.07 -13.93
N THR C 115 -21.04 28.17 -14.30
CA THR C 115 -21.54 29.17 -13.33
C THR C 115 -22.83 28.75 -12.63
N SER C 116 -23.50 27.68 -13.09
CA SER C 116 -24.75 27.20 -12.50
C SER C 116 -24.60 25.78 -11.90
N LEU C 117 -23.38 25.39 -11.48
CA LEU C 117 -23.16 24.08 -10.87
C LEU C 117 -23.98 23.89 -9.58
N SER C 118 -24.65 22.74 -9.46
CA SER C 118 -25.41 22.37 -8.27
C SER C 118 -24.53 21.50 -7.36
N PRO C 119 -24.45 21.81 -6.04
CA PRO C 119 -23.65 20.96 -5.12
C PRO C 119 -24.18 19.53 -4.90
N ASP C 120 -25.37 19.20 -5.41
CA ASP C 120 -25.96 17.86 -5.30
C ASP C 120 -25.36 16.85 -6.31
N LEU C 121 -24.71 17.33 -7.37
CA LEU C 121 -24.17 16.49 -8.42
C LEU C 121 -22.67 16.66 -8.56
N ARG C 122 -22.03 15.66 -9.13
CA ARG C 122 -20.61 15.72 -9.45
C ARG C 122 -20.41 16.63 -10.63
N LEU C 123 -19.20 17.12 -10.79
CA LEU C 123 -18.77 17.97 -11.91
C LEU C 123 -18.87 17.26 -13.21
N HIS C 124 -18.40 16.00 -13.26
CA HIS C 124 -18.39 15.16 -14.48
C HIS C 124 -19.81 15.07 -15.04
N GLN C 125 -20.79 14.80 -14.19
CA GLN C 125 -22.17 14.68 -14.64
C GLN C 125 -22.69 16.03 -15.19
N GLN C 126 -22.35 17.16 -14.55
CA GLN C 126 -22.85 18.44 -15.00
C GLN C 126 -22.07 19.00 -16.22
N LEU C 127 -20.82 18.58 -16.41
CA LEU C 127 -20.02 19.12 -17.52
C LEU C 127 -19.87 18.13 -18.70
N GLN C 128 -20.69 17.05 -18.74
CA GLN C 128 -20.64 16.00 -19.79
C GLN C 128 -20.64 16.51 -21.22
N ASP C 129 -21.45 17.55 -21.46
CA ASP C 129 -21.61 18.08 -22.83
C ASP C 129 -20.95 19.43 -23.03
N CYS C 130 -19.93 19.79 -22.22
CA CYS C 130 -19.29 21.11 -22.26
C CYS C 130 -18.04 21.20 -23.12
N PHE C 131 -17.60 20.12 -23.77
CA PHE C 131 -16.33 20.16 -24.51
C PHE C 131 -16.55 19.85 -25.99
N SER C 132 -16.02 20.72 -26.86
CA SER C 132 -16.11 20.53 -28.32
C SER C 132 -15.06 19.53 -28.82
N ILE C 133 -14.02 19.24 -28.01
CA ILE C 133 -12.99 18.25 -28.31
C ILE C 133 -12.96 17.34 -27.09
N SER C 134 -13.23 16.06 -27.25
CA SER C 134 -13.25 15.13 -26.12
C SER C 134 -11.85 14.60 -25.78
N ASP C 135 -10.96 14.43 -26.79
CA ASP C 135 -9.59 13.93 -26.64
C ASP C 135 -8.59 15.08 -26.78
N CYS C 136 -8.10 15.56 -25.65
CA CYS C 136 -7.20 16.69 -25.56
C CYS C 136 -5.80 16.34 -25.95
N PRO C 137 -5.14 17.15 -26.80
CA PRO C 137 -3.72 16.90 -27.06
C PRO C 137 -2.93 17.24 -25.82
N VAL C 138 -1.93 16.40 -25.50
CA VAL C 138 -1.10 16.56 -24.34
C VAL C 138 0.35 16.78 -24.78
N TRP C 139 1.25 17.00 -23.80
CA TRP C 139 2.64 17.35 -24.03
C TRP C 139 3.42 16.27 -24.83
N ASP C 141 2.33 14.73 -27.48
CA ASP C 141 1.95 14.76 -28.89
C ASP C 141 3.07 15.33 -29.79
N SER C 142 3.34 14.68 -30.92
CA SER C 142 4.37 15.11 -31.87
C SER C 142 3.84 15.04 -33.30
N SER C 143 2.54 15.29 -33.49
CA SER C 143 1.84 15.14 -34.75
C SER C 143 1.68 16.44 -35.57
N THR C 144 2.28 17.55 -35.13
CA THR C 144 2.04 18.86 -35.73
C THR C 144 3.27 19.48 -36.40
N THR C 145 4.18 18.66 -36.94
CA THR C 145 5.38 19.21 -37.60
C THR C 145 5.03 20.19 -38.71
N ALA C 146 4.01 19.90 -39.55
CA ALA C 146 3.64 20.82 -40.64
C ALA C 146 3.21 22.21 -40.11
N GLN C 147 2.45 22.23 -39.00
CA GLN C 147 1.97 23.47 -38.38
C GLN C 147 3.16 24.24 -37.78
N CYS C 148 4.12 23.54 -37.16
CA CYS C 148 5.34 24.17 -36.61
C CYS C 148 6.10 24.96 -37.71
N ARG C 149 6.34 24.31 -38.87
CA ARG C 149 7.07 24.88 -40.02
C ARG C 149 6.33 26.09 -40.56
N GLN C 150 5.00 25.97 -40.70
CA GLN C 150 4.19 27.10 -41.18
C GLN C 150 4.20 28.26 -40.17
N LEU C 151 4.15 27.97 -38.85
CA LEU C 151 4.19 29.04 -37.87
C LEU C 151 5.56 29.78 -37.94
N GLU C 152 6.67 29.03 -38.01
CA GLU C 152 8.00 29.62 -38.09
C GLU C 152 8.15 30.44 -39.37
N ALA C 153 7.66 29.93 -40.51
CA ALA C 153 7.73 30.68 -41.78
C ALA C 153 6.88 31.94 -41.73
N ALA C 154 5.70 31.85 -41.12
CA ALA C 154 4.77 32.99 -41.02
C ALA C 154 5.35 34.18 -40.24
N VAL C 155 6.19 33.94 -39.20
CA VAL C 155 6.71 35.03 -38.37
C VAL C 155 8.22 35.38 -38.66
N GLY C 156 8.79 34.85 -39.74
CA GLY C 156 10.16 35.16 -40.14
C GLY C 156 11.24 34.19 -39.71
N GLY C 157 10.86 32.98 -39.34
CA GLY C 157 11.80 31.92 -39.00
C GLY C 157 11.81 31.46 -37.56
N ALA C 158 12.53 30.38 -37.32
CA ALA C 158 12.64 29.73 -36.02
C ALA C 158 13.21 30.65 -34.96
N GLN C 159 14.28 31.40 -35.30
CA GLN C 159 14.87 32.31 -34.33
C GLN C 159 13.91 33.45 -34.01
N ALA C 160 13.22 33.99 -35.02
CA ALA C 160 12.24 35.06 -34.83
C ALA C 160 11.14 34.60 -33.88
N LEU C 161 10.62 33.37 -34.07
CA LEU C 161 9.58 32.84 -33.20
C LEU C 161 10.10 32.69 -31.74
N SER C 162 11.35 32.22 -31.54
CA SER C 162 11.92 32.06 -30.22
C SER C 162 12.20 33.43 -29.56
N CYS C 163 12.72 34.42 -30.29
CA CYS C 163 12.93 35.75 -29.69
C CYS C 163 11.62 36.34 -29.18
N LEU C 164 10.47 36.08 -29.88
CA LEU C 164 9.12 36.54 -29.54
C LEU C 164 8.47 35.73 -28.40
N THR C 165 8.48 34.39 -28.48
CA THR C 165 7.73 33.53 -27.57
C THR C 165 8.60 32.66 -26.61
N GLY C 166 9.93 32.76 -26.69
CA GLY C 166 10.85 32.04 -25.82
C GLY C 166 11.28 30.66 -26.31
N SER C 167 10.64 30.18 -27.37
CA SER C 167 10.93 28.89 -27.99
C SER C 167 10.67 28.99 -29.48
N ARG C 168 11.41 28.19 -30.26
CA ARG C 168 11.09 28.00 -31.67
C ARG C 168 9.80 27.13 -31.65
N ALA C 169 9.28 26.73 -32.81
CA ALA C 169 8.05 25.94 -32.80
C ALA C 169 8.34 24.50 -32.39
N TYR C 170 7.62 24.01 -31.36
CA TYR C 170 7.72 22.63 -30.89
C TYR C 170 6.36 22.02 -31.08
N GLU C 171 6.34 20.76 -31.51
CA GLU C 171 5.10 20.07 -31.85
C GLU C 171 4.08 20.06 -30.72
N ARG C 172 4.52 19.87 -29.48
CA ARG C 172 3.62 19.87 -28.32
C ARG C 172 3.09 21.25 -27.93
N PHE C 173 3.74 22.33 -28.35
CA PHE C 173 3.33 23.69 -27.95
C PHE C 173 1.94 23.97 -28.52
N THR C 174 1.10 24.55 -27.67
CA THR C 174 -0.33 24.69 -27.88
C THR C 174 -0.77 25.35 -29.20
N GLY C 175 -0.12 26.43 -29.63
CA GLY C 175 -0.49 27.11 -30.88
C GLY C 175 -0.53 26.19 -32.08
N ASN C 176 0.43 25.27 -32.16
CA ASN C 176 0.53 24.29 -33.24
C ASN C 176 -0.59 23.26 -33.14
N GLN C 177 -0.99 22.89 -31.91
CA GLN C 177 -2.12 21.96 -31.68
C GLN C 177 -3.43 22.62 -32.06
N ILE C 178 -3.60 23.90 -31.69
CA ILE C 178 -4.81 24.65 -32.05
C ILE C 178 -4.92 24.72 -33.58
N ALA C 179 -3.80 25.04 -34.26
CA ALA C 179 -3.73 25.14 -35.72
C ALA C 179 -4.17 23.82 -36.36
N LYS C 180 -3.70 22.68 -35.83
CA LYS C 180 -4.08 21.38 -36.37
C LYS C 180 -5.60 21.10 -36.18
N ILE C 181 -6.16 21.43 -35.01
CA ILE C 181 -7.59 21.25 -34.76
C ILE C 181 -8.41 22.15 -35.71
N TYR C 182 -8.01 23.44 -35.89
CA TYR C 182 -8.71 24.33 -36.83
C TYR C 182 -8.70 23.75 -38.25
N GLN C 183 -7.52 23.26 -38.68
CA GLN C 183 -7.35 22.75 -40.03
C GLN C 183 -8.11 21.43 -40.27
N GLN C 184 -8.08 20.50 -39.32
CA GLN C 184 -8.69 19.16 -39.48
C GLN C 184 -10.12 19.04 -38.96
N ASN C 185 -10.50 19.87 -37.97
CA ASN C 185 -11.83 19.83 -37.39
C ASN C 185 -12.35 21.27 -37.26
N PRO C 186 -12.54 21.95 -38.40
CA PRO C 186 -13.01 23.35 -38.35
C PRO C 186 -14.39 23.52 -37.71
N GLU C 187 -15.27 22.50 -37.80
CA GLU C 187 -16.60 22.57 -37.19
C GLU C 187 -16.48 22.60 -35.65
N ALA C 188 -15.67 21.70 -35.05
CA ALA C 188 -15.47 21.73 -33.59
C ALA C 188 -14.80 23.06 -33.17
N TYR C 189 -13.80 23.54 -33.93
CA TYR C 189 -13.16 24.84 -33.65
C TYR C 189 -14.20 25.98 -33.62
N SER C 190 -15.10 26.02 -34.61
CA SER C 190 -16.12 27.07 -34.71
C SER C 190 -17.13 27.01 -33.56
N HIS C 191 -17.34 25.81 -32.97
CA HIS C 191 -18.23 25.63 -31.84
C HIS C 191 -17.49 25.74 -30.51
N THR C 192 -16.21 26.24 -30.50
CA THR C 192 -15.43 26.43 -29.28
C THR C 192 -15.49 27.90 -28.87
N GLU C 193 -15.94 28.17 -27.64
CA GLU C 193 -15.99 29.53 -27.12
C GLU C 193 -14.75 29.89 -26.30
N ARG C 194 -14.03 28.88 -25.78
CA ARG C 194 -12.90 29.11 -24.92
C ARG C 194 -11.91 27.98 -25.05
N ILE C 195 -10.62 28.33 -25.04
CA ILE C 195 -9.49 27.39 -25.08
C ILE C 195 -8.67 27.63 -23.83
N SER C 196 -8.44 26.58 -23.06
CA SER C 196 -7.68 26.60 -21.83
C SER C 196 -6.48 25.69 -21.93
N LEU C 197 -5.48 25.95 -21.10
CA LEU C 197 -4.38 25.04 -20.86
C LEU C 197 -4.88 24.11 -19.78
N VAL C 198 -4.22 22.98 -19.54
CA VAL C 198 -4.66 22.09 -18.45
C VAL C 198 -4.69 22.92 -17.12
N SER C 199 -3.66 23.74 -16.89
CA SER C 199 -3.57 24.57 -15.69
C SER C 199 -4.80 25.49 -15.52
N SER C 200 -5.13 26.27 -16.56
CA SER C 200 -6.26 27.22 -16.51
C SER C 200 -7.60 26.50 -16.54
N PHE C 201 -7.69 25.31 -17.17
CA PHE C 201 -8.92 24.48 -17.14
C PHE C 201 -9.18 24.06 -15.69
N ALA C 202 -8.14 23.59 -14.97
CA ALA C 202 -8.30 23.15 -13.59
C ALA C 202 -8.73 24.33 -12.69
N ALA C 203 -8.12 25.48 -12.87
CA ALA C 203 -8.50 26.67 -12.12
C ALA C 203 -9.97 27.04 -12.40
N SER C 204 -10.41 26.88 -13.66
CA SER C 204 -11.78 27.19 -14.06
C SER C 204 -12.78 26.31 -13.31
N LEU C 205 -12.45 25.01 -13.15
CA LEU C 205 -13.28 24.07 -12.40
C LEU C 205 -13.46 24.55 -10.96
N PHE C 206 -12.39 25.05 -10.30
CA PHE C 206 -12.50 25.54 -8.93
C PHE C 206 -13.27 26.87 -8.84
N LEU C 207 -13.12 27.75 -9.83
CA LEU C 207 -13.81 29.04 -9.87
C LEU C 207 -15.30 28.91 -10.17
N GLY C 208 -15.66 27.90 -10.95
CA GLY C 208 -17.01 27.79 -11.47
C GLY C 208 -17.24 28.85 -12.54
N SER C 209 -16.15 29.28 -13.22
CA SER C 209 -16.13 30.27 -14.29
C SER C 209 -14.78 30.16 -14.98
N TYR C 210 -14.63 30.74 -16.17
CA TYR C 210 -13.35 30.63 -16.89
C TYR C 210 -12.23 31.40 -16.22
N SER C 211 -11.13 30.71 -15.94
CA SER C 211 -9.94 31.34 -15.43
C SER C 211 -9.11 31.85 -16.59
N PRO C 212 -8.42 32.97 -16.44
CA PRO C 212 -7.45 33.34 -17.47
C PRO C 212 -6.23 32.41 -17.41
N ILE C 213 -5.41 32.47 -18.44
CA ILE C 213 -4.12 31.78 -18.55
C ILE C 213 -3.07 32.68 -17.92
N ASP C 214 -2.09 32.12 -17.18
CA ASP C 214 -1.06 32.93 -16.57
C ASP C 214 0.10 33.18 -17.54
N TYR C 215 0.96 34.16 -17.24
CA TYR C 215 2.10 34.45 -18.12
C TYR C 215 3.04 33.26 -18.29
N SER C 216 3.30 32.53 -17.22
CA SER C 216 4.30 31.47 -17.25
C SER C 216 3.83 30.25 -18.05
N ASP C 217 2.69 29.65 -17.74
CA ASP C 217 2.23 28.52 -18.55
C ASP C 217 1.81 29.00 -19.95
N GLY C 218 1.37 30.24 -20.04
CA GLY C 218 1.01 30.90 -21.30
C GLY C 218 2.19 31.04 -22.26
N SER C 219 3.44 30.95 -21.72
CA SER C 219 4.68 30.99 -22.49
C SER C 219 5.00 29.66 -23.21
N GLY C 220 4.21 28.61 -22.96
CA GLY C 220 4.40 27.27 -23.56
C GLY C 220 3.46 27.02 -24.72
N ASN C 222 3.84 29.06 -28.07
CA ASN C 222 4.27 29.73 -29.29
C ASN C 222 3.27 30.85 -29.67
N LEU C 223 2.62 31.46 -28.66
CA LEU C 223 1.63 32.53 -28.87
C LEU C 223 1.89 33.79 -28.07
N LEU C 224 2.39 33.67 -26.84
CA LEU C 224 2.59 34.84 -25.99
C LEU C 224 3.90 35.58 -26.29
N GLN C 225 3.83 36.91 -26.42
CA GLN C 225 5.04 37.73 -26.51
C GLN C 225 5.58 37.83 -25.10
N ILE C 226 6.64 37.09 -24.78
CA ILE C 226 7.15 36.99 -23.40
C ILE C 226 7.69 38.32 -22.85
N GLN C 227 8.16 39.24 -23.71
CA GLN C 227 8.69 40.53 -23.25
C GLN C 227 7.59 41.47 -22.80
N ASP C 228 6.60 41.69 -23.67
CA ASP C 228 5.47 42.61 -23.44
C ASP C 228 4.28 41.94 -22.72
N LYS C 229 4.27 40.60 -22.63
CA LYS C 229 3.28 39.80 -21.94
C LYS C 229 1.85 40.07 -22.46
N VAL C 230 1.74 40.10 -23.80
CA VAL C 230 0.52 40.19 -24.59
C VAL C 230 0.59 39.07 -25.65
N TRP C 231 -0.56 38.63 -26.16
CA TRP C 231 -0.55 37.62 -27.22
C TRP C 231 0.08 38.23 -28.48
N SER C 232 0.93 37.48 -29.19
CA SER C 232 1.44 37.95 -30.47
C SER C 232 0.33 37.84 -31.54
N GLN C 233 -0.07 38.98 -32.15
CA GLN C 233 -1.10 38.98 -33.21
C GLN C 233 -0.65 38.13 -34.41
N ALA C 234 0.64 38.21 -34.78
CA ALA C 234 1.24 37.43 -35.86
C ALA C 234 1.12 35.93 -35.57
N CYS C 235 1.45 35.50 -34.34
CA CYS C 235 1.38 34.08 -33.97
C CYS C 235 -0.06 33.59 -33.93
N LEU C 236 -0.96 34.39 -33.34
CA LEU C 236 -2.40 34.04 -33.25
C LEU C 236 -2.97 33.80 -34.63
N GLY C 237 -2.77 34.76 -35.52
CA GLY C 237 -3.27 34.73 -36.89
C GLY C 237 -2.71 33.61 -37.75
N ALA C 238 -1.46 33.21 -37.49
CA ALA C 238 -0.82 32.11 -38.21
C ALA C 238 -1.34 30.75 -37.69
N CYS C 239 -1.97 30.69 -36.50
CA CYS C 239 -2.46 29.43 -35.95
C CYS C 239 -3.97 29.22 -36.31
N ALA C 240 -4.87 30.17 -35.97
CA ALA C 240 -6.30 30.02 -36.26
C ALA C 240 -7.06 31.32 -36.09
N PRO C 241 -8.18 31.49 -36.83
CA PRO C 241 -8.91 32.75 -36.75
C PRO C 241 -9.69 32.90 -35.44
N HIS C 242 -9.91 34.13 -35.02
CA HIS C 242 -10.63 34.50 -33.81
C HIS C 242 -10.05 33.81 -32.55
N LEU C 243 -8.74 33.54 -32.53
CA LEU C 243 -8.12 32.85 -31.41
C LEU C 243 -8.00 33.73 -30.17
N GLU C 244 -7.72 35.03 -30.33
CA GLU C 244 -7.56 35.90 -29.16
C GLU C 244 -8.78 35.88 -28.22
N GLU C 245 -10.00 35.98 -28.73
CA GLU C 245 -11.18 35.98 -27.86
C GLU C 245 -11.40 34.61 -27.19
N LYS C 246 -10.92 33.49 -27.79
CA LYS C 246 -11.05 32.17 -27.15
C LYS C 246 -10.05 32.04 -25.98
N LEU C 247 -8.90 32.69 -26.03
CA LEU C 247 -7.90 32.60 -24.97
C LEU C 247 -8.15 33.59 -23.84
N SER C 248 -8.56 34.84 -24.19
CA SER C 248 -8.82 35.92 -23.23
C SER C 248 -7.46 36.48 -22.76
N PRO C 249 -7.38 37.72 -22.25
CA PRO C 249 -6.04 38.26 -21.88
C PRO C 249 -5.31 37.43 -20.81
N PRO C 250 -3.98 37.27 -20.95
CA PRO C 250 -3.21 36.54 -19.93
C PRO C 250 -3.00 37.40 -18.70
N VAL C 251 -2.68 36.78 -17.56
CA VAL C 251 -2.49 37.50 -16.31
C VAL C 251 -1.19 37.13 -15.60
N PRO C 252 -0.69 37.99 -14.71
CA PRO C 252 0.45 37.60 -13.87
C PRO C 252 0.11 36.34 -13.08
N SER C 253 1.08 35.45 -12.92
CA SER C 253 0.87 34.16 -12.24
C SER C 253 0.40 34.37 -10.81
N CYS C 254 0.87 35.45 -10.13
CA CYS C 254 0.42 35.71 -8.77
C CYS C 254 -0.76 36.66 -8.83
N SER C 255 -1.89 36.13 -9.26
CA SER C 255 -3.16 36.82 -9.37
C SER C 255 -4.21 36.00 -8.67
N VAL C 256 -5.05 36.64 -7.86
CA VAL C 256 -6.21 35.99 -7.29
C VAL C 256 -7.24 36.04 -8.42
N VAL C 257 -7.54 34.89 -9.02
CA VAL C 257 -8.47 34.88 -10.17
C VAL C 257 -9.93 34.84 -9.71
N GLY C 258 -10.17 34.62 -8.41
CA GLY C 258 -11.50 34.66 -7.84
C GLY C 258 -11.61 33.89 -6.56
N ALA C 259 -12.81 33.85 -5.99
CA ALA C 259 -13.11 33.04 -4.82
C ALA C 259 -13.50 31.65 -5.32
N ILE C 260 -13.39 30.63 -4.47
CA ILE C 260 -13.82 29.30 -4.87
C ILE C 260 -15.33 29.31 -5.17
N SER C 261 -15.79 28.46 -6.08
CA SER C 261 -17.22 28.41 -6.38
C SER C 261 -18.03 27.99 -5.15
N SER C 262 -19.24 28.53 -5.00
CA SER C 262 -20.15 28.14 -3.91
C SER C 262 -20.44 26.62 -4.02
N TYR C 263 -20.23 26.01 -5.21
CA TYR C 263 -20.35 24.58 -5.41
C TYR C 263 -19.50 23.84 -4.37
N TYR C 264 -18.23 24.27 -4.20
CA TYR C 264 -17.31 23.58 -3.29
C TYR C 264 -17.62 23.92 -1.85
N VAL C 265 -18.09 25.15 -1.60
CA VAL C 265 -18.48 25.60 -0.26
C VAL C 265 -19.57 24.69 0.25
N GLN C 266 -20.61 24.51 -0.57
CA GLN C 266 -21.79 23.72 -0.22
C GLN C 266 -21.57 22.23 -0.27
N ARG C 267 -20.84 21.70 -1.27
CA ARG C 267 -20.65 20.25 -1.38
C ARG C 267 -19.60 19.71 -0.42
N TYR C 268 -18.49 20.43 -0.20
CA TYR C 268 -17.38 19.90 0.61
C TYR C 268 -17.06 20.71 1.86
N GLY C 269 -17.60 21.88 2.03
CA GLY C 269 -17.33 22.67 3.24
C GLY C 269 -16.12 23.57 3.15
N PHE C 270 -15.73 23.98 1.92
CA PHE C 270 -14.66 24.99 1.80
C PHE C 270 -15.21 26.29 2.40
N PRO C 271 -14.40 27.17 3.01
CA PRO C 271 -14.96 28.43 3.49
C PRO C 271 -15.26 29.35 2.30
N PRO C 272 -16.34 30.18 2.36
CA PRO C 272 -16.68 31.03 1.21
C PRO C 272 -15.62 32.05 0.79
N GLY C 273 -14.75 32.45 1.70
CA GLY C 273 -13.66 33.36 1.33
C GLY C 273 -12.44 32.68 0.71
N CYS C 274 -12.47 31.34 0.50
CA CYS C 274 -11.30 30.64 -0.01
C CYS C 274 -10.88 31.21 -1.37
N LYS C 275 -9.64 31.68 -1.47
CA LYS C 275 -9.14 32.29 -2.69
C LYS C 275 -8.50 31.29 -3.67
N VAL C 276 -8.77 31.49 -4.96
CA VAL C 276 -8.18 30.72 -6.05
C VAL C 276 -7.10 31.61 -6.68
N VAL C 277 -5.85 31.21 -6.53
CA VAL C 277 -4.69 31.89 -7.12
C VAL C 277 -4.43 31.20 -8.47
N ALA C 278 -4.20 32.00 -9.54
CA ALA C 278 -3.99 31.52 -10.90
C ALA C 278 -3.08 30.27 -10.93
N PHE C 279 -3.50 29.28 -11.68
CA PHE C 279 -2.73 28.06 -11.80
C PHE C 279 -1.57 28.32 -12.77
N THR C 280 -0.56 27.46 -12.78
CA THR C 280 0.55 27.61 -13.71
C THR C 280 0.97 26.22 -14.22
N GLY C 281 2.02 26.16 -15.02
CA GLY C 281 2.51 24.90 -15.56
C GLY C 281 3.24 24.12 -14.49
N ASP C 282 3.38 22.81 -14.67
CA ASP C 282 4.06 21.99 -13.66
C ASP C 282 5.56 22.38 -13.51
N ASN C 283 6.31 22.61 -14.60
CA ASN C 283 7.72 23.01 -14.46
C ASN C 283 7.83 24.38 -13.80
N PRO C 284 7.02 25.39 -14.16
CA PRO C 284 7.04 26.66 -13.38
C PRO C 284 6.67 26.47 -11.89
N ALA C 285 5.68 25.61 -11.61
CA ALA C 285 5.27 25.34 -10.23
C ALA C 285 6.43 24.65 -9.45
N SER C 286 7.17 23.73 -10.12
CA SER C 286 8.33 23.06 -9.50
C SER C 286 9.45 24.06 -9.20
N LEU C 287 9.65 25.05 -10.06
CA LEU C 287 10.62 26.11 -9.80
C LEU C 287 10.23 26.87 -8.51
N ALA C 288 8.93 27.17 -8.32
CA ALA C 288 8.43 27.83 -7.10
C ALA C 288 8.63 26.91 -5.89
N GLY C 289 8.28 25.62 -6.00
CA GLY C 289 8.45 24.63 -4.95
C GLY C 289 9.89 24.42 -4.52
N ARG C 291 12.04 26.84 -4.73
CA ARG C 291 12.38 28.18 -4.24
C ARG C 291 13.60 28.77 -4.92
N LEU C 292 13.71 28.60 -6.26
CA LEU C 292 14.81 29.22 -6.98
C LEU C 292 14.66 30.73 -6.95
N GLU C 293 15.78 31.41 -6.93
CA GLU C 293 15.89 32.86 -6.98
C GLU C 293 16.85 33.24 -8.06
N GLU C 294 17.00 34.55 -8.25
CA GLU C 294 17.98 35.09 -9.17
C GLU C 294 19.34 34.46 -8.90
N GLY C 295 19.98 34.01 -9.96
CA GLY C 295 21.29 33.39 -9.86
C GLY C 295 21.25 31.88 -9.68
N ASP C 296 20.08 31.29 -9.39
CA ASP C 296 19.99 29.85 -9.11
C ASP C 296 19.66 28.98 -10.30
N ILE C 297 20.02 27.71 -10.16
CA ILE C 297 19.69 26.67 -11.13
C ILE C 297 19.33 25.37 -10.43
N ALA C 298 18.50 24.55 -11.06
CA ALA C 298 18.18 23.21 -10.58
C ALA C 298 18.53 22.21 -11.68
N VAL C 299 19.16 21.10 -11.29
CA VAL C 299 19.52 20.03 -12.21
C VAL C 299 18.71 18.82 -11.83
N SER C 300 17.75 18.45 -12.67
CA SER C 300 16.94 17.27 -12.50
C SER C 300 17.60 16.14 -13.30
N LEU C 301 18.21 15.19 -12.61
CA LEU C 301 18.95 14.08 -13.21
C LEU C 301 18.08 12.83 -13.39
N GLY C 302 18.06 12.30 -14.62
CA GLY C 302 17.27 11.12 -14.98
C GLY C 302 17.51 10.60 -16.38
N THR C 303 16.54 9.82 -16.92
CA THR C 303 16.67 9.27 -18.29
C THR C 303 16.90 10.41 -19.22
N SER C 304 16.21 11.51 -18.97
CA SER C 304 16.52 12.81 -19.54
C SER C 304 17.01 13.68 -18.38
N ASP C 305 18.00 14.54 -18.62
CA ASP C 305 18.41 15.52 -17.60
C ASP C 305 17.71 16.85 -17.97
N THR C 306 17.11 17.53 -16.99
CA THR C 306 16.44 18.81 -17.21
C THR C 306 17.06 19.86 -16.31
N LEU C 307 17.40 20.96 -16.91
CA LEU C 307 17.96 22.11 -16.24
C LEU C 307 16.85 23.17 -16.09
N PHE C 308 16.64 23.65 -14.87
CA PHE C 308 15.74 24.76 -14.54
C PHE C 308 16.61 25.96 -14.24
N LEU C 309 16.44 27.06 -14.95
CA LEU C 309 17.23 28.27 -14.81
C LEU C 309 16.38 29.45 -14.42
N TRP C 310 16.88 30.32 -13.53
CA TRP C 310 16.31 31.65 -13.32
C TRP C 310 16.98 32.54 -14.36
N LEU C 311 16.23 33.41 -15.05
CA LEU C 311 16.80 34.36 -16.02
C LEU C 311 16.27 35.74 -15.82
N GLN C 312 17.18 36.68 -15.59
CA GLN C 312 16.84 38.10 -15.50
C GLN C 312 16.76 38.64 -16.90
N GLU C 313 17.79 38.33 -17.69
CA GLU C 313 17.90 38.82 -19.08
C GLU C 313 17.91 37.59 -20.06
N PRO C 314 16.74 37.17 -20.58
CA PRO C 314 16.74 36.01 -21.46
C PRO C 314 17.24 36.32 -22.86
N PRO C 316 16.49 34.04 -26.01
CA PRO C 316 15.93 32.85 -26.64
C PRO C 316 16.79 32.26 -27.75
N ALA C 317 16.71 30.95 -27.90
CA ALA C 317 17.52 30.23 -28.86
C ALA C 317 16.71 29.16 -29.58
N LEU C 318 17.39 28.37 -30.45
CA LEU C 318 16.79 27.24 -31.16
C LEU C 318 16.72 26.00 -30.28
N GLU C 319 17.28 26.11 -29.07
CA GLU C 319 17.20 25.06 -28.06
C GLU C 319 16.66 25.71 -26.80
N GLY C 320 16.11 24.90 -25.93
CA GLY C 320 15.58 25.39 -24.67
C GLY C 320 14.26 26.13 -24.81
N HIS C 321 13.67 26.40 -23.66
CA HIS C 321 12.39 27.08 -23.56
C HIS C 321 12.44 28.14 -22.52
N ILE C 322 12.26 29.40 -22.91
CA ILE C 322 12.22 30.49 -21.96
C ILE C 322 10.75 30.82 -21.69
N PHE C 323 10.38 30.87 -20.43
CA PHE C 323 9.03 31.27 -20.01
C PHE C 323 9.12 32.49 -19.10
N CYS C 324 8.02 33.27 -19.06
CA CYS C 324 7.84 34.29 -18.02
C CYS C 324 7.97 33.55 -16.67
N ASN C 325 8.63 34.14 -15.71
CA ASN C 325 8.85 33.53 -14.41
C ASN C 325 7.55 33.54 -13.59
N PRO C 326 7.19 32.42 -12.97
CA PRO C 326 5.92 32.37 -12.21
C PRO C 326 5.96 33.10 -10.86
N VAL C 327 7.15 33.30 -10.27
CA VAL C 327 7.22 33.98 -8.97
C VAL C 327 7.76 35.41 -9.09
N ASP C 328 8.00 35.90 -10.30
CA ASP C 328 8.46 37.27 -10.59
C ASP C 328 8.14 37.56 -12.04
N SER C 329 6.94 38.10 -12.30
CA SER C 329 6.41 38.33 -13.65
C SER C 329 7.27 39.30 -14.48
N GLN C 330 8.16 40.09 -13.86
CA GLN C 330 9.06 40.96 -14.66
C GLN C 330 10.26 40.18 -15.22
N HIS C 331 10.56 39.00 -14.67
CA HIS C 331 11.71 38.21 -15.10
C HIS C 331 11.28 36.85 -15.68
N TYR C 332 12.23 35.96 -15.89
CA TYR C 332 12.00 34.74 -16.68
C TYR C 332 12.61 33.52 -16.06
N ALA C 334 13.94 29.30 -17.56
CA ALA C 334 14.13 28.45 -18.70
C ALA C 334 14.26 27.00 -18.31
N LEU C 335 13.91 26.15 -19.27
CA LEU C 335 14.11 24.72 -19.27
C LEU C 335 15.05 24.35 -20.41
N LEU C 336 16.05 23.52 -20.12
CA LEU C 336 16.95 22.91 -21.10
C LEU C 336 16.90 21.40 -20.88
N CYS C 337 16.58 20.63 -21.91
CA CYS C 337 16.47 19.19 -21.80
CA CYS C 337 16.46 19.17 -21.86
C CYS C 337 17.65 18.51 -22.53
N PHE C 338 18.18 17.49 -21.89
CA PHE C 338 19.33 16.70 -22.38
C PHE C 338 18.91 15.24 -22.45
N LYS C 339 18.86 14.71 -23.67
CA LYS C 339 18.39 13.33 -23.91
C LYS C 339 19.37 12.25 -23.39
N ASN C 340 20.70 12.52 -23.43
CA ASN C 340 21.71 11.53 -22.98
C ASN C 340 22.01 11.80 -21.52
N GLY C 341 21.24 11.17 -20.68
CA GLY C 341 21.31 11.32 -19.24
C GLY C 341 21.76 10.07 -18.51
N SER C 342 20.87 9.49 -17.71
CA SER C 342 21.19 8.37 -16.83
C SER C 342 21.55 7.09 -17.58
N LEU C 343 20.98 6.85 -18.79
CA LEU C 343 21.32 5.65 -19.58
C LEU C 343 22.75 5.73 -20.03
N ARG C 345 25.19 7.53 -18.43
CA ARG C 345 26.00 7.32 -17.20
C ARG C 345 26.05 5.82 -16.85
N GLU C 346 24.92 5.11 -16.93
CA GLU C 346 24.88 3.67 -16.62
C GLU C 346 25.72 2.86 -17.64
N LYS C 347 25.69 3.27 -18.90
CA LYS C 347 26.43 2.57 -19.94
C LYS C 347 27.97 2.77 -19.76
N ILE C 348 28.43 3.98 -19.44
CA ILE C 348 29.87 4.20 -19.18
C ILE C 348 30.28 3.43 -17.89
N ARG C 349 29.41 3.36 -16.88
CA ARG C 349 29.66 2.57 -15.67
C ARG C 349 29.90 1.10 -16.04
N ASN C 350 28.99 0.57 -16.85
CA ASN C 350 29.03 -0.83 -17.29
C ASN C 350 30.24 -1.10 -18.15
N GLU C 351 30.65 -0.17 -18.99
CA GLU C 351 31.82 -0.38 -19.85
C GLU C 351 33.15 -0.23 -19.16
N SER C 352 33.33 0.84 -18.37
CA SER C 352 34.62 1.24 -17.84
C SER C 352 34.89 0.90 -16.41
N VAL C 353 33.85 0.76 -15.57
CA VAL C 353 34.10 0.51 -14.15
C VAL C 353 33.26 -0.67 -13.62
N SER C 354 33.26 -1.79 -14.39
CA SER C 354 32.70 -3.08 -13.95
C SER C 354 31.29 -3.00 -13.37
N ARG C 355 30.42 -2.17 -13.95
CA ARG C 355 29.00 -2.02 -13.54
C ARG C 355 28.82 -1.58 -12.08
N SER C 356 29.85 -0.99 -11.48
CA SER C 356 29.83 -0.61 -10.08
C SER C 356 29.81 0.93 -9.89
N TRP C 357 28.78 1.45 -9.19
CA TRP C 357 28.68 2.87 -8.85
C TRP C 357 29.78 3.24 -7.88
N SER C 358 30.26 2.29 -7.05
CA SER C 358 31.35 2.52 -6.12
C SER C 358 32.66 2.73 -6.89
N ASP C 359 32.95 1.88 -7.87
CA ASP C 359 34.12 2.08 -8.76
C ASP C 359 33.97 3.37 -9.60
N PHE C 360 32.73 3.70 -9.97
CA PHE C 360 32.45 4.97 -10.68
C PHE C 360 32.86 6.16 -9.80
N SER C 361 32.48 6.11 -8.50
CA SER C 361 32.88 7.14 -7.56
C SER C 361 34.38 7.14 -7.33
N LYS C 362 35.00 5.95 -7.26
CA LYS C 362 36.47 5.86 -7.10
C LYS C 362 37.19 6.47 -8.31
N ALA C 363 36.66 6.27 -9.54
CA ALA C 363 37.28 6.89 -10.74
C ALA C 363 37.27 8.40 -10.61
N LEU C 364 36.15 9.00 -10.16
CA LEU C 364 36.09 10.46 -9.97
C LEU C 364 37.06 10.90 -8.88
N GLN C 365 37.17 10.13 -7.79
CA GLN C 365 38.09 10.44 -6.69
C GLN C 365 39.55 10.34 -7.10
N SER C 366 39.87 9.39 -7.99
CA SER C 366 41.24 9.10 -8.42
C SER C 366 41.68 9.91 -9.66
N THR C 367 40.86 10.88 -10.13
CA THR C 367 41.22 11.76 -11.25
C THR C 367 41.11 13.20 -10.79
N GLU C 368 41.92 14.07 -11.38
CA GLU C 368 41.98 15.49 -11.01
C GLU C 368 40.93 16.31 -11.74
N GLY C 370 39.48 18.81 -14.16
CA GLY C 370 39.98 19.13 -15.50
C GLY C 370 40.44 17.94 -16.30
N ASN C 371 40.62 16.77 -15.64
CA ASN C 371 40.88 15.46 -16.26
C ASN C 371 42.13 15.45 -17.15
N GLY C 372 43.16 16.21 -16.75
CA GLY C 372 44.38 16.37 -17.51
C GLY C 372 44.17 16.97 -18.89
N GLY C 373 43.06 17.67 -19.11
CA GLY C 373 42.71 18.24 -20.41
C GLY C 373 42.02 17.29 -21.37
N ASN C 374 41.66 16.07 -20.91
CA ASN C 374 40.91 15.10 -21.69
C ASN C 374 39.45 15.47 -21.64
N LEU C 375 38.83 15.69 -22.80
CA LEU C 375 37.44 16.12 -22.91
C LEU C 375 36.65 15.17 -23.76
N GLY C 376 35.41 14.93 -23.35
CA GLY C 376 34.53 14.01 -24.05
C GLY C 376 33.08 14.42 -24.13
N PHE C 377 32.44 14.00 -25.22
CA PHE C 377 31.02 14.20 -25.57
C PHE C 377 30.45 12.82 -25.79
N TYR C 378 29.36 12.48 -25.14
CA TYR C 378 28.82 11.11 -25.16
C TYR C 378 27.35 11.11 -25.51
N PHE C 379 27.07 10.98 -26.82
CA PHE C 379 25.70 11.02 -27.31
C PHE C 379 25.39 9.75 -28.11
N ASP C 380 25.03 8.67 -27.43
CA ASP C 380 24.70 7.42 -28.13
C ASP C 380 23.36 7.55 -28.89
N VAL C 381 22.44 8.39 -28.39
CA VAL C 381 21.21 8.75 -29.11
C VAL C 381 21.34 10.21 -29.50
N GLU C 383 21.23 13.88 -29.59
CA GLU C 383 21.02 14.83 -28.49
C GLU C 383 20.15 15.98 -29.03
N ILE C 384 19.43 16.67 -28.16
CA ILE C 384 18.62 17.81 -28.61
C ILE C 384 19.29 19.11 -28.21
N THR C 385 20.05 19.13 -27.10
CA THR C 385 20.79 20.32 -26.68
C THR C 385 22.28 19.99 -26.66
N PRO C 386 23.05 20.28 -27.72
CA PRO C 386 22.63 20.68 -29.07
C PRO C 386 22.31 19.42 -29.90
N GLU C 387 22.06 19.57 -31.22
CA GLU C 387 21.78 18.42 -32.09
C GLU C 387 23.08 17.77 -32.60
N ILE C 388 23.62 16.85 -31.80
CA ILE C 388 24.83 16.07 -32.07
C ILE C 388 24.54 14.62 -31.72
N ILE C 389 25.21 13.71 -32.41
CA ILE C 389 25.17 12.30 -32.13
C ILE C 389 26.63 11.77 -32.16
N GLY C 390 26.86 10.69 -31.44
CA GLY C 390 28.16 10.03 -31.38
C GLY C 390 28.94 10.36 -30.13
N ARG C 391 30.03 9.61 -29.95
CA ARG C 391 31.00 9.84 -28.89
C ARG C 391 32.18 10.53 -29.53
N HIS C 392 32.62 11.64 -28.94
CA HIS C 392 33.71 12.46 -29.46
C HIS C 392 34.67 12.73 -28.31
N ARG C 393 35.87 12.17 -28.40
CA ARG C 393 36.89 12.27 -27.35
C ARG C 393 38.09 13.05 -27.84
N PHE C 394 38.62 13.93 -26.99
CA PHE C 394 39.78 14.78 -27.32
C PHE C 394 40.80 14.72 -26.21
N ASN C 395 42.08 14.72 -26.56
CA ASN C 395 43.15 14.70 -25.56
C ASN C 395 43.56 16.15 -25.21
N THR C 396 44.60 16.33 -24.37
CA THR C 396 44.99 17.67 -23.92
C THR C 396 45.52 18.58 -25.07
N GLU C 397 45.96 18.01 -26.21
CA GLU C 397 46.39 18.82 -27.35
C GLU C 397 45.20 19.15 -28.27
N ASN C 398 43.96 18.80 -27.86
CA ASN C 398 42.74 18.98 -28.64
C ASN C 398 42.74 18.06 -29.88
N HIS C 399 43.52 16.95 -29.85
CA HIS C 399 43.47 16.01 -30.95
C HIS C 399 42.38 15.02 -30.67
N LYS C 400 41.66 14.60 -31.70
CA LYS C 400 40.61 13.61 -31.54
C LYS C 400 41.26 12.25 -31.22
N VAL C 401 40.70 11.52 -30.23
CA VAL C 401 41.26 10.22 -29.81
C VAL C 401 40.18 9.18 -29.88
N ALA C 402 40.58 7.92 -30.01
CA ALA C 402 39.65 6.79 -30.14
C ALA C 402 39.03 6.34 -28.83
N ALA C 403 39.77 6.50 -27.74
CA ALA C 403 39.35 6.03 -26.41
C ALA C 403 40.17 6.68 -25.33
N PHE C 404 39.71 6.50 -24.10
CA PHE C 404 40.38 6.94 -22.89
C PHE C 404 40.57 5.79 -21.95
N PRO C 405 41.52 5.87 -20.99
CA PRO C 405 41.50 4.92 -19.87
C PRO C 405 40.16 5.05 -19.12
N GLY C 406 39.71 3.97 -18.51
CA GLY C 406 38.42 3.91 -17.82
C GLY C 406 38.12 5.03 -16.85
N ASP C 407 39.08 5.38 -15.97
CA ASP C 407 38.86 6.46 -15.00
C ASP C 407 38.72 7.83 -15.69
N VAL C 408 39.57 8.09 -16.70
CA VAL C 408 39.51 9.31 -17.51
C VAL C 408 38.15 9.37 -18.21
N GLU C 409 37.65 8.23 -18.72
CA GLU C 409 36.36 8.13 -19.38
C GLU C 409 35.23 8.56 -18.45
N VAL C 410 35.22 8.05 -17.21
CA VAL C 410 34.17 8.38 -16.20
C VAL C 410 34.14 9.93 -15.94
N ARG C 411 35.29 10.51 -15.68
CA ARG C 411 35.36 11.95 -15.44
C ARG C 411 35.01 12.74 -16.70
N ALA C 412 35.49 12.34 -17.87
CA ALA C 412 35.15 13.01 -19.15
C ALA C 412 33.62 13.09 -19.31
N LEU C 413 32.93 11.98 -19.00
CA LEU C 413 31.49 11.95 -19.11
C LEU C 413 30.84 12.94 -18.13
N ILE C 414 31.15 12.81 -16.84
CA ILE C 414 30.52 13.64 -15.81
C ILE C 414 30.90 15.12 -15.95
N GLU C 415 32.19 15.42 -16.07
CA GLU C 415 32.64 16.81 -16.28
C GLU C 415 32.02 17.40 -17.54
N GLY C 416 32.06 16.64 -18.62
CA GLY C 416 31.49 17.05 -19.91
C GLY C 416 30.00 17.36 -19.79
N GLN C 417 29.22 16.46 -19.17
CA GLN C 417 27.79 16.70 -18.99
C GLN C 417 27.52 17.99 -18.21
N PHE C 418 28.28 18.23 -17.14
CA PHE C 418 28.03 19.42 -16.31
C PHE C 418 28.56 20.67 -16.99
N ALA C 420 28.57 21.11 -20.22
CA ALA C 420 27.54 21.34 -21.24
C ALA C 420 26.34 22.07 -20.62
N LYS C 421 25.91 21.64 -19.45
CA LYS C 421 24.80 22.30 -18.75
C LYS C 421 25.14 23.77 -18.48
N ARG C 422 26.35 24.07 -18.00
CA ARG C 422 26.76 25.46 -17.75
C ARG C 422 26.80 26.29 -19.04
N ILE C 423 27.48 25.79 -20.07
CA ILE C 423 27.62 26.48 -21.35
C ILE C 423 26.24 26.76 -21.99
N HIS C 424 25.35 25.79 -22.02
CA HIS C 424 24.03 25.96 -22.65
C HIS C 424 23.14 26.89 -21.81
N ALA C 425 23.26 26.82 -20.48
CA ALA C 425 22.58 27.75 -19.59
C ALA C 425 23.07 29.17 -19.88
N GLU C 426 24.41 29.35 -19.94
CA GLU C 426 25.00 30.67 -20.23
C GLU C 426 24.59 31.17 -21.62
N GLY C 427 24.38 30.27 -22.58
CA GLY C 427 23.90 30.65 -23.90
C GLY C 427 22.52 31.27 -23.88
N LEU C 428 21.66 30.91 -22.89
CA LEU C 428 20.34 31.51 -22.74
C LEU C 428 20.36 32.78 -21.85
N GLY C 429 21.53 33.25 -21.39
CA GLY C 429 21.68 34.44 -20.59
C GLY C 429 21.94 34.19 -19.10
N TYR C 430 22.05 32.91 -18.67
CA TYR C 430 22.32 32.61 -17.25
C TYR C 430 23.76 32.96 -16.88
N ARG C 431 23.96 33.47 -15.67
CA ARG C 431 25.29 33.75 -15.12
C ARG C 431 25.37 33.28 -13.69
N VAL C 432 26.46 32.63 -13.30
CA VAL C 432 26.71 32.28 -11.90
C VAL C 432 27.02 33.58 -11.18
N SER C 434 27.53 35.48 -7.02
CA SER C 434 28.03 35.22 -5.67
C SER C 434 26.97 34.46 -4.82
N LYS C 435 25.71 34.79 -4.97
CA LYS C 435 24.60 34.19 -4.23
C LYS C 435 24.13 32.83 -4.78
N THR C 436 24.54 32.45 -5.98
CA THR C 436 24.06 31.23 -6.63
C THR C 436 24.03 29.99 -5.74
N LYS C 437 22.93 29.27 -5.80
CA LYS C 437 22.78 27.93 -5.22
C LYS C 437 22.41 27.01 -6.37
N ILE C 438 22.92 25.77 -6.33
CA ILE C 438 22.58 24.73 -7.29
C ILE C 438 21.76 23.70 -6.57
N LEU C 439 20.61 23.38 -7.11
CA LEU C 439 19.76 22.34 -6.52
C LEU C 439 19.84 21.12 -7.41
N ALA C 440 20.11 19.96 -6.83
CA ALA C 440 20.22 18.72 -7.58
C ALA C 440 19.15 17.71 -7.09
N THR C 441 18.55 16.98 -8.02
CA THR C 441 17.51 15.98 -7.71
C THR C 441 17.62 14.86 -8.74
N GLY C 442 17.05 13.71 -8.40
CA GLY C 442 17.09 12.52 -9.22
C GLY C 442 18.14 11.52 -8.80
N GLY C 443 18.20 10.38 -9.51
CA GLY C 443 19.11 9.28 -9.18
C GLY C 443 20.55 9.65 -8.91
N ALA C 444 21.18 10.39 -9.84
CA ALA C 444 22.61 10.75 -9.73
C ALA C 444 22.87 11.77 -8.60
N SER C 445 21.81 12.44 -8.04
CA SER C 445 21.97 13.33 -6.88
C SER C 445 22.28 12.51 -5.62
N HIS C 446 22.14 11.17 -5.67
CA HIS C 446 22.52 10.29 -4.57
C HIS C 446 24.01 9.93 -4.61
N ASN C 447 24.80 10.50 -5.54
CA ASN C 447 26.22 10.21 -5.68
C ASN C 447 26.98 11.48 -5.38
N ARG C 448 27.64 11.49 -4.24
CA ARG C 448 28.42 12.61 -3.70
C ARG C 448 29.52 13.04 -4.69
N GLU C 449 30.17 12.09 -5.30
CA GLU C 449 31.29 12.36 -6.19
C GLU C 449 30.78 13.04 -7.47
N ILE C 450 29.61 12.64 -7.99
CA ILE C 450 28.98 13.32 -9.15
C ILE C 450 28.63 14.78 -8.76
N LEU C 451 27.99 14.96 -7.59
CA LEU C 451 27.60 16.32 -7.11
C LEU C 451 28.84 17.18 -6.84
N GLN C 452 29.97 16.59 -6.49
CA GLN C 452 31.19 17.37 -6.31
C GLN C 452 31.64 17.98 -7.63
N VAL C 453 31.56 17.21 -8.74
CA VAL C 453 31.94 17.74 -10.05
C VAL C 453 31.02 18.88 -10.44
N LEU C 454 29.72 18.72 -10.18
CA LEU C 454 28.74 19.78 -10.47
C LEU C 454 29.11 21.07 -9.70
N ALA C 455 29.45 20.96 -8.41
CA ALA C 455 29.84 22.13 -7.60
C ALA C 455 31.10 22.78 -8.16
N ASP C 456 32.07 21.94 -8.56
CA ASP C 456 33.34 22.45 -9.10
C ASP C 456 33.16 23.17 -10.45
N VAL C 457 32.36 22.60 -11.33
CA VAL C 457 32.13 23.17 -12.67
C VAL C 457 31.43 24.54 -12.58
N PHE C 458 30.43 24.66 -11.75
CA PHE C 458 29.70 25.94 -11.59
C PHE C 458 30.37 26.87 -10.56
N ASP C 459 31.32 26.36 -9.75
CA ASP C 459 31.96 27.11 -8.66
C ASP C 459 30.89 27.65 -7.70
N ALA C 460 29.95 26.80 -7.33
CA ALA C 460 28.84 27.16 -6.48
C ALA C 460 28.38 25.97 -5.64
N PRO C 461 27.78 26.23 -4.46
CA PRO C 461 27.34 25.12 -3.62
C PRO C 461 26.14 24.36 -4.20
N VAL C 462 26.14 23.06 -3.98
CA VAL C 462 25.11 22.15 -4.45
C VAL C 462 24.33 21.62 -3.25
N TYR C 463 23.02 21.69 -3.37
CA TYR C 463 22.06 21.22 -2.39
C TYR C 463 21.20 20.13 -3.01
N VAL C 464 20.88 19.10 -2.24
CA VAL C 464 20.03 18.00 -2.72
C VAL C 464 18.63 18.20 -2.19
N ILE C 465 17.64 17.98 -3.05
CA ILE C 465 16.23 18.19 -2.74
C ILE C 465 15.39 17.08 -3.33
N ASP C 466 14.40 16.60 -2.55
CA ASP C 466 13.39 15.64 -3.03
C ASP C 466 12.34 16.45 -3.79
N THR C 467 12.02 16.08 -5.03
CA THR C 467 11.07 16.84 -5.86
C THR C 467 9.89 15.99 -6.32
N ALA C 468 9.59 14.87 -5.65
CA ALA C 468 8.46 14.02 -6.03
C ALA C 468 7.11 14.82 -6.05
N ASN C 469 6.95 15.78 -5.14
CA ASN C 469 5.74 16.62 -5.08
C ASN C 469 6.06 18.09 -5.31
N SER C 470 7.13 18.43 -6.05
CA SER C 470 7.54 19.81 -6.20
C SER C 470 6.46 20.69 -6.85
N ALA C 471 5.69 20.17 -7.80
CA ALA C 471 4.64 20.97 -8.47
C ALA C 471 3.48 21.25 -7.49
N CYS C 472 3.06 20.26 -6.71
CA CYS C 472 2.04 20.40 -5.67
C CYS C 472 2.46 21.41 -4.62
N VAL C 473 3.67 21.22 -4.06
CA VAL C 473 4.22 22.04 -3.01
C VAL C 473 4.40 23.50 -3.52
N GLY C 474 4.99 23.66 -4.71
CA GLY C 474 5.14 24.97 -5.30
C GLY C 474 3.80 25.68 -5.46
N SER C 475 2.76 24.94 -5.84
CA SER C 475 1.41 25.49 -5.98
C SER C 475 0.88 25.98 -4.62
N ALA C 476 1.06 25.20 -3.53
CA ALA C 476 0.64 25.65 -2.18
C ALA C 476 1.43 26.89 -1.74
N TYR C 477 2.75 26.94 -2.06
CA TYR C 477 3.59 28.11 -1.74
C TYR C 477 3.06 29.36 -2.44
N ARG C 478 2.69 29.21 -3.73
CA ARG C 478 2.14 30.30 -4.53
C ARG C 478 0.79 30.75 -3.96
N ALA C 479 -0.02 29.80 -3.45
CA ALA C 479 -1.30 30.16 -2.83
C ALA C 479 -1.03 31.01 -1.56
N PHE C 480 -0.06 30.60 -0.72
CA PHE C 480 0.32 31.37 0.47
C PHE C 480 0.86 32.76 0.10
N HIS C 481 1.61 32.85 -0.98
CA HIS C 481 2.14 34.12 -1.50
C HIS C 481 0.96 35.07 -1.81
N GLY C 482 -0.10 34.55 -2.45
CA GLY C 482 -1.30 35.32 -2.70
C GLY C 482 -1.93 35.82 -1.41
N LEU C 483 -2.01 34.97 -0.37
CA LEU C 483 -2.57 35.37 0.94
C LEU C 483 -1.70 36.34 1.72
N ALA C 484 -0.35 36.27 1.50
CA ALA C 484 0.64 37.08 2.21
C ALA C 484 0.81 38.49 1.64
N GLY C 485 0.17 38.79 0.50
CA GLY C 485 0.22 40.09 -0.14
C GLY C 485 0.44 40.10 -1.65
N GLY C 486 0.64 38.91 -2.26
CA GLY C 486 0.83 38.78 -3.70
C GLY C 486 1.95 39.61 -4.27
N THR C 487 1.67 40.39 -5.31
CA THR C 487 2.67 41.21 -5.97
C THR C 487 3.22 42.35 -5.08
N ASP C 488 2.59 42.65 -3.92
CA ASP C 488 3.13 43.65 -3.00
C ASP C 488 4.35 43.14 -2.23
N VAL C 489 4.56 41.80 -2.17
CA VAL C 489 5.65 41.21 -1.39
C VAL C 489 6.47 40.21 -2.23
N PRO C 490 7.78 40.04 -1.93
CA PRO C 490 8.56 39.04 -2.67
C PRO C 490 8.20 37.60 -2.28
N PHE C 491 8.01 36.75 -3.29
CA PHE C 491 7.75 35.31 -3.09
C PHE C 491 8.79 34.69 -2.16
N SER C 492 10.06 35.01 -2.36
CA SER C 492 11.16 34.45 -1.56
C SER C 492 11.01 34.76 -0.07
N GLU C 493 10.44 35.92 0.31
CA GLU C 493 10.23 36.25 1.71
C GLU C 493 9.13 35.40 2.30
N VAL C 494 8.12 35.04 1.52
CA VAL C 494 7.02 34.18 2.00
C VAL C 494 7.54 32.76 2.27
N VAL C 495 8.35 32.20 1.38
CA VAL C 495 8.78 30.82 1.44
C VAL C 495 10.11 30.60 2.18
N LYS C 496 10.68 31.65 2.82
CA LYS C 496 11.93 31.53 3.62
C LYS C 496 11.76 30.56 4.81
N LEU C 497 10.53 30.42 5.30
CA LEU C 497 10.13 29.55 6.41
C LEU C 497 10.22 28.08 6.07
N ALA C 498 10.07 27.73 4.80
CA ALA C 498 10.03 26.34 4.36
C ALA C 498 11.26 25.58 4.73
N PRO C 499 11.16 24.24 4.78
CA PRO C 499 12.36 23.46 5.11
C PRO C 499 13.44 23.64 4.02
N ASN C 500 14.68 23.83 4.47
CA ASN C 500 15.83 23.99 3.59
C ASN C 500 16.39 22.65 3.11
N PRO C 501 16.92 22.62 1.88
CA PRO C 501 17.52 21.38 1.36
C PRO C 501 18.89 21.16 2.02
N ARG C 502 19.45 19.94 1.95
CA ARG C 502 20.76 19.75 2.58
C ARG C 502 21.88 20.05 1.62
N LEU C 503 22.86 20.75 2.14
CA LEU C 503 24.08 21.06 1.41
C LEU C 503 24.85 19.75 1.15
N ALA C 504 25.11 19.40 -0.12
CA ALA C 504 25.82 18.16 -0.49
C ALA C 504 27.27 18.39 -0.87
N ALA C 505 27.62 19.53 -1.48
CA ALA C 505 28.98 19.79 -1.93
C ALA C 505 29.24 21.27 -2.12
N THR C 506 30.50 21.67 -1.91
CA THR C 506 30.99 23.02 -2.16
C THR C 506 32.19 22.91 -3.07
N PRO C 507 32.42 23.90 -3.96
CA PRO C 507 33.55 23.80 -4.90
C PRO C 507 34.89 23.67 -4.19
N SER C 508 35.72 22.76 -4.70
CA SER C 508 37.04 22.52 -4.15
C SER C 508 37.95 23.71 -4.44
N PRO C 509 38.98 23.96 -3.61
CA PRO C 509 39.91 25.07 -3.92
C PRO C 509 40.58 24.84 -5.29
N GLY C 510 40.62 25.88 -6.10
CA GLY C 510 41.21 25.81 -7.43
C GLY C 510 40.22 25.47 -8.55
N ALA C 511 38.95 25.11 -8.22
CA ALA C 511 37.94 24.79 -9.22
C ALA C 511 37.76 25.94 -10.21
N SER C 512 37.65 27.17 -9.70
CA SER C 512 37.48 28.37 -10.52
C SER C 512 38.58 28.51 -11.58
N GLN C 513 39.85 28.27 -11.20
CA GLN C 513 40.96 28.41 -12.16
C GLN C 513 40.93 27.31 -13.22
N VAL C 514 40.56 26.08 -12.82
CA VAL C 514 40.51 24.95 -13.75
C VAL C 514 39.44 25.16 -14.81
N TYR C 515 38.18 25.43 -14.42
CA TYR C 515 37.10 25.49 -15.38
C TYR C 515 36.98 26.82 -16.11
N GLU C 516 37.59 27.92 -15.61
CA GLU C 516 37.58 29.19 -16.39
C GLU C 516 38.32 28.98 -17.72
N ALA C 517 39.37 28.16 -17.70
CA ALA C 517 40.15 27.84 -18.89
C ALA C 517 39.54 26.70 -19.71
N LEU C 518 38.97 25.69 -19.06
CA LEU C 518 38.48 24.50 -19.75
C LEU C 518 37.08 24.70 -20.38
N LEU C 519 36.19 25.47 -19.74
CA LEU C 519 34.83 25.70 -20.27
C LEU C 519 34.86 26.28 -21.70
N PRO C 520 35.61 27.38 -21.99
CA PRO C 520 35.71 27.87 -23.37
C PRO C 520 36.25 26.83 -24.36
N GLN C 521 37.18 25.95 -23.93
CA GLN C 521 37.74 24.91 -24.80
C GLN C 521 36.69 23.84 -25.10
N TYR C 522 35.89 23.46 -24.10
CA TYR C 522 34.81 22.51 -24.31
C TYR C 522 33.77 23.10 -25.28
N ALA C 523 33.43 24.40 -25.09
CA ALA C 523 32.48 25.09 -25.98
C ALA C 523 32.97 25.13 -27.42
N LYS C 524 34.27 25.42 -27.64
CA LYS C 524 34.85 25.46 -29.00
C LYS C 524 34.84 24.07 -29.64
N LEU C 525 35.10 23.00 -28.85
CA LEU C 525 35.05 21.63 -29.42
C LEU C 525 33.64 21.27 -29.79
N GLU C 526 32.66 21.70 -28.99
CA GLU C 526 31.27 21.46 -29.34
C GLU C 526 30.93 22.13 -30.67
N GLN C 527 31.39 23.37 -30.87
CA GLN C 527 31.16 24.09 -32.13
C GLN C 527 31.88 23.40 -33.30
N ARG C 528 33.09 22.91 -33.07
CA ARG C 528 33.84 22.14 -34.07
C ARG C 528 33.03 20.89 -34.50
N ILE C 529 32.50 20.12 -33.54
CA ILE C 529 31.73 18.91 -33.86
C ILE C 529 30.48 19.28 -34.69
N LEU C 530 29.75 20.35 -34.28
CA LEU C 530 28.54 20.81 -34.99
C LEU C 530 28.86 21.28 -36.42
N SER C 531 29.97 21.99 -36.61
CA SER C 531 30.36 22.48 -37.93
C SER C 531 30.76 21.34 -38.89
N GLN C 532 31.17 20.16 -38.35
CA GLN C 532 31.53 18.99 -39.15
C GLN C 532 30.26 18.23 -39.51
#